data_8CFL
#
_entry.id   8CFL
#
_cell.length_a   178.450
_cell.length_b   104.830
_cell.length_c   107.590
_cell.angle_alpha   90.00
_cell.angle_beta   99.44
_cell.angle_gamma   90.00
#
_symmetry.space_group_name_H-M   'C 1 2 1'
#
loop_
_entity.id
_entity.type
_entity.pdbx_description
1 polymer Adenosylhomocysteinase
2 non-polymer NICOTINAMIDE-ADENINE-DINUCLEOTIDE
3 non-polymer ADENINE
4 non-polymer 1-(1-methyl-1,2,3,4-tetrahydroquinolin-6-yl)methanamine
5 non-polymer 'POTASSIUM ION'
6 non-polymer 'PHOSPHATE ION'
7 non-polymer 'DIMETHYL SULFOXIDE'
8 water water
#
_entity_poly.entity_id   1
_entity_poly.type   'polypeptide(L)'
_entity_poly.pdbx_seq_one_letter_code
;SNAMSAVMTPAGFTDYKVADITLAAWGRRELIIAESEMPALMGLRRKYAGQQPLKGAKILGCIHMTIQTGVLIETLVALG
AEVRWSSCNIFSTQDQAAAAIAAAGIPVFAWKGETEEEYEWCIEQTILKDGQPWDANMVLDDGGDLTEILHKKYPQMLER
IHGITEETTTGVHRLLDMLKNGTLKVPAINVNDSVTKSKNDNKYGCRHSLNDAIKRGTDHLLSGKQALVIGYGDVGKGSS
QSLRQEGMIVKVAEVDPICAMQACMDGFEVVSPYKNGINDGTEASIDAALLGKIDLIVTTTGNVNVCDANMLKALKKRAV
VCNIGHFDNEIDTAFMRKNWAWEEVKPQVHKIHRTGKDGFDAHNDDYLILLAEGRLVNLGNATGHPSRIMDGSFANQVLA
QIHLFEQKYADLPAAEKAKRLSVEVLPKKLDEEVALEMVKGFGGVVTQLTPKQAEYIGVSVEGPFKPDTYRY
;
_entity_poly.pdbx_strand_id   A,B,C,D
#
loop_
_chem_comp.id
_chem_comp.type
_chem_comp.name
_chem_comp.formula
ADE non-polymer ADENINE 'C5 H5 N5'
DMS non-polymer 'DIMETHYL SULFOXIDE' 'C2 H6 O S'
K non-polymer 'POTASSIUM ION' 'K 1'
NAD non-polymer NICOTINAMIDE-ADENINE-DINUCLEOTIDE 'C21 H27 N7 O14 P2'
PO4 non-polymer 'PHOSPHATE ION' 'O4 P -3'
R9Y non-polymer 1-(1-methyl-1,2,3,4-tetrahydroquinolin-6-yl)methanamine 'C11 H16 N2'
#
# COMPACT_ATOMS: atom_id res chain seq x y z
N GLY A 12 -19.93 5.42 50.93
CA GLY A 12 -21.32 5.65 50.52
C GLY A 12 -21.45 6.57 49.32
N PHE A 13 -20.62 6.35 48.31
CA PHE A 13 -20.67 7.19 47.12
C PHE A 13 -21.80 6.71 46.21
N THR A 14 -22.76 7.60 45.92
CA THR A 14 -23.89 7.25 45.07
C THR A 14 -24.10 8.23 43.93
N ASP A 15 -23.21 9.21 43.75
CA ASP A 15 -23.43 10.30 42.80
C ASP A 15 -23.01 9.91 41.38
N TYR A 16 -23.61 8.85 40.86
CA TYR A 16 -23.28 8.38 39.52
C TYR A 16 -24.44 7.55 39.00
N LYS A 17 -24.35 7.20 37.72
CA LYS A 17 -25.29 6.25 37.12
C LYS A 17 -24.59 5.56 35.96
N VAL A 18 -24.32 4.26 36.14
CA VAL A 18 -23.67 3.46 35.11
C VAL A 18 -24.42 2.14 34.96
N ALA A 19 -24.07 1.40 33.90
CA ALA A 19 -24.74 0.14 33.61
C ALA A 19 -24.48 -0.88 34.70
N ASP A 20 -23.23 -1.01 35.14
CA ASP A 20 -22.87 -2.13 36.01
C ASP A 20 -21.57 -1.79 36.76
N ILE A 21 -21.71 -1.43 38.04
CA ILE A 21 -20.56 -1.01 38.83
C ILE A 21 -19.56 -2.15 39.04
N THR A 22 -20.00 -3.40 38.92
CA THR A 22 -19.07 -4.51 39.12
C THR A 22 -18.08 -4.63 37.98
N LEU A 23 -18.24 -3.88 36.90
CA LEU A 23 -17.25 -3.87 35.82
C LEU A 23 -16.03 -3.02 36.15
N ALA A 24 -15.96 -2.42 37.34
CA ALA A 24 -14.94 -1.43 37.66
C ALA A 24 -13.53 -2.03 37.60
N ALA A 25 -13.34 -3.21 38.21
CA ALA A 25 -12.02 -3.84 38.21
C ALA A 25 -11.50 -4.05 36.78
N TRP A 26 -12.32 -4.62 35.90
CA TRP A 26 -11.95 -4.76 34.49
C TRP A 26 -11.55 -3.41 33.90
N GLY A 27 -12.39 -2.38 34.10
CA GLY A 27 -12.05 -1.05 33.60
C GLY A 27 -10.73 -0.53 34.14
N ARG A 28 -10.47 -0.73 35.44
CA ARG A 28 -9.19 -0.29 36.01
C ARG A 28 -8.02 -1.04 35.37
N ARG A 29 -8.17 -2.33 35.08
CA ARG A 29 -7.09 -3.04 34.38
C ARG A 29 -6.83 -2.41 33.02
N GLU A 30 -7.88 -2.02 32.29
CA GLU A 30 -7.67 -1.44 30.98
C GLU A 30 -7.15 0.00 31.05
N LEU A 31 -7.54 0.76 32.08
CA LEU A 31 -6.97 2.10 32.28
C LEU A 31 -5.46 2.03 32.53
N ILE A 32 -5.03 1.07 33.35
CA ILE A 32 -3.60 0.90 33.63
C ILE A 32 -2.85 0.58 32.35
N ILE A 33 -3.45 -0.22 31.45
CA ILE A 33 -2.86 -0.44 30.13
C ILE A 33 -2.87 0.85 29.31
N ALA A 34 -4.01 1.55 29.29
CA ALA A 34 -4.12 2.76 28.49
C ALA A 34 -3.09 3.80 28.90
N GLU A 35 -2.83 3.90 30.21
CA GLU A 35 -1.80 4.82 30.69
C GLU A 35 -0.45 4.59 30.01
N SER A 36 -0.07 3.33 29.80
CA SER A 36 1.22 3.07 29.17
C SER A 36 1.21 3.40 27.69
N GLU A 37 0.03 3.58 27.10
CA GLU A 37 -0.13 3.93 25.71
C GLU A 37 -0.33 5.42 25.50
N MET A 38 -0.26 6.23 26.55
CA MET A 38 -0.61 7.65 26.47
C MET A 38 0.47 8.50 27.14
N PRO A 39 1.65 8.58 26.53
CA PRO A 39 2.78 9.22 27.22
C PRO A 39 2.64 10.72 27.33
N ALA A 40 1.98 11.37 26.38
CA ALA A 40 1.81 12.82 26.49
C ALA A 40 0.91 13.16 27.67
N LEU A 41 -0.21 12.47 27.79
CA LEU A 41 -1.12 12.69 28.91
C LEU A 41 -0.47 12.36 30.24
N MET A 42 0.22 11.21 30.32
N MET A 42 0.24 11.24 30.33
CA MET A 42 0.92 10.82 31.54
CA MET A 42 0.88 10.87 31.59
C MET A 42 2.02 11.82 31.90
C MET A 42 2.07 11.78 31.91
N GLY A 43 2.74 12.31 30.90
CA GLY A 43 3.78 13.28 31.18
C GLY A 43 3.20 14.57 31.75
N LEU A 44 2.03 14.97 31.25
CA LEU A 44 1.30 16.11 31.82
C LEU A 44 1.00 15.86 33.29
N ARG A 45 0.53 14.66 33.62
CA ARG A 45 0.32 14.29 35.03
C ARG A 45 1.59 14.50 35.84
N ARG A 46 2.70 13.92 35.38
CA ARG A 46 3.93 14.00 36.16
C ARG A 46 4.42 15.43 36.28
N LYS A 47 4.32 16.21 35.21
CA LYS A 47 4.89 17.54 35.28
C LYS A 47 4.06 18.47 36.15
N TYR A 48 2.74 18.32 36.15
CA TYR A 48 1.87 19.34 36.74
C TYR A 48 1.21 18.93 38.06
N ALA A 49 1.27 17.65 38.43
CA ALA A 49 0.59 17.21 39.65
C ALA A 49 1.02 18.03 40.86
N GLY A 50 2.32 18.33 40.98
CA GLY A 50 2.79 19.10 42.12
C GLY A 50 2.29 20.53 42.09
N GLN A 51 2.20 21.13 40.91
CA GLN A 51 1.73 22.50 40.80
CA GLN A 51 1.74 22.50 40.83
C GLN A 51 0.24 22.63 41.01
N GLN A 52 -0.53 21.57 40.78
CA GLN A 52 -1.98 21.60 40.89
C GLN A 52 -2.61 22.78 40.13
N PRO A 53 -2.38 22.87 38.82
CA PRO A 53 -2.85 24.06 38.07
C PRO A 53 -4.37 24.10 37.90
N LEU A 54 -5.07 23.00 38.21
CA LEU A 54 -6.52 22.96 38.11
C LEU A 54 -7.20 22.90 39.47
N LYS A 55 -6.47 23.19 40.55
CA LYS A 55 -7.07 23.37 41.86
C LYS A 55 -8.11 24.49 41.81
N GLY A 56 -9.34 24.15 42.14
CA GLY A 56 -10.45 25.10 42.04
C GLY A 56 -11.26 24.96 40.77
N ALA A 57 -10.74 24.25 39.77
CA ALA A 57 -11.50 24.00 38.56
C ALA A 57 -12.64 23.03 38.84
N LYS A 58 -13.80 23.31 38.28
CA LYS A 58 -14.99 22.48 38.42
C LYS A 58 -15.53 22.30 37.01
N ILE A 59 -15.19 21.16 36.40
CA ILE A 59 -15.33 20.96 34.97
C ILE A 59 -16.58 20.13 34.70
N LEU A 60 -17.46 20.65 33.86
CA LEU A 60 -18.52 19.88 33.23
C LEU A 60 -17.95 19.25 31.97
N GLY A 61 -17.96 17.93 31.93
CA GLY A 61 -17.40 17.20 30.79
C GLY A 61 -18.44 16.38 30.04
N CYS A 62 -18.47 16.53 28.71
CA CYS A 62 -19.37 15.75 27.86
C CYS A 62 -18.58 15.17 26.69
N ILE A 63 -18.14 13.92 26.81
CA ILE A 63 -17.39 13.27 25.74
C ILE A 63 -17.43 11.76 25.99
N HIS A 64 -17.57 11.00 24.90
CA HIS A 64 -17.65 9.54 24.90
C HIS A 64 -16.90 8.95 26.08
N MET A 65 -17.62 8.20 26.92
CA MET A 65 -17.09 7.68 28.18
C MET A 65 -16.35 6.37 27.91
N THR A 66 -15.21 6.51 27.22
CA THR A 66 -14.33 5.39 26.87
C THR A 66 -13.21 5.26 27.88
N ILE A 67 -12.44 4.17 27.72
CA ILE A 67 -11.22 4.01 28.49
C ILE A 67 -10.29 5.21 28.29
N GLN A 68 -10.20 5.72 27.07
CA GLN A 68 -9.32 6.85 26.82
C GLN A 68 -9.81 8.10 27.56
N THR A 69 -11.11 8.36 27.53
CA THR A 69 -11.66 9.47 28.30
C THR A 69 -11.42 9.29 29.79
N GLY A 70 -11.38 8.04 30.26
CA GLY A 70 -11.02 7.79 31.65
C GLY A 70 -9.65 8.32 32.01
N VAL A 71 -8.66 8.09 31.14
CA VAL A 71 -7.32 8.59 31.42
C VAL A 71 -7.33 10.12 31.41
N LEU A 72 -8.07 10.72 30.47
CA LEU A 72 -8.28 12.17 30.48
C LEU A 72 -8.87 12.64 31.80
N ILE A 73 -9.94 11.99 32.26
CA ILE A 73 -10.64 12.43 33.47
C ILE A 73 -9.72 12.37 34.67
N GLU A 74 -8.98 11.27 34.81
CA GLU A 74 -8.13 11.15 35.98
C GLU A 74 -6.91 12.05 35.90
N THR A 75 -6.51 12.47 34.69
CA THR A 75 -5.47 13.48 34.58
C THR A 75 -5.97 14.83 35.09
N LEU A 76 -7.16 15.24 34.63
CA LEU A 76 -7.72 16.50 35.13
C LEU A 76 -7.87 16.46 36.65
N VAL A 77 -8.39 15.36 37.19
CA VAL A 77 -8.51 15.21 38.63
C VAL A 77 -7.14 15.28 39.31
N ALA A 78 -6.16 14.52 38.79
CA ALA A 78 -4.83 14.52 39.40
C ALA A 78 -4.21 15.92 39.42
N LEU A 79 -4.64 16.81 38.52
CA LEU A 79 -4.10 18.16 38.46
C LEU A 79 -4.92 19.14 39.31
N GLY A 80 -5.92 18.64 40.03
CA GLY A 80 -6.63 19.45 41.02
C GLY A 80 -8.11 19.62 40.76
N ALA A 81 -8.60 19.33 39.55
CA ALA A 81 -9.98 19.62 39.21
C ALA A 81 -10.97 18.67 39.87
N GLU A 82 -12.17 19.17 40.07
CA GLU A 82 -13.36 18.34 40.25
C GLU A 82 -14.12 18.30 38.94
N VAL A 83 -14.73 17.16 38.63
CA VAL A 83 -15.46 17.03 37.38
C VAL A 83 -16.81 16.38 37.65
N ARG A 84 -17.73 16.60 36.69
CA ARG A 84 -18.96 15.82 36.54
C ARG A 84 -19.10 15.49 35.06
N TRP A 85 -19.28 14.20 34.73
CA TRP A 85 -19.09 13.71 33.37
C TRP A 85 -20.31 12.99 32.79
N SER A 86 -20.48 13.15 31.48
CA SER A 86 -21.45 12.38 30.69
C SER A 86 -20.85 12.08 29.33
N SER A 87 -21.47 11.16 28.59
CA SER A 87 -21.05 10.85 27.24
C SER A 87 -21.76 11.78 26.26
N CYS A 88 -21.13 12.00 25.12
CA CYS A 88 -21.74 12.81 24.05
C CYS A 88 -22.37 11.94 22.96
N ASN A 89 -22.51 10.63 23.18
CA ASN A 89 -23.25 9.81 22.24
C ASN A 89 -23.91 8.66 23.00
N ILE A 90 -25.11 8.28 22.55
CA ILE A 90 -25.87 7.22 23.23
C ILE A 90 -25.21 5.85 23.15
N PHE A 91 -24.31 5.61 22.19
CA PHE A 91 -23.71 4.28 22.00
C PHE A 91 -22.21 4.23 22.26
N SER A 92 -21.59 5.30 22.71
CA SER A 92 -20.14 5.34 22.66
C SER A 92 -19.48 4.97 23.99
N THR A 93 -20.22 4.91 25.08
CA THR A 93 -19.62 4.59 26.37
C THR A 93 -19.08 3.17 26.36
N GLN A 94 -17.93 2.96 27.01
CA GLN A 94 -17.50 1.62 27.40
C GLN A 94 -17.88 1.43 28.86
N ASP A 95 -18.74 0.44 29.12
CA ASP A 95 -19.33 0.36 30.45
C ASP A 95 -18.28 0.08 31.53
N GLN A 96 -17.21 -0.65 31.19
CA GLN A 96 -16.18 -0.91 32.18
C GLN A 96 -15.40 0.36 32.52
N ALA A 97 -15.30 1.29 31.58
CA ALA A 97 -14.67 2.57 31.85
C ALA A 97 -15.54 3.45 32.74
N ALA A 98 -16.83 3.56 32.43
CA ALA A 98 -17.73 4.31 33.29
C ALA A 98 -17.71 3.76 34.71
N ALA A 99 -17.70 2.44 34.84
CA ALA A 99 -17.75 1.87 36.18
C ALA A 99 -16.47 2.18 36.96
N ALA A 100 -15.32 2.10 36.27
CA ALA A 100 -14.05 2.36 36.96
C ALA A 100 -13.98 3.81 37.42
N ILE A 101 -14.53 4.73 36.62
CA ILE A 101 -14.54 6.14 37.01
C ILE A 101 -15.49 6.33 38.19
N ALA A 102 -16.70 5.77 38.11
CA ALA A 102 -17.62 5.86 39.23
C ALA A 102 -17.02 5.25 40.49
N ALA A 103 -16.31 4.12 40.35
CA ALA A 103 -15.74 3.46 41.52
C ALA A 103 -14.63 4.28 42.18
N ALA A 104 -14.02 5.20 41.43
CA ALA A 104 -13.04 6.14 41.95
C ALA A 104 -13.67 7.34 42.63
N GLY A 105 -15.00 7.37 42.77
CA GLY A 105 -15.65 8.48 43.43
C GLY A 105 -15.81 9.71 42.57
N ILE A 106 -15.90 9.54 41.27
CA ILE A 106 -16.06 10.64 40.31
C ILE A 106 -17.47 10.55 39.73
N PRO A 107 -18.24 11.64 39.73
CA PRO A 107 -19.61 11.58 39.19
C PRO A 107 -19.60 11.38 37.69
N VAL A 108 -20.29 10.34 37.26
CA VAL A 108 -20.36 9.99 35.84
C VAL A 108 -21.73 9.38 35.58
N PHE A 109 -22.34 9.78 34.48
CA PHE A 109 -23.70 9.37 34.12
C PHE A 109 -23.62 8.94 32.67
N ALA A 110 -23.45 7.63 32.43
CA ALA A 110 -23.14 7.17 31.08
C ALA A 110 -23.21 5.65 31.02
N TRP A 111 -23.83 5.14 29.95
CA TRP A 111 -23.83 3.71 29.64
C TRP A 111 -24.05 3.52 28.15
N LYS A 112 -23.59 2.38 27.64
CA LYS A 112 -23.82 2.05 26.24
C LYS A 112 -25.29 1.71 26.02
N GLY A 113 -25.89 2.32 25.01
CA GLY A 113 -27.28 2.02 24.68
C GLY A 113 -28.27 2.89 25.41
N GLU A 114 -27.92 4.16 25.63
CA GLU A 114 -28.89 5.10 26.17
C GLU A 114 -29.99 5.41 25.15
N THR A 115 -31.17 5.77 25.66
CA THR A 115 -32.17 6.44 24.84
C THR A 115 -31.87 7.93 24.77
N GLU A 116 -32.51 8.60 23.80
CA GLU A 116 -32.36 10.05 23.71
C GLU A 116 -32.76 10.74 25.01
N GLU A 117 -33.84 10.25 25.63
CA GLU A 117 -34.30 10.84 26.87
C GLU A 117 -33.27 10.63 27.98
N GLU A 118 -32.75 9.40 28.09
CA GLU A 118 -31.71 9.11 29.07
C GLU A 118 -30.45 9.93 28.80
N TYR A 119 -30.15 10.18 27.52
CA TYR A 119 -28.99 11.01 27.14
C TYR A 119 -29.11 12.41 27.71
N GLU A 120 -30.25 13.04 27.47
CA GLU A 120 -30.48 14.37 28.02
C GLU A 120 -30.44 14.35 29.53
N TRP A 121 -30.99 13.30 30.14
CA TRP A 121 -30.98 13.20 31.60
C TRP A 121 -29.54 13.15 32.14
N CYS A 122 -28.65 12.38 31.48
CA CYS A 122 -27.28 12.25 31.95
C CYS A 122 -26.51 13.56 31.89
N ILE A 123 -26.69 14.34 30.82
CA ILE A 123 -26.06 15.64 30.80
C ILE A 123 -26.59 16.51 31.94
N GLU A 124 -27.90 16.42 32.21
CA GLU A 124 -28.46 17.25 33.28
C GLU A 124 -27.96 16.83 34.66
N GLN A 125 -27.65 15.55 34.87
CA GLN A 125 -27.10 15.13 36.15
C GLN A 125 -25.71 15.71 36.38
N THR A 126 -24.95 16.01 35.31
CA THR A 126 -23.69 16.72 35.53
C THR A 126 -23.95 18.19 35.88
N ILE A 127 -24.95 18.80 35.23
CA ILE A 127 -25.26 20.22 35.44
C ILE A 127 -25.86 20.46 36.82
N LEU A 128 -26.69 19.53 37.28
CA LEU A 128 -27.39 19.66 38.55
C LEU A 128 -26.75 18.74 39.60
N LYS A 129 -26.38 19.31 40.74
CA LYS A 129 -25.94 18.54 41.90
C LYS A 129 -26.96 18.72 43.01
N ASP A 130 -27.53 17.62 43.47
CA ASP A 130 -28.57 17.63 44.49
C ASP A 130 -29.71 18.54 44.08
N GLY A 131 -30.06 18.50 42.79
CA GLY A 131 -31.22 19.20 42.28
C GLY A 131 -31.04 20.68 42.03
N GLN A 132 -29.84 21.21 42.18
CA GLN A 132 -29.58 22.61 41.94
C GLN A 132 -28.32 22.74 41.10
N PRO A 133 -28.14 23.87 40.40
CA PRO A 133 -26.96 24.04 39.54
C PRO A 133 -25.66 23.90 40.33
N TRP A 134 -24.81 22.98 39.88
CA TRP A 134 -23.45 22.87 40.37
C TRP A 134 -22.67 24.14 40.06
N ASP A 135 -21.75 24.51 40.93
CA ASP A 135 -20.95 25.71 40.70
C ASP A 135 -19.79 25.43 39.75
N ALA A 136 -20.16 25.07 38.53
CA ALA A 136 -19.18 24.77 37.50
C ALA A 136 -18.45 26.04 37.08
N ASN A 137 -17.19 25.91 36.70
CA ASN A 137 -16.49 27.06 36.12
C ASN A 137 -15.72 26.70 34.86
N MET A 138 -15.83 25.47 34.38
CA MET A 138 -15.14 25.09 33.15
C MET A 138 -16.00 24.09 32.40
N VAL A 139 -15.85 24.05 31.08
CA VAL A 139 -16.61 23.15 30.21
C VAL A 139 -15.66 22.41 29.28
N LEU A 140 -15.80 21.09 29.23
CA LEU A 140 -15.13 20.26 28.22
C LEU A 140 -16.19 19.53 27.42
N ASP A 141 -16.20 19.73 26.09
CA ASP A 141 -17.28 19.30 25.22
C ASP A 141 -16.76 18.64 23.95
N ASP A 142 -17.59 17.78 23.36
CA ASP A 142 -17.28 17.06 22.13
C ASP A 142 -18.57 17.05 21.33
N GLY A 143 -18.71 17.99 20.39
CA GLY A 143 -19.88 18.06 19.54
C GLY A 143 -20.82 19.21 19.86
N GLY A 144 -20.69 19.81 21.03
CA GLY A 144 -21.45 21.02 21.34
C GLY A 144 -22.79 20.83 22.04
N ASP A 145 -23.16 19.60 22.42
CA ASP A 145 -24.48 19.39 23.03
C ASP A 145 -24.58 20.01 24.42
N LEU A 146 -23.58 19.76 25.27
CA LEU A 146 -23.54 20.37 26.59
C LEU A 146 -23.43 21.89 26.48
N THR A 147 -22.61 22.37 25.54
CA THR A 147 -22.49 23.81 25.32
C THR A 147 -23.83 24.42 24.95
N GLU A 148 -24.60 23.71 24.13
CA GLU A 148 -25.91 24.21 23.72
C GLU A 148 -26.90 24.26 24.89
N ILE A 149 -26.93 23.19 25.69
CA ILE A 149 -27.85 23.13 26.84
C ILE A 149 -27.53 24.24 27.84
N LEU A 150 -26.25 24.50 28.10
CA LEU A 150 -25.90 25.59 29.02
C LEU A 150 -26.39 26.93 28.48
N HIS A 151 -26.15 27.20 27.20
CA HIS A 151 -26.56 28.48 26.63
C HIS A 151 -28.07 28.65 26.58
N LYS A 152 -28.82 27.57 26.34
CA LYS A 152 -30.25 27.66 26.11
C LYS A 152 -31.06 27.53 27.38
N LYS A 153 -30.69 26.56 28.22
CA LYS A 153 -31.46 26.21 29.40
C LYS A 153 -30.84 26.74 30.70
N TYR A 154 -29.52 26.85 30.79
CA TYR A 154 -28.90 27.31 32.02
C TYR A 154 -27.99 28.52 31.81
N PRO A 155 -28.46 29.59 31.17
CA PRO A 155 -27.55 30.70 30.87
C PRO A 155 -26.87 31.31 32.10
N GLN A 156 -27.53 31.30 33.26
CA GLN A 156 -26.93 31.89 34.46
C GLN A 156 -25.67 31.13 34.90
N MET A 157 -25.60 29.81 34.63
CA MET A 157 -24.40 29.08 34.98
C MET A 157 -23.19 29.56 34.19
N LEU A 158 -23.38 30.03 32.96
CA LEU A 158 -22.24 30.46 32.17
C LEU A 158 -21.60 31.73 32.72
N GLU A 159 -22.34 32.52 33.53
CA GLU A 159 -21.75 33.72 34.12
C GLU A 159 -20.49 33.41 34.91
N ARG A 160 -20.40 32.22 35.49
CA ARG A 160 -19.31 31.79 36.34
C ARG A 160 -18.28 30.91 35.61
N ILE A 161 -18.46 30.63 34.33
CA ILE A 161 -17.61 29.66 33.64
C ILE A 161 -16.53 30.43 32.87
N HIS A 162 -15.27 30.01 33.06
CA HIS A 162 -14.15 30.68 32.40
C HIS A 162 -13.98 30.27 30.94
N GLY A 163 -14.53 29.15 30.52
CA GLY A 163 -14.20 28.71 29.17
C GLY A 163 -14.76 27.37 28.80
N ILE A 164 -14.72 27.09 27.49
CA ILE A 164 -15.09 25.81 26.89
C ILE A 164 -13.88 25.29 26.11
N THR A 165 -13.58 24.02 26.24
CA THR A 165 -12.59 23.39 25.38
C THR A 165 -13.34 22.35 24.54
N GLU A 166 -13.39 22.58 23.22
CA GLU A 166 -14.26 21.83 22.33
C GLU A 166 -13.41 20.87 21.50
N GLU A 167 -13.82 19.59 21.47
CA GLU A 167 -13.02 18.50 20.92
C GLU A 167 -13.05 18.41 19.39
N THR A 168 -14.21 18.62 18.75
CA THR A 168 -14.42 18.05 17.43
C THR A 168 -14.94 19.10 16.43
N THR A 169 -14.75 18.80 15.14
CA THR A 169 -15.04 19.73 14.05
C THR A 169 -16.46 20.28 14.12
N THR A 170 -17.43 19.39 14.27
CA THR A 170 -18.83 19.81 14.35
C THR A 170 -19.06 20.75 15.53
N GLY A 171 -18.45 20.43 16.67
CA GLY A 171 -18.60 21.31 17.83
C GLY A 171 -18.02 22.68 17.60
N VAL A 172 -16.86 22.74 16.94
CA VAL A 172 -16.23 24.02 16.64
C VAL A 172 -17.11 24.83 15.72
N HIS A 173 -17.71 24.19 14.72
CA HIS A 173 -18.61 24.90 13.83
C HIS A 173 -19.73 25.57 14.61
N ARG A 174 -20.30 24.85 15.58
CA ARG A 174 -21.40 25.41 16.37
C ARG A 174 -20.93 26.58 17.23
N LEU A 175 -19.69 26.52 17.75
CA LEU A 175 -19.15 27.65 18.50
C LEU A 175 -18.96 28.86 17.59
N LEU A 176 -18.41 28.67 16.39
CA LEU A 176 -18.19 29.82 15.52
C LEU A 176 -19.50 30.44 15.06
N ASP A 177 -20.56 29.63 14.94
CA ASP A 177 -21.88 30.18 14.64
C ASP A 177 -22.38 31.08 15.76
N MET A 178 -22.23 30.62 17.00
CA MET A 178 -22.59 31.45 18.15
C MET A 178 -21.75 32.72 18.18
N LEU A 179 -20.45 32.60 17.90
CA LEU A 179 -19.59 33.78 17.88
C LEU A 179 -20.09 34.80 16.88
N LYS A 180 -20.33 34.39 15.63
CA LYS A 180 -20.74 35.37 14.63
C LYS A 180 -22.12 35.95 14.93
N ASN A 181 -22.96 35.22 15.66
CA ASN A 181 -24.32 35.67 16.00
C ASN A 181 -24.38 36.43 17.31
N GLY A 182 -23.25 36.63 17.98
CA GLY A 182 -23.23 37.30 19.27
C GLY A 182 -23.88 36.55 20.42
N THR A 183 -24.00 35.22 20.33
CA THR A 183 -24.67 34.46 21.37
C THR A 183 -23.72 33.60 22.19
N LEU A 184 -22.43 33.60 21.86
CA LEU A 184 -21.46 32.89 22.68
C LEU A 184 -21.18 33.70 23.94
N LYS A 185 -21.24 33.03 25.11
CA LYS A 185 -21.12 33.73 26.39
C LYS A 185 -19.75 33.61 27.04
N VAL A 186 -18.95 32.61 26.67
CA VAL A 186 -17.61 32.43 27.25
C VAL A 186 -16.65 32.04 26.13
N PRO A 187 -15.38 32.38 26.29
CA PRO A 187 -14.37 32.01 25.27
C PRO A 187 -14.19 30.52 25.19
N ALA A 188 -13.66 30.07 24.06
CA ALA A 188 -13.41 28.66 23.81
C ALA A 188 -12.03 28.46 23.20
N ILE A 189 -11.44 27.30 23.46
CA ILE A 189 -10.30 26.82 22.70
C ILE A 189 -10.78 25.71 21.77
N ASN A 190 -10.49 25.88 20.50
CA ASN A 190 -10.77 24.90 19.46
C ASN A 190 -9.63 23.89 19.54
N VAL A 191 -9.86 22.79 20.28
CA VAL A 191 -8.88 21.72 20.42
C VAL A 191 -8.74 20.95 19.11
N ASN A 192 -9.81 20.90 18.33
CA ASN A 192 -9.81 20.13 17.09
C ASN A 192 -8.64 20.49 16.18
N ASP A 193 -8.32 21.78 16.05
CA ASP A 193 -7.40 22.22 15.01
C ASP A 193 -5.93 22.29 15.46
N SER A 194 -5.56 21.77 16.62
CA SER A 194 -4.17 21.37 16.80
C SER A 194 -3.84 20.29 15.78
N VAL A 195 -2.63 20.33 15.22
CA VAL A 195 -2.26 19.32 14.24
C VAL A 195 -2.21 17.93 14.89
N THR A 196 -1.74 17.87 16.15
CA THR A 196 -1.75 16.63 16.92
C THR A 196 -3.15 16.20 17.31
N LYS A 197 -4.18 16.93 16.89
CA LYS A 197 -5.56 16.48 17.04
C LYS A 197 -6.14 16.21 15.66
N SER A 198 -6.45 17.27 14.89
CA SER A 198 -7.07 17.12 13.57
C SER A 198 -6.35 16.14 12.65
N LYS A 199 -5.00 16.23 12.56
CA LYS A 199 -4.29 15.41 11.59
C LYS A 199 -3.70 14.17 12.22
N ASN A 200 -4.24 13.75 13.36
CA ASN A 200 -3.85 12.57 14.12
C ASN A 200 -5.13 11.81 14.40
N ASP A 201 -5.92 12.32 15.34
CA ASP A 201 -7.23 11.79 15.73
C ASP A 201 -8.19 11.69 14.54
N ASN A 202 -8.51 12.81 13.90
CA ASN A 202 -9.58 12.79 12.90
C ASN A 202 -9.26 11.86 11.75
N LYS A 203 -8.00 11.78 11.38
CA LYS A 203 -7.59 10.99 10.21
C LYS A 203 -7.18 9.59 10.63
N TYR A 204 -6.05 9.47 11.35
CA TYR A 204 -5.51 8.15 11.64
C TYR A 204 -6.40 7.39 12.60
N GLY A 205 -7.12 8.11 13.47
CA GLY A 205 -8.07 7.44 14.35
C GLY A 205 -9.14 6.70 13.57
N CYS A 206 -9.70 7.35 12.54
CA CYS A 206 -10.72 6.67 11.73
C CYS A 206 -10.11 5.57 10.87
N ARG A 207 -8.88 5.76 10.43
CA ARG A 207 -8.15 4.70 9.72
CA ARG A 207 -8.17 4.70 9.72
C ARG A 207 -8.11 3.43 10.56
N HIS A 208 -7.74 3.57 11.84
CA HIS A 208 -7.71 2.45 12.77
C HIS A 208 -9.10 1.87 13.01
N SER A 209 -10.09 2.73 13.30
CA SER A 209 -11.32 2.27 13.92
C SER A 209 -12.48 2.06 12.95
N LEU A 210 -12.44 2.58 11.71
CA LEU A 210 -13.59 2.32 10.83
C LEU A 210 -13.69 0.84 10.44
N ASN A 211 -12.62 0.27 9.87
CA ASN A 211 -12.74 -1.14 9.49
CA ASN A 211 -12.69 -1.15 9.49
C ASN A 211 -12.88 -2.03 10.72
N ASP A 212 -12.33 -1.60 11.85
CA ASP A 212 -12.52 -2.28 13.13
C ASP A 212 -14.01 -2.48 13.41
N ALA A 213 -14.77 -1.37 13.41
CA ALA A 213 -16.18 -1.42 13.73
C ALA A 213 -16.96 -2.24 12.71
N ILE A 214 -16.60 -2.10 11.42
CA ILE A 214 -17.36 -2.87 10.42
C ILE A 214 -17.11 -4.36 10.61
N LYS A 215 -15.88 -4.75 10.93
CA LYS A 215 -15.61 -6.16 11.17
C LYS A 215 -16.39 -6.66 12.38
N ARG A 216 -16.36 -5.90 13.51
CA ARG A 216 -17.05 -6.37 14.71
C ARG A 216 -18.55 -6.48 14.46
N GLY A 217 -19.12 -5.54 13.71
CA GLY A 217 -20.56 -5.60 13.52
C GLY A 217 -21.03 -6.65 12.54
N THR A 218 -20.30 -6.85 11.43
CA THR A 218 -20.76 -7.76 10.38
C THR A 218 -19.84 -8.94 10.11
N ASP A 219 -18.55 -8.84 10.47
CA ASP A 219 -17.51 -9.80 10.07
C ASP A 219 -17.46 -10.02 8.55
N HIS A 220 -17.87 -9.00 7.79
CA HIS A 220 -17.74 -9.06 6.33
C HIS A 220 -16.28 -8.96 5.90
N LEU A 221 -15.90 -9.84 4.98
CA LEU A 221 -14.76 -9.58 4.10
C LEU A 221 -14.94 -8.22 3.41
N LEU A 222 -13.90 -7.39 3.47
CA LEU A 222 -13.90 -6.12 2.75
C LEU A 222 -13.12 -6.18 1.44
N SER A 223 -12.06 -6.99 1.39
CA SER A 223 -11.23 -7.10 0.18
C SER A 223 -12.08 -7.45 -1.04
N GLY A 224 -11.85 -6.70 -2.14
CA GLY A 224 -12.50 -6.99 -3.41
C GLY A 224 -13.90 -6.41 -3.57
N LYS A 225 -14.49 -5.87 -2.52
CA LYS A 225 -15.83 -5.26 -2.59
C LYS A 225 -15.74 -3.74 -2.82
N GLN A 226 -16.89 -3.15 -3.17
CA GLN A 226 -16.99 -1.77 -3.63
C GLN A 226 -17.43 -0.86 -2.49
N ALA A 227 -16.66 0.18 -2.21
CA ALA A 227 -17.06 1.16 -1.20
C ALA A 227 -17.24 2.54 -1.81
N LEU A 228 -18.17 3.28 -1.23
CA LEU A 228 -18.39 4.69 -1.53
C LEU A 228 -18.25 5.47 -0.23
N VAL A 229 -17.25 6.35 -0.16
CA VAL A 229 -17.07 7.21 1.01
C VAL A 229 -17.54 8.61 0.66
N ILE A 230 -18.45 9.16 1.46
CA ILE A 230 -19.01 10.48 1.18
C ILE A 230 -18.21 11.48 2.01
N GLY A 231 -17.41 12.31 1.37
CA GLY A 231 -16.52 13.18 2.12
C GLY A 231 -15.07 12.75 2.05
N TYR A 232 -14.17 13.74 2.00
CA TYR A 232 -12.73 13.50 1.95
C TYR A 232 -12.00 14.64 2.70
N GLY A 233 -12.57 15.08 3.84
CA GLY A 233 -11.86 15.86 4.83
C GLY A 233 -10.95 14.95 5.64
N ASP A 234 -10.61 15.35 6.87
CA ASP A 234 -9.71 14.51 7.65
C ASP A 234 -10.34 13.16 7.96
N VAL A 235 -11.62 13.14 8.32
CA VAL A 235 -12.31 11.89 8.61
C VAL A 235 -12.47 11.04 7.35
N GLY A 236 -12.84 11.67 6.24
CA GLY A 236 -13.00 10.90 5.00
C GLY A 236 -11.69 10.39 4.46
N LYS A 237 -10.61 11.16 4.62
CA LYS A 237 -9.27 10.68 4.24
C LYS A 237 -8.91 9.43 5.03
N GLY A 238 -9.09 9.48 6.35
CA GLY A 238 -8.75 8.33 7.18
C GLY A 238 -9.65 7.15 6.91
N SER A 239 -10.93 7.41 6.70
CA SER A 239 -11.92 6.36 6.42
C SER A 239 -11.63 5.69 5.09
N SER A 240 -11.27 6.47 4.06
CA SER A 240 -10.95 5.91 2.76
C SER A 240 -9.73 5.00 2.86
N GLN A 241 -8.74 5.43 3.65
CA GLN A 241 -7.55 4.61 3.85
C GLN A 241 -7.89 3.34 4.63
N SER A 242 -8.77 3.45 5.63
CA SER A 242 -9.20 2.29 6.41
C SER A 242 -9.70 1.19 5.49
N LEU A 243 -10.48 1.56 4.48
CA LEU A 243 -11.09 0.56 3.60
C LEU A 243 -10.14 0.15 2.48
N ARG A 244 -9.41 1.11 1.89
CA ARG A 244 -8.51 0.77 0.79
C ARG A 244 -7.41 -0.18 1.26
N GLN A 245 -6.90 0.02 2.50
CA GLN A 245 -5.81 -0.83 2.98
C GLN A 245 -6.28 -2.25 3.21
N GLU A 246 -7.58 -2.45 3.41
CA GLU A 246 -8.16 -3.78 3.45
C GLU A 246 -8.40 -4.37 2.06
N GLY A 247 -8.10 -3.63 0.98
CA GLY A 247 -8.35 -4.15 -0.35
C GLY A 247 -9.72 -3.80 -0.94
N MET A 248 -10.47 -2.91 -0.31
CA MET A 248 -11.70 -2.45 -0.96
C MET A 248 -11.36 -1.63 -2.20
N ILE A 249 -12.28 -1.65 -3.16
CA ILE A 249 -12.27 -0.71 -4.29
C ILE A 249 -13.10 0.50 -3.83
N VAL A 250 -12.43 1.61 -3.53
CA VAL A 250 -13.04 2.75 -2.84
C VAL A 250 -13.27 3.87 -3.85
N LYS A 251 -14.52 4.37 -3.91
CA LYS A 251 -14.84 5.57 -4.64
C LYS A 251 -15.19 6.67 -3.62
N VAL A 252 -14.90 7.93 -3.98
CA VAL A 252 -15.00 9.07 -3.06
C VAL A 252 -15.91 10.14 -3.65
N ALA A 253 -16.84 10.65 -2.84
CA ALA A 253 -17.68 11.78 -3.23
C ALA A 253 -17.23 13.01 -2.45
N GLU A 254 -17.20 14.16 -3.12
CA GLU A 254 -16.87 15.42 -2.45
C GLU A 254 -17.60 16.57 -3.10
N VAL A 255 -17.90 17.59 -2.27
CA VAL A 255 -18.32 18.88 -2.79
C VAL A 255 -17.16 19.88 -2.89
N ASP A 256 -16.05 19.63 -2.18
CA ASP A 256 -14.91 20.53 -2.20
C ASP A 256 -13.93 20.06 -3.27
N PRO A 257 -13.67 20.85 -4.30
CA PRO A 257 -12.79 20.38 -5.38
C PRO A 257 -11.34 20.18 -4.94
N ILE A 258 -10.88 20.93 -3.94
CA ILE A 258 -9.52 20.69 -3.47
C ILE A 258 -9.41 19.32 -2.80
N CYS A 259 -10.38 18.99 -1.93
CA CYS A 259 -10.39 17.67 -1.32
C CYS A 259 -10.58 16.59 -2.37
N ALA A 260 -11.39 16.85 -3.40
CA ALA A 260 -11.52 15.86 -4.48
C ALA A 260 -10.21 15.68 -5.24
N MET A 261 -9.47 16.78 -5.45
N MET A 261 -9.47 16.78 -5.45
CA MET A 261 -8.17 16.66 -6.10
CA MET A 261 -8.18 16.66 -6.10
C MET A 261 -7.25 15.75 -5.30
C MET A 261 -7.25 15.74 -5.30
N GLN A 262 -7.25 15.89 -3.97
CA GLN A 262 -6.43 15.01 -3.14
C GLN A 262 -6.86 13.56 -3.29
N ALA A 263 -8.18 13.31 -3.39
CA ALA A 263 -8.63 11.93 -3.53
C ALA A 263 -8.14 11.32 -4.84
N CYS A 264 -8.24 12.07 -5.93
CA CYS A 264 -7.71 11.58 -7.20
C CYS A 264 -6.23 11.23 -7.08
N MET A 265 -5.45 12.15 -6.53
CA MET A 265 -4.02 11.96 -6.41
C MET A 265 -3.68 10.83 -5.47
N ASP A 266 -4.54 10.57 -4.49
CA ASP A 266 -4.36 9.45 -3.58
C ASP A 266 -4.75 8.12 -4.20
N GLY A 267 -5.20 8.13 -5.46
CA GLY A 267 -5.51 6.89 -6.17
C GLY A 267 -6.96 6.45 -6.05
N PHE A 268 -7.89 7.39 -5.84
CA PHE A 268 -9.30 7.09 -5.74
C PHE A 268 -10.05 7.66 -6.93
N GLU A 269 -11.05 6.93 -7.38
CA GLU A 269 -12.00 7.46 -8.35
C GLU A 269 -13.01 8.38 -7.64
N VAL A 270 -13.19 9.60 -8.15
CA VAL A 270 -14.12 10.56 -7.56
C VAL A 270 -15.43 10.56 -8.34
N VAL A 271 -16.54 10.25 -7.66
CA VAL A 271 -17.86 10.06 -8.24
C VAL A 271 -18.90 10.82 -7.44
N SER A 272 -20.06 11.04 -8.05
CA SER A 272 -21.19 11.61 -7.32
C SER A 272 -22.35 10.62 -7.30
N PRO A 273 -23.06 10.51 -6.16
CA PRO A 273 -24.32 9.74 -6.18
C PRO A 273 -25.32 10.25 -7.19
N TYR A 274 -25.18 11.50 -7.64
CA TYR A 274 -26.15 12.16 -8.50
C TYR A 274 -25.57 12.32 -9.90
N LYS A 275 -26.40 12.10 -10.91
CA LYS A 275 -25.99 12.34 -12.29
C LYS A 275 -25.45 13.75 -12.44
N ASN A 276 -24.21 13.85 -12.91
CA ASN A 276 -23.49 15.12 -13.06
C ASN A 276 -23.40 15.90 -11.75
N GLY A 277 -23.53 15.19 -10.63
CA GLY A 277 -23.44 15.80 -9.32
C GLY A 277 -24.60 16.71 -8.96
N ILE A 278 -25.72 16.59 -9.66
CA ILE A 278 -26.84 17.53 -9.47
C ILE A 278 -27.95 16.84 -8.70
N ASN A 279 -28.14 17.26 -7.46
CA ASN A 279 -29.03 16.65 -6.47
C ASN A 279 -30.34 17.45 -6.48
N ASP A 280 -31.25 17.08 -7.39
CA ASP A 280 -32.50 17.81 -7.51
C ASP A 280 -33.61 17.26 -6.63
N GLY A 281 -33.33 16.20 -5.87
CA GLY A 281 -34.30 15.59 -4.98
C GLY A 281 -35.23 14.58 -5.61
N THR A 282 -35.08 14.28 -6.90
CA THR A 282 -35.88 13.24 -7.54
C THR A 282 -35.12 11.91 -7.56
N GLU A 283 -35.88 10.83 -7.69
CA GLU A 283 -35.27 9.52 -7.89
C GLU A 283 -34.49 9.48 -9.20
N ALA A 284 -34.91 10.29 -10.18
CA ALA A 284 -34.26 10.25 -11.48
C ALA A 284 -32.83 10.79 -11.41
N SER A 285 -32.51 11.65 -10.45
CA SER A 285 -31.14 12.17 -10.41
C SER A 285 -30.15 11.17 -9.84
N ILE A 286 -30.60 10.05 -9.26
CA ILE A 286 -29.66 9.10 -8.69
C ILE A 286 -28.97 8.35 -9.81
N ASP A 287 -27.65 8.20 -9.70
CA ASP A 287 -26.89 7.32 -10.58
C ASP A 287 -27.14 5.90 -10.08
N ALA A 288 -28.15 5.26 -10.66
CA ALA A 288 -28.61 3.97 -10.17
C ALA A 288 -27.59 2.89 -10.47
N ALA A 289 -26.93 2.96 -11.63
CA ALA A 289 -25.88 2.00 -11.96
C ALA A 289 -24.74 2.05 -10.94
N LEU A 290 -24.31 3.25 -10.56
CA LEU A 290 -23.25 3.38 -9.56
C LEU A 290 -23.68 2.78 -8.22
N LEU A 291 -24.83 3.24 -7.69
CA LEU A 291 -25.25 2.82 -6.35
C LEU A 291 -25.63 1.34 -6.29
N GLY A 292 -26.15 0.78 -7.38
CA GLY A 292 -26.38 -0.64 -7.40
C GLY A 292 -25.14 -1.51 -7.42
N LYS A 293 -23.93 -0.91 -7.50
CA LYS A 293 -22.66 -1.64 -7.41
C LYS A 293 -22.03 -1.57 -6.04
N ILE A 294 -22.57 -0.77 -5.13
CA ILE A 294 -21.87 -0.38 -3.91
C ILE A 294 -22.21 -1.34 -2.78
N ASP A 295 -21.19 -1.93 -2.16
CA ASP A 295 -21.38 -2.86 -1.05
C ASP A 295 -21.31 -2.19 0.31
N LEU A 296 -20.78 -0.96 0.38
CA LEU A 296 -20.57 -0.30 1.66
C LEU A 296 -20.58 1.20 1.41
N ILE A 297 -21.38 1.95 2.14
CA ILE A 297 -21.34 3.41 2.06
C ILE A 297 -21.04 3.99 3.44
N VAL A 298 -20.08 4.92 3.49
CA VAL A 298 -19.66 5.56 4.75
C VAL A 298 -19.79 7.08 4.58
N THR A 299 -20.55 7.73 5.49
CA THR A 299 -20.64 9.19 5.51
C THR A 299 -19.64 9.78 6.51
N THR A 300 -18.98 10.88 6.10
CA THR A 300 -17.89 11.46 6.89
C THR A 300 -17.92 12.99 6.91
N THR A 301 -19.07 13.62 6.67
CA THR A 301 -19.12 15.00 6.22
C THR A 301 -19.35 16.02 7.31
N GLY A 302 -20.03 15.67 8.41
CA GLY A 302 -20.55 16.73 9.27
C GLY A 302 -21.70 17.53 8.68
N ASN A 303 -22.25 17.10 7.56
CA ASN A 303 -23.33 17.79 6.86
C ASN A 303 -24.61 16.96 7.02
N VAL A 304 -25.70 17.44 6.44
CA VAL A 304 -27.02 16.85 6.63
C VAL A 304 -27.46 16.14 5.34
N ASN A 305 -28.01 14.95 5.49
CA ASN A 305 -28.68 14.22 4.41
C ASN A 305 -27.75 13.94 3.23
N VAL A 306 -26.56 13.41 3.51
CA VAL A 306 -25.63 13.13 2.41
C VAL A 306 -25.72 11.68 1.95
N CYS A 307 -26.42 10.82 2.69
CA CYS A 307 -26.87 9.50 2.23
C CYS A 307 -28.41 9.55 2.36
N ASP A 308 -29.08 9.98 1.30
CA ASP A 308 -30.48 10.38 1.40
C ASP A 308 -31.37 9.21 1.03
N ALA A 309 -32.68 9.47 1.07
CA ALA A 309 -33.67 8.40 0.89
C ALA A 309 -33.54 7.74 -0.49
N ASN A 310 -33.34 8.55 -1.52
CA ASN A 310 -33.27 8.03 -2.88
C ASN A 310 -32.00 7.22 -3.10
N MET A 311 -30.91 7.60 -2.45
CA MET A 311 -29.68 6.80 -2.48
C MET A 311 -29.92 5.46 -1.81
N LEU A 312 -30.55 5.48 -0.63
CA LEU A 312 -30.84 4.26 0.10
C LEU A 312 -31.72 3.31 -0.72
N LYS A 313 -32.69 3.85 -1.46
CA LYS A 313 -33.54 3.02 -2.31
C LYS A 313 -32.74 2.37 -3.44
N ALA A 314 -31.65 3.00 -3.87
CA ALA A 314 -30.90 2.56 -5.02
C ALA A 314 -29.73 1.64 -4.65
N LEU A 315 -29.38 1.55 -3.38
CA LEU A 315 -28.21 0.77 -3.01
C LEU A 315 -28.36 -0.69 -3.42
N LYS A 316 -27.21 -1.30 -3.73
CA LYS A 316 -27.14 -2.74 -3.93
C LYS A 316 -27.78 -3.46 -2.76
N LYS A 317 -28.55 -4.52 -3.06
CA LYS A 317 -29.08 -5.37 -2.00
C LYS A 317 -27.96 -5.80 -1.07
N ARG A 318 -28.24 -5.75 0.24
CA ARG A 318 -27.37 -6.16 1.34
C ARG A 318 -26.14 -5.27 1.52
N ALA A 319 -26.13 -4.07 0.92
CA ALA A 319 -25.06 -3.11 1.21
C ALA A 319 -25.08 -2.75 2.69
N VAL A 320 -23.91 -2.43 3.22
CA VAL A 320 -23.79 -1.91 4.58
C VAL A 320 -23.81 -0.40 4.52
N VAL A 321 -24.54 0.22 5.45
CA VAL A 321 -24.67 1.67 5.56
C VAL A 321 -24.19 2.09 6.95
N CYS A 322 -23.28 3.07 7.00
CA CYS A 322 -22.86 3.60 8.29
C CYS A 322 -22.38 5.03 8.17
N ASN A 323 -22.24 5.66 9.34
CA ASN A 323 -21.84 7.05 9.47
C ASN A 323 -20.73 7.14 10.50
N ILE A 324 -19.69 7.92 10.18
CA ILE A 324 -18.61 8.19 11.12
C ILE A 324 -18.42 9.70 11.35
N GLY A 325 -19.31 10.54 10.81
CA GLY A 325 -19.40 11.91 11.27
C GLY A 325 -20.11 11.99 12.61
N HIS A 326 -20.18 13.21 13.15
CA HIS A 326 -20.58 13.32 14.55
C HIS A 326 -22.04 12.94 14.80
N PHE A 327 -22.95 13.30 13.88
CA PHE A 327 -24.38 13.15 14.15
C PHE A 327 -25.00 12.22 13.11
N ASP A 328 -26.07 11.52 13.53
CA ASP A 328 -26.71 10.52 12.67
C ASP A 328 -27.54 11.12 11.54
N ASN A 329 -27.77 12.45 11.50
CA ASN A 329 -28.57 12.98 10.40
C ASN A 329 -27.80 13.04 9.09
N GLU A 330 -26.57 12.52 9.03
CA GLU A 330 -25.91 12.37 7.74
C GLU A 330 -26.67 11.39 6.85
N ILE A 331 -27.32 10.39 7.45
CA ILE A 331 -28.10 9.38 6.76
C ILE A 331 -29.57 9.61 7.06
N ASP A 332 -30.42 9.51 6.04
CA ASP A 332 -31.87 9.66 6.24
C ASP A 332 -32.42 8.39 6.89
N THR A 333 -32.02 8.17 8.15
CA THR A 333 -32.59 7.06 8.90
C THR A 333 -34.06 7.28 9.20
N ALA A 334 -34.50 8.52 9.42
CA ALA A 334 -35.93 8.76 9.63
C ALA A 334 -36.76 8.14 8.50
N PHE A 335 -36.33 8.29 7.25
CA PHE A 335 -37.07 7.71 6.13
C PHE A 335 -37.17 6.20 6.29
N MET A 336 -36.05 5.56 6.66
CA MET A 336 -36.06 4.11 6.83
C MET A 336 -36.95 3.66 7.99
N ARG A 337 -37.01 4.46 9.08
CA ARG A 337 -37.95 4.14 10.15
C ARG A 337 -39.40 4.24 9.69
N LYS A 338 -39.70 5.19 8.81
CA LYS A 338 -41.08 5.38 8.42
C LYS A 338 -41.56 4.32 7.43
N ASN A 339 -40.65 3.74 6.64
CA ASN A 339 -41.08 2.97 5.47
C ASN A 339 -40.69 1.50 5.49
N TRP A 340 -39.65 1.11 6.22
CA TRP A 340 -39.03 -0.20 6.11
C TRP A 340 -39.01 -0.90 7.47
N ALA A 341 -38.92 -2.22 7.44
CA ALA A 341 -39.00 -3.03 8.67
C ALA A 341 -37.60 -3.32 9.19
N TRP A 342 -37.39 -3.10 10.49
CA TRP A 342 -36.07 -3.24 11.09
C TRP A 342 -35.98 -4.59 11.80
N GLU A 343 -34.98 -5.39 11.44
CA GLU A 343 -34.70 -6.65 12.11
C GLU A 343 -33.35 -6.49 12.84
N GLU A 344 -33.36 -6.59 14.16
CA GLU A 344 -32.11 -6.50 14.90
C GLU A 344 -31.32 -7.80 14.74
N VAL A 345 -30.10 -7.69 14.22
CA VAL A 345 -29.21 -8.85 14.19
C VAL A 345 -28.63 -9.08 15.58
N LYS A 346 -28.11 -8.02 16.18
CA LYS A 346 -27.48 -7.97 17.48
C LYS A 346 -27.39 -6.48 17.83
N PRO A 347 -27.00 -6.11 19.04
CA PRO A 347 -26.98 -4.67 19.37
C PRO A 347 -26.16 -3.86 18.36
N GLN A 348 -26.74 -2.76 17.89
CA GLN A 348 -26.10 -1.83 16.96
C GLN A 348 -25.89 -2.40 15.56
N VAL A 349 -26.62 -3.46 15.21
CA VAL A 349 -26.59 -4.05 13.87
C VAL A 349 -28.03 -4.39 13.49
N HIS A 350 -28.56 -3.70 12.49
CA HIS A 350 -29.96 -3.89 12.06
C HIS A 350 -30.00 -4.18 10.56
N LYS A 351 -30.82 -5.17 10.19
CA LYS A 351 -31.20 -5.35 8.80
C LYS A 351 -32.43 -4.49 8.56
N ILE A 352 -32.41 -3.74 7.47
CA ILE A 352 -33.54 -2.86 7.13
C ILE A 352 -34.12 -3.38 5.83
N HIS A 353 -35.31 -3.99 5.93
CA HIS A 353 -35.93 -4.71 4.83
C HIS A 353 -36.72 -3.73 3.97
N ARG A 354 -36.31 -3.60 2.71
CA ARG A 354 -36.93 -2.62 1.85
C ARG A 354 -38.21 -3.14 1.22
N THR A 355 -38.76 -4.21 1.76
CA THR A 355 -39.98 -4.81 1.23
C THR A 355 -41.24 -4.23 1.85
N GLY A 356 -41.14 -3.39 2.87
CA GLY A 356 -42.32 -2.79 3.46
C GLY A 356 -42.10 -2.52 4.93
N LYS A 357 -43.14 -1.98 5.57
CA LYS A 357 -43.07 -1.58 6.97
C LYS A 357 -43.59 -2.64 7.94
N ASP A 358 -44.68 -3.32 7.61
CA ASP A 358 -45.31 -4.24 8.54
C ASP A 358 -44.63 -5.60 8.40
N GLY A 359 -43.61 -5.83 9.21
CA GLY A 359 -42.96 -7.12 9.26
C GLY A 359 -42.13 -7.45 8.04
N PHE A 360 -41.52 -8.63 8.08
CA PHE A 360 -40.57 -9.01 7.05
C PHE A 360 -40.49 -10.53 6.98
N ASP A 361 -40.06 -11.00 5.82
CA ASP A 361 -39.67 -12.39 5.67
C ASP A 361 -38.28 -12.57 6.26
N ALA A 362 -38.11 -13.55 7.14
CA ALA A 362 -36.80 -13.78 7.74
C ALA A 362 -35.75 -14.11 6.69
N HIS A 363 -36.15 -14.65 5.53
CA HIS A 363 -35.23 -15.00 4.46
C HIS A 363 -35.25 -14.02 3.29
N ASN A 364 -35.89 -12.86 3.45
CA ASN A 364 -35.82 -11.80 2.45
C ASN A 364 -34.37 -11.46 2.09
N ASP A 365 -34.12 -11.25 0.80
CA ASP A 365 -32.80 -10.86 0.33
C ASP A 365 -32.65 -9.36 0.11
N ASP A 366 -33.73 -8.59 0.14
CA ASP A 366 -33.68 -7.16 -0.19
C ASP A 366 -33.68 -6.37 1.12
N TYR A 367 -32.50 -6.29 1.73
CA TYR A 367 -32.32 -5.52 2.95
C TYR A 367 -31.00 -4.78 2.89
N LEU A 368 -30.88 -3.76 3.74
CA LEU A 368 -29.61 -3.10 4.00
C LEU A 368 -29.19 -3.46 5.42
N ILE A 369 -27.89 -3.40 5.71
CA ILE A 369 -27.40 -3.52 7.08
C ILE A 369 -26.96 -2.14 7.54
N LEU A 370 -27.62 -1.63 8.57
CA LEU A 370 -27.26 -0.35 9.18
C LEU A 370 -26.53 -0.59 10.47
N LEU A 371 -25.40 0.08 10.65
CA LEU A 371 -24.61 -0.02 11.88
C LEU A 371 -24.88 1.15 12.82
N ALA A 372 -25.00 0.84 14.11
CA ALA A 372 -25.13 1.82 15.20
C ALA A 372 -26.31 2.77 14.98
N GLU A 373 -27.31 2.31 14.23
CA GLU A 373 -28.49 3.12 13.89
C GLU A 373 -28.08 4.46 13.28
N GLY A 374 -26.97 4.46 12.54
CA GLY A 374 -26.48 5.68 11.93
C GLY A 374 -25.67 6.58 12.85
N ARG A 375 -25.52 6.22 14.12
CA ARG A 375 -24.65 6.94 15.03
C ARG A 375 -23.19 6.63 14.74
N LEU A 376 -22.28 7.49 15.23
CA LEU A 376 -20.84 7.32 15.00
C LEU A 376 -20.38 5.87 15.06
N VAL A 377 -19.99 5.30 13.93
CA VAL A 377 -19.88 3.84 13.87
C VAL A 377 -18.62 3.33 14.58
N ASN A 378 -17.51 4.09 14.55
CA ASN A 378 -16.31 3.56 15.20
C ASN A 378 -16.52 3.41 16.69
N LEU A 379 -17.25 4.37 17.33
CA LEU A 379 -17.54 4.25 18.75
C LEU A 379 -18.73 3.36 19.04
N GLY A 380 -19.68 3.27 18.11
CA GLY A 380 -20.89 2.50 18.36
C GLY A 380 -20.68 1.01 18.25
N ASN A 381 -19.87 0.58 17.29
CA ASN A 381 -19.67 -0.84 17.00
C ASN A 381 -18.29 -1.34 17.37
N ALA A 382 -17.38 -0.46 17.79
CA ALA A 382 -16.10 -0.88 18.32
C ALA A 382 -15.76 -0.02 19.54
N THR A 383 -14.52 0.46 19.66
CA THR A 383 -14.12 1.25 20.84
C THR A 383 -13.57 2.62 20.47
N GLY A 384 -13.89 3.12 19.27
CA GLY A 384 -13.32 4.36 18.77
C GLY A 384 -11.82 4.30 18.56
N HIS A 385 -11.20 5.47 18.66
CA HIS A 385 -9.79 5.59 18.41
C HIS A 385 -8.98 4.90 19.50
N PRO A 386 -7.80 4.40 19.16
CA PRO A 386 -6.96 3.77 20.18
C PRO A 386 -6.29 4.81 21.09
N SER A 387 -5.91 4.34 22.27
CA SER A 387 -5.31 5.20 23.30
C SER A 387 -4.16 6.04 22.77
N ARG A 388 -3.19 5.41 22.07
CA ARG A 388 -2.00 6.14 21.65
C ARG A 388 -2.34 7.28 20.68
N ILE A 389 -3.45 7.18 19.96
CA ILE A 389 -3.90 8.30 19.14
C ILE A 389 -4.63 9.33 20.00
N MET A 390 -5.48 8.87 20.92
CA MET A 390 -6.23 9.83 21.74
C MET A 390 -5.32 10.57 22.69
N ASP A 391 -4.14 10.00 22.98
CA ASP A 391 -3.12 10.70 23.75
C ASP A 391 -2.93 12.13 23.25
N GLY A 392 -2.80 12.29 21.94
CA GLY A 392 -2.60 13.61 21.36
C GLY A 392 -3.76 14.55 21.62
N SER A 393 -4.98 14.11 21.26
CA SER A 393 -6.19 14.91 21.49
C SER A 393 -6.32 15.30 22.95
N PHE A 394 -6.07 14.37 23.87
CA PHE A 394 -6.40 14.67 25.25
C PHE A 394 -5.28 15.42 25.96
N ALA A 395 -4.04 15.33 25.48
CA ALA A 395 -3.03 16.25 25.97
C ALA A 395 -3.38 17.70 25.60
N ASN A 396 -3.89 17.91 24.38
CA ASN A 396 -4.36 19.25 24.01
C ASN A 396 -5.51 19.71 24.90
N GLN A 397 -6.45 18.80 25.20
CA GLN A 397 -7.56 19.16 26.08
C GLN A 397 -7.06 19.63 27.44
N VAL A 398 -6.07 18.92 28.00
CA VAL A 398 -5.57 19.29 29.32
C VAL A 398 -4.88 20.64 29.28
N LEU A 399 -4.04 20.88 28.26
CA LEU A 399 -3.39 22.19 28.16
C LEU A 399 -4.42 23.30 27.97
N ALA A 400 -5.47 23.03 27.20
CA ALA A 400 -6.47 24.05 26.95
C ALA A 400 -7.26 24.38 28.22
N GLN A 401 -7.63 23.36 28.99
CA GLN A 401 -8.28 23.57 30.29
C GLN A 401 -7.42 24.42 31.22
N ILE A 402 -6.13 24.07 31.37
CA ILE A 402 -5.23 24.88 32.18
C ILE A 402 -5.21 26.32 31.66
N HIS A 403 -5.12 26.49 30.34
CA HIS A 403 -4.99 27.85 29.83
C HIS A 403 -6.23 28.70 30.12
N LEU A 404 -7.43 28.19 29.82
CA LEU A 404 -8.60 29.03 30.09
C LEU A 404 -8.89 29.14 31.58
N PHE A 405 -8.57 28.11 32.37
CA PHE A 405 -8.80 28.26 33.81
C PHE A 405 -7.86 29.30 34.40
N GLU A 406 -6.60 29.32 33.93
CA GLU A 406 -5.68 30.34 34.42
C GLU A 406 -6.09 31.74 33.97
N GLN A 407 -6.76 31.86 32.82
CA GLN A 407 -7.10 33.19 32.34
C GLN A 407 -8.27 33.83 33.07
N LYS A 408 -9.14 33.05 33.72
CA LYS A 408 -10.19 33.57 34.62
C LYS A 408 -11.13 34.56 33.94
N TYR A 409 -11.62 34.20 32.74
CA TYR A 409 -12.54 35.10 32.04
C TYR A 409 -13.76 35.49 32.88
N ALA A 410 -14.28 34.56 33.68
CA ALA A 410 -15.52 34.83 34.39
C ALA A 410 -15.37 35.99 35.38
N ASP A 411 -14.15 36.25 35.82
CA ASP A 411 -13.90 37.26 36.83
C ASP A 411 -13.64 38.64 36.22
N LEU A 412 -13.71 38.80 34.91
CA LEU A 412 -13.49 40.10 34.31
C LEU A 412 -14.74 40.96 34.38
N PRO A 413 -14.59 42.28 34.39
CA PRO A 413 -15.76 43.14 34.18
C PRO A 413 -16.31 43.00 32.77
N ALA A 414 -17.56 43.47 32.62
CA ALA A 414 -18.28 43.35 31.34
C ALA A 414 -17.45 43.89 30.18
N ALA A 415 -16.87 45.10 30.35
CA ALA A 415 -16.04 45.68 29.29
C ALA A 415 -14.88 44.76 28.92
N GLU A 416 -14.18 44.19 29.92
CA GLU A 416 -13.02 43.35 29.60
C GLU A 416 -13.41 42.01 28.99
N LYS A 417 -14.55 41.43 29.38
CA LYS A 417 -14.97 40.18 28.76
C LYS A 417 -15.13 40.35 27.26
N ALA A 418 -15.67 41.49 26.83
CA ALA A 418 -15.97 41.71 25.42
C ALA A 418 -14.71 41.65 24.57
N LYS A 419 -13.62 42.23 25.07
CA LYS A 419 -12.36 42.20 24.34
C LYS A 419 -11.69 40.84 24.39
N ARG A 420 -12.13 39.93 25.26
CA ARG A 420 -11.51 38.63 25.46
C ARG A 420 -12.31 37.48 24.83
N LEU A 421 -13.54 37.73 24.43
CA LEU A 421 -14.43 36.68 23.95
C LEU A 421 -14.02 36.24 22.55
N SER A 422 -13.52 35.01 22.42
CA SER A 422 -12.95 34.54 21.15
C SER A 422 -12.96 33.02 21.14
N VAL A 423 -12.68 32.46 19.96
CA VAL A 423 -12.40 31.04 19.77
C VAL A 423 -10.96 30.94 19.26
N GLU A 424 -10.08 30.37 20.06
CA GLU A 424 -8.67 30.34 19.72
C GLU A 424 -8.17 28.91 19.65
N VAL A 425 -7.00 28.74 19.04
CA VAL A 425 -6.31 27.45 19.06
C VAL A 425 -5.11 27.58 19.99
N LEU A 426 -4.59 26.44 20.43
CA LEU A 426 -3.36 26.44 21.21
C LEU A 426 -2.18 26.89 20.33
N PRO A 427 -1.15 27.51 20.92
CA PRO A 427 0.02 27.93 20.13
C PRO A 427 0.78 26.74 19.55
N LYS A 428 1.45 26.99 18.42
CA LYS A 428 2.16 25.90 17.73
C LYS A 428 3.23 25.27 18.64
N LYS A 429 3.92 26.06 19.45
CA LYS A 429 4.92 25.50 20.35
C LYS A 429 4.36 24.35 21.20
N LEU A 430 3.14 24.52 21.75
CA LEU A 430 2.56 23.44 22.54
C LEU A 430 2.19 22.25 21.66
N ASP A 431 1.64 22.55 20.48
CA ASP A 431 1.34 21.50 19.50
C ASP A 431 2.57 20.65 19.23
N GLU A 432 3.72 21.31 19.05
CA GLU A 432 4.97 20.59 18.81
C GLU A 432 5.38 19.78 20.04
N GLU A 433 5.11 20.32 21.24
CA GLU A 433 5.56 19.62 22.44
C GLU A 433 4.75 18.36 22.66
N VAL A 434 3.45 18.42 22.35
CA VAL A 434 2.63 17.21 22.32
C VAL A 434 3.20 16.22 21.31
N ALA A 435 3.46 16.70 20.10
CA ALA A 435 3.97 15.79 19.06
C ALA A 435 5.26 15.13 19.50
N LEU A 436 6.14 15.86 20.16
CA LEU A 436 7.43 15.28 20.53
C LEU A 436 7.23 14.10 21.47
N GLU A 437 6.31 14.23 22.43
CA GLU A 437 6.07 13.12 23.36
C GLU A 437 5.44 11.94 22.63
N MET A 438 4.56 12.19 21.66
CA MET A 438 4.01 11.07 20.89
C MET A 438 5.10 10.32 20.15
N VAL A 439 6.06 11.06 19.57
CA VAL A 439 7.11 10.43 18.76
C VAL A 439 8.00 9.58 19.64
N LYS A 440 8.34 10.12 20.81
CA LYS A 440 9.10 9.37 21.78
C LYS A 440 8.36 8.11 22.20
N GLY A 441 7.03 8.15 22.25
CA GLY A 441 6.29 6.96 22.59
C GLY A 441 6.48 5.85 21.56
N PHE A 442 6.74 6.23 20.31
CA PHE A 442 7.05 5.22 19.28
C PHE A 442 8.51 4.82 19.29
N GLY A 443 9.33 5.43 20.13
CA GLY A 443 10.76 5.21 20.05
C GLY A 443 11.44 6.04 18.98
N GLY A 444 10.70 7.00 18.38
CA GLY A 444 11.30 7.89 17.39
C GLY A 444 12.32 8.82 18.02
N VAL A 445 13.33 9.18 17.23
CA VAL A 445 14.39 10.11 17.65
C VAL A 445 14.36 11.31 16.71
N VAL A 446 13.97 12.47 17.25
CA VAL A 446 13.92 13.71 16.48
C VAL A 446 15.33 14.31 16.45
N THR A 447 15.75 14.76 15.28
CA THR A 447 17.06 15.39 15.16
C THR A 447 17.01 16.83 15.68
N GLN A 448 18.10 17.28 16.29
CA GLN A 448 18.22 18.67 16.72
C GLN A 448 19.04 19.46 15.71
N LEU A 449 18.54 20.64 15.35
CA LEU A 449 19.27 21.54 14.46
C LEU A 449 20.56 22.01 15.11
N THR A 450 21.61 22.16 14.30
CA THR A 450 22.76 22.92 14.71
C THR A 450 22.39 24.41 14.74
N PRO A 451 23.13 25.23 15.49
CA PRO A 451 22.87 26.68 15.42
C PRO A 451 22.97 27.25 14.02
N LYS A 452 23.95 26.81 13.22
CA LYS A 452 24.03 27.27 11.83
C LYS A 452 22.81 26.85 11.02
N GLN A 453 22.34 25.61 11.22
CA GLN A 453 21.16 25.19 10.47
C GLN A 453 19.92 25.97 10.89
N ALA A 454 19.76 26.23 12.19
CA ALA A 454 18.59 26.99 12.63
C ALA A 454 18.63 28.39 12.05
N GLU A 455 19.81 29.02 12.03
CA GLU A 455 19.94 30.34 11.44
C GLU A 455 19.65 30.29 9.94
N TYR A 456 20.05 29.21 9.27
CA TYR A 456 19.87 29.09 7.83
C TYR A 456 18.40 29.12 7.42
N ILE A 457 17.54 28.42 8.16
CA ILE A 457 16.12 28.40 7.82
C ILE A 457 15.32 29.36 8.68
N GLY A 458 15.95 30.09 9.59
CA GLY A 458 15.28 31.15 10.34
C GLY A 458 14.35 30.70 11.43
N VAL A 459 14.76 29.72 12.23
CA VAL A 459 13.99 29.24 13.37
C VAL A 459 14.88 29.21 14.60
N SER A 460 14.25 29.14 15.76
CA SER A 460 14.99 28.84 16.99
C SER A 460 15.23 27.34 17.04
N VAL A 461 16.38 26.94 17.60
CA VAL A 461 16.72 25.52 17.68
C VAL A 461 15.63 24.72 18.41
N GLU A 462 14.94 25.35 19.37
CA GLU A 462 13.88 24.65 20.09
C GLU A 462 12.54 24.73 19.39
N GLY A 463 12.44 25.44 18.27
CA GLY A 463 11.17 25.63 17.62
C GLY A 463 10.46 26.89 18.12
N PRO A 464 9.28 27.22 17.57
CA PRO A 464 8.53 26.50 16.52
C PRO A 464 9.27 26.45 15.19
N PHE A 465 9.01 25.39 14.42
CA PHE A 465 9.77 25.12 13.22
C PHE A 465 9.05 25.55 11.96
N LYS A 466 7.78 25.93 12.07
CA LYS A 466 6.98 26.29 10.91
C LYS A 466 6.24 27.59 11.19
N PRO A 467 5.96 28.38 10.17
CA PRO A 467 5.05 29.51 10.34
C PRO A 467 3.63 29.02 10.56
N ASP A 468 2.80 29.87 11.14
CA ASP A 468 1.40 29.53 11.43
C ASP A 468 0.62 29.21 10.17
N THR A 469 1.03 29.71 9.01
CA THR A 469 0.35 29.36 7.77
C THR A 469 0.57 27.89 7.37
N TYR A 470 1.53 27.18 7.95
CA TYR A 470 1.90 25.86 7.42
C TYR A 470 0.80 24.83 7.62
N ARG A 471 0.58 23.99 6.60
CA ARG A 471 -0.54 23.06 6.57
C ARG A 471 -0.16 21.60 6.88
N TYR A 472 1.13 21.25 6.87
CA TYR A 472 1.55 19.86 7.12
C TYR A 472 0.89 18.92 6.13
N GLY B 12 -37.91 -33.17 21.83
CA GLY B 12 -37.19 -34.03 22.76
C GLY B 12 -35.77 -34.33 22.31
N PHE B 13 -35.13 -33.36 21.65
CA PHE B 13 -33.76 -33.52 21.16
C PHE B 13 -32.78 -33.03 22.23
N THR B 14 -31.92 -33.93 22.71
CA THR B 14 -30.97 -33.60 23.77
C THR B 14 -29.54 -33.99 23.43
N ASP B 15 -29.28 -34.45 22.20
CA ASP B 15 -27.99 -35.05 21.84
C ASP B 15 -26.97 -33.97 21.44
N TYR B 16 -26.63 -33.11 22.39
CA TYR B 16 -25.70 -32.02 22.13
C TYR B 16 -25.18 -31.49 23.46
N LYS B 17 -24.18 -30.61 23.38
CA LYS B 17 -23.80 -29.79 24.52
C LYS B 17 -23.18 -28.50 24.01
N VAL B 18 -23.80 -27.37 24.37
CA VAL B 18 -23.35 -26.04 23.97
C VAL B 18 -23.47 -25.13 25.18
N ALA B 19 -22.96 -23.91 25.04
CA ALA B 19 -22.92 -23.02 26.20
C ALA B 19 -24.30 -22.52 26.59
N ASP B 20 -25.17 -22.26 25.60
CA ASP B 20 -26.43 -21.56 25.87
C ASP B 20 -27.32 -21.76 24.64
N ILE B 21 -28.23 -22.73 24.72
CA ILE B 21 -29.13 -22.98 23.60
C ILE B 21 -29.98 -21.76 23.22
N THR B 22 -30.21 -20.83 24.15
CA THR B 22 -31.06 -19.68 23.81
C THR B 22 -30.38 -18.71 22.84
N LEU B 23 -29.10 -18.87 22.58
CA LEU B 23 -28.44 -18.05 21.56
C LEU B 23 -28.78 -18.48 20.14
N ALA B 24 -29.64 -19.48 19.98
CA ALA B 24 -29.83 -20.09 18.66
C ALA B 24 -30.45 -19.10 17.68
N ALA B 25 -31.44 -18.30 18.13
CA ALA B 25 -32.08 -17.37 17.21
C ALA B 25 -31.08 -16.38 16.64
N TRP B 26 -30.20 -15.85 17.49
CA TRP B 26 -29.11 -15.00 17.04
C TRP B 26 -28.20 -15.75 16.06
N GLY B 27 -27.83 -16.97 16.43
CA GLY B 27 -27.01 -17.76 15.52
C GLY B 27 -27.64 -17.90 14.16
N ARG B 28 -28.98 -18.07 14.13
CA ARG B 28 -29.67 -18.29 12.86
C ARG B 28 -29.69 -17.02 12.01
N ARG B 29 -29.89 -15.86 12.63
CA ARG B 29 -29.80 -14.62 11.88
C ARG B 29 -28.42 -14.46 11.23
N GLU B 30 -27.36 -14.81 11.97
CA GLU B 30 -26.03 -14.69 11.39
C GLU B 30 -25.78 -15.76 10.34
N LEU B 31 -26.39 -16.94 10.49
CA LEU B 31 -26.27 -17.96 9.44
C LEU B 31 -26.93 -17.47 8.16
N ILE B 32 -28.09 -16.84 8.27
CA ILE B 32 -28.79 -16.38 7.07
C ILE B 32 -27.95 -15.32 6.34
N ILE B 33 -27.31 -14.42 7.11
CA ILE B 33 -26.39 -13.47 6.49
C ILE B 33 -25.21 -14.21 5.85
N ALA B 34 -24.63 -15.18 6.57
CA ALA B 34 -23.47 -15.90 6.05
C ALA B 34 -23.78 -16.60 4.74
N GLU B 35 -24.99 -17.15 4.59
CA GLU B 35 -25.33 -17.82 3.34
C GLU B 35 -25.21 -16.87 2.16
N SER B 36 -25.66 -15.62 2.32
CA SER B 36 -25.53 -14.63 1.25
C SER B 36 -24.06 -14.25 0.99
N GLU B 37 -23.16 -14.53 1.91
CA GLU B 37 -21.73 -14.28 1.70
C GLU B 37 -20.97 -15.49 1.15
N MET B 38 -21.65 -16.64 0.93
CA MET B 38 -20.95 -17.89 0.61
C MET B 38 -21.59 -18.50 -0.64
N PRO B 39 -21.40 -17.87 -1.80
CA PRO B 39 -22.10 -18.33 -3.02
C PRO B 39 -21.61 -19.68 -3.53
N ALA B 40 -20.31 -19.97 -3.43
CA ALA B 40 -19.82 -21.27 -3.91
C ALA B 40 -20.46 -22.42 -3.15
N LEU B 41 -20.50 -22.29 -1.82
CA LEU B 41 -21.12 -23.29 -0.97
C LEU B 41 -22.63 -23.39 -1.21
N MET B 42 -23.32 -22.26 -1.24
CA MET B 42 -24.76 -22.33 -1.49
C MET B 42 -25.06 -22.84 -2.89
N GLY B 43 -24.20 -22.56 -3.85
CA GLY B 43 -24.39 -23.12 -5.17
C GLY B 43 -24.29 -24.64 -5.19
N LEU B 44 -23.46 -25.21 -4.31
CA LEU B 44 -23.39 -26.67 -4.20
C LEU B 44 -24.67 -27.24 -3.63
N ARG B 45 -25.27 -26.58 -2.63
CA ARG B 45 -26.59 -27.01 -2.19
C ARG B 45 -27.55 -27.13 -3.36
N ARG B 46 -27.61 -26.09 -4.19
CA ARG B 46 -28.59 -26.09 -5.27
C ARG B 46 -28.24 -27.13 -6.33
N LYS B 47 -26.96 -27.26 -6.68
CA LYS B 47 -26.57 -28.17 -7.75
C LYS B 47 -26.77 -29.62 -7.35
N TYR B 48 -26.52 -29.97 -6.09
CA TYR B 48 -26.54 -31.36 -5.66
C TYR B 48 -27.76 -31.75 -4.83
N ALA B 49 -28.59 -30.81 -4.36
CA ALA B 49 -29.69 -31.21 -3.48
C ALA B 49 -30.58 -32.28 -4.11
N GLY B 50 -30.94 -32.13 -5.39
CA GLY B 50 -31.80 -33.12 -6.02
C GLY B 50 -31.22 -34.51 -6.04
N GLN B 51 -29.90 -34.63 -6.15
CA GLN B 51 -29.25 -35.93 -6.31
C GLN B 51 -28.81 -36.54 -5.00
N GLN B 52 -28.84 -35.81 -3.88
CA GLN B 52 -28.52 -36.32 -2.55
C GLN B 52 -27.23 -37.15 -2.60
N PRO B 53 -26.11 -36.57 -3.05
CA PRO B 53 -24.87 -37.37 -3.21
C PRO B 53 -24.31 -37.90 -1.90
N LEU B 54 -24.74 -37.37 -0.77
CA LEU B 54 -24.26 -37.78 0.54
C LEU B 54 -25.30 -38.58 1.33
N LYS B 55 -26.39 -39.01 0.69
CA LYS B 55 -27.35 -39.87 1.33
C LYS B 55 -26.64 -41.14 1.80
N GLY B 56 -26.75 -41.45 3.09
CA GLY B 56 -26.05 -42.56 3.69
C GLY B 56 -24.72 -42.20 4.30
N ALA B 57 -24.22 -40.99 4.06
CA ALA B 57 -22.99 -40.55 4.71
C ALA B 57 -23.24 -40.22 6.19
N LYS B 58 -22.31 -40.64 7.04
CA LYS B 58 -22.33 -40.34 8.46
C LYS B 58 -20.97 -39.77 8.80
N ILE B 59 -20.89 -38.46 9.02
CA ILE B 59 -19.63 -37.74 9.04
C ILE B 59 -19.29 -37.32 10.47
N LEU B 60 -18.14 -37.76 10.94
CA LEU B 60 -17.51 -37.16 12.12
C LEU B 60 -16.81 -35.87 11.70
N GLY B 61 -17.27 -34.74 12.23
CA GLY B 61 -16.67 -33.45 11.92
C GLY B 61 -15.99 -32.83 13.13
N CYS B 62 -14.77 -32.34 12.94
CA CYS B 62 -13.99 -31.69 14.01
C CYS B 62 -13.33 -30.45 13.40
N ILE B 63 -13.99 -29.30 13.54
CA ILE B 63 -13.44 -28.05 13.03
C ILE B 63 -14.14 -26.90 13.74
N HIS B 64 -13.36 -25.87 14.09
CA HIS B 64 -13.83 -24.63 14.70
C HIS B 64 -15.32 -24.41 14.49
N MET B 65 -16.11 -24.39 15.58
CA MET B 65 -17.57 -24.35 15.45
C MET B 65 -18.01 -22.90 15.34
N THR B 66 -17.75 -22.31 14.18
CA THR B 66 -18.08 -20.94 13.85
C THR B 66 -19.38 -20.86 13.05
N ILE B 67 -19.83 -19.62 12.79
CA ILE B 67 -20.93 -19.42 11.86
C ILE B 67 -20.62 -20.04 10.50
N GLN B 68 -19.39 -19.86 10.02
CA GLN B 68 -19.02 -20.41 8.71
C GLN B 68 -19.10 -21.93 8.72
N THR B 69 -18.63 -22.57 9.79
CA THR B 69 -18.80 -24.02 9.87
C THR B 69 -20.27 -24.42 9.91
N GLY B 70 -21.13 -23.57 10.50
CA GLY B 70 -22.54 -23.87 10.49
C GLY B 70 -23.11 -24.00 9.09
N VAL B 71 -22.73 -23.09 8.17
CA VAL B 71 -23.18 -23.19 6.78
C VAL B 71 -22.58 -24.43 6.11
N LEU B 72 -21.33 -24.77 6.42
CA LEU B 72 -20.77 -26.02 5.91
C LEU B 72 -21.57 -27.22 6.42
N ILE B 73 -21.87 -27.24 7.72
CA ILE B 73 -22.61 -28.35 8.31
C ILE B 73 -23.98 -28.48 7.64
N GLU B 74 -24.70 -27.37 7.51
CA GLU B 74 -26.03 -27.51 6.93
C GLU B 74 -25.98 -27.83 5.45
N THR B 75 -24.87 -27.55 4.76
CA THR B 75 -24.75 -27.97 3.38
C THR B 75 -24.60 -29.49 3.28
N LEU B 76 -23.74 -30.07 4.13
CA LEU B 76 -23.57 -31.53 4.10
C LEU B 76 -24.89 -32.23 4.42
N VAL B 77 -25.63 -31.71 5.39
CA VAL B 77 -26.93 -32.27 5.72
C VAL B 77 -27.93 -32.06 4.57
N ALA B 78 -27.93 -30.88 3.94
CA ALA B 78 -28.83 -30.64 2.80
C ALA B 78 -28.56 -31.60 1.64
N LEU B 79 -27.36 -32.18 1.55
CA LEU B 79 -27.01 -33.11 0.50
C LEU B 79 -27.16 -34.57 0.92
N GLY B 80 -27.64 -34.82 2.13
CA GLY B 80 -28.03 -36.15 2.57
C GLY B 80 -27.29 -36.69 3.79
N ALA B 81 -26.22 -36.05 4.24
CA ALA B 81 -25.41 -36.60 5.33
C ALA B 81 -26.07 -36.43 6.69
N GLU B 82 -25.74 -37.35 7.59
CA GLU B 82 -25.84 -37.10 9.02
C GLU B 82 -24.45 -36.74 9.54
N VAL B 83 -24.39 -35.97 10.62
CA VAL B 83 -23.12 -35.54 11.17
C VAL B 83 -23.19 -35.54 12.70
N ARG B 84 -22.01 -35.64 13.33
CA ARG B 84 -21.81 -35.37 14.75
C ARG B 84 -20.55 -34.53 14.85
N TRP B 85 -20.65 -33.35 15.49
CA TRP B 85 -19.65 -32.31 15.32
C TRP B 85 -19.00 -31.90 16.63
N SER B 86 -17.73 -31.48 16.53
CA SER B 86 -17.01 -30.83 17.63
C SER B 86 -16.08 -29.78 17.06
N SER B 87 -15.58 -28.90 17.92
CA SER B 87 -14.59 -27.91 17.48
C SER B 87 -13.19 -28.50 17.61
N CYS B 88 -12.26 -27.98 16.79
CA CYS B 88 -10.87 -28.43 16.87
C CYS B 88 -10.00 -27.46 17.67
N ASN B 89 -10.62 -26.55 18.43
CA ASN B 89 -9.87 -25.70 19.31
C ASN B 89 -10.76 -25.24 20.47
N ILE B 90 -10.15 -25.07 21.65
CA ILE B 90 -10.91 -24.78 22.87
C ILE B 90 -11.50 -23.36 22.91
N PHE B 91 -10.97 -22.43 22.11
CA PHE B 91 -11.42 -21.04 22.11
C PHE B 91 -12.08 -20.61 20.80
N SER B 92 -12.18 -21.49 19.80
CA SER B 92 -12.61 -21.03 18.48
C SER B 92 -14.12 -21.06 18.26
N THR B 93 -14.89 -21.73 19.10
CA THR B 93 -16.34 -21.80 18.88
C THR B 93 -17.00 -20.44 19.06
N GLN B 94 -17.97 -20.13 18.19
CA GLN B 94 -18.92 -19.06 18.45
C GLN B 94 -20.16 -19.69 19.05
N ASP B 95 -20.51 -19.29 20.28
CA ASP B 95 -21.55 -20.01 20.98
C ASP B 95 -22.91 -19.87 20.31
N GLN B 96 -23.13 -18.77 19.57
CA GLN B 96 -24.41 -18.65 18.88
C GLN B 96 -24.48 -19.57 17.67
N ALA B 97 -23.33 -19.86 17.04
CA ALA B 97 -23.33 -20.84 15.95
C ALA B 97 -23.63 -22.23 16.48
N ALA B 98 -22.93 -22.64 17.54
CA ALA B 98 -23.17 -23.96 18.12
C ALA B 98 -24.62 -24.12 18.54
N ALA B 99 -25.20 -23.08 19.15
CA ALA B 99 -26.60 -23.15 19.57
C ALA B 99 -27.54 -23.33 18.37
N ALA B 100 -27.32 -22.59 17.28
CA ALA B 100 -28.21 -22.69 16.14
C ALA B 100 -28.14 -24.06 15.51
N ILE B 101 -26.97 -24.68 15.51
CA ILE B 101 -26.80 -26.04 14.98
C ILE B 101 -27.53 -27.04 15.86
N ALA B 102 -27.35 -26.93 17.18
CA ALA B 102 -28.04 -27.82 18.11
C ALA B 102 -29.55 -27.72 17.96
N ALA B 103 -30.07 -26.48 17.95
CA ALA B 103 -31.51 -26.26 17.86
C ALA B 103 -32.08 -26.76 16.55
N ALA B 104 -31.25 -26.93 15.52
CA ALA B 104 -31.68 -27.54 14.26
C ALA B 104 -31.71 -29.07 14.34
N GLY B 105 -31.42 -29.66 15.49
CA GLY B 105 -31.44 -31.09 15.66
C GLY B 105 -30.17 -31.83 15.26
N ILE B 106 -29.02 -31.16 15.32
CA ILE B 106 -27.76 -31.69 14.83
C ILE B 106 -26.83 -31.90 16.01
N PRO B 107 -26.25 -33.09 16.20
CA PRO B 107 -25.36 -33.32 17.36
C PRO B 107 -24.10 -32.46 17.27
N VAL B 108 -23.95 -31.54 18.22
CA VAL B 108 -22.77 -30.68 18.30
C VAL B 108 -22.34 -30.56 19.77
N PHE B 109 -21.04 -30.63 19.99
CA PHE B 109 -20.44 -30.59 21.33
C PHE B 109 -19.29 -29.59 21.27
N ALA B 110 -19.55 -28.34 21.67
CA ALA B 110 -18.57 -27.28 21.46
C ALA B 110 -19.02 -26.04 22.19
N TRP B 111 -18.07 -25.39 22.87
CA TRP B 111 -18.34 -24.07 23.45
C TRP B 111 -17.03 -23.30 23.52
N LYS B 112 -17.15 -21.97 23.61
CA LYS B 112 -15.97 -21.11 23.76
C LYS B 112 -15.43 -21.21 25.18
N GLY B 113 -14.12 -21.43 25.31
CA GLY B 113 -13.52 -21.60 26.62
C GLY B 113 -13.55 -23.00 27.19
N GLU B 114 -13.45 -24.03 26.36
CA GLU B 114 -13.32 -25.39 26.88
C GLU B 114 -11.99 -25.58 27.62
N THR B 115 -11.99 -26.49 28.60
CA THR B 115 -10.75 -26.99 29.14
C THR B 115 -10.20 -28.08 28.22
N GLU B 116 -8.95 -28.48 28.45
CA GLU B 116 -8.39 -29.58 27.65
C GLU B 116 -9.20 -30.84 27.84
N GLU B 117 -9.63 -31.11 29.07
CA GLU B 117 -10.42 -32.29 29.34
C GLU B 117 -11.75 -32.24 28.59
N GLU B 118 -12.43 -31.09 28.66
CA GLU B 118 -13.69 -30.95 27.94
C GLU B 118 -13.49 -31.07 26.43
N TYR B 119 -12.37 -30.58 25.92
CA TYR B 119 -12.09 -30.69 24.49
C TYR B 119 -12.07 -32.15 24.05
N GLU B 120 -11.37 -33.01 24.80
CA GLU B 120 -11.33 -34.43 24.48
C GLU B 120 -12.70 -35.06 24.63
N TRP B 121 -13.42 -34.68 25.68
CA TRP B 121 -14.76 -35.19 25.92
C TRP B 121 -15.68 -34.88 24.75
N CYS B 122 -15.58 -33.67 24.19
CA CYS B 122 -16.43 -33.28 23.07
C CYS B 122 -16.15 -34.12 21.83
N ILE B 123 -14.88 -34.38 21.51
CA ILE B 123 -14.61 -35.24 20.37
C ILE B 123 -15.19 -36.62 20.61
N GLU B 124 -15.07 -37.10 21.85
CA GLU B 124 -15.61 -38.41 22.22
C GLU B 124 -17.11 -38.50 22.02
N GLN B 125 -17.84 -37.41 22.28
CA GLN B 125 -19.28 -37.44 22.10
C GLN B 125 -19.69 -37.49 20.63
N THR B 126 -18.82 -37.07 19.70
CA THR B 126 -19.13 -37.34 18.30
C THR B 126 -18.86 -38.81 17.96
N ILE B 127 -17.78 -39.38 18.49
CA ILE B 127 -17.39 -40.75 18.17
C ILE B 127 -18.39 -41.75 18.75
N LEU B 128 -18.88 -41.47 19.96
CA LEU B 128 -19.78 -42.37 20.66
C LEU B 128 -21.20 -41.83 20.59
N LYS B 129 -22.14 -42.71 20.25
CA LYS B 129 -23.56 -42.40 20.36
C LYS B 129 -24.18 -43.45 21.28
N ASP B 130 -24.88 -42.98 22.32
CA ASP B 130 -25.47 -43.87 23.33
C ASP B 130 -24.45 -44.84 23.90
N GLY B 131 -23.21 -44.36 24.09
CA GLY B 131 -22.20 -45.15 24.76
C GLY B 131 -21.46 -46.16 23.90
N GLN B 132 -21.78 -46.27 22.62
CA GLN B 132 -21.11 -47.18 21.70
C GLN B 132 -20.57 -46.40 20.51
N PRO B 133 -19.57 -46.94 19.81
CA PRO B 133 -19.08 -46.25 18.62
C PRO B 133 -20.20 -46.02 17.62
N TRP B 134 -20.28 -44.79 17.10
CA TRP B 134 -21.22 -44.47 16.04
C TRP B 134 -20.82 -45.20 14.77
N ASP B 135 -21.81 -45.52 13.94
CA ASP B 135 -21.55 -46.15 12.65
C ASP B 135 -21.15 -45.11 11.59
N ALA B 136 -20.06 -44.42 11.90
CA ALA B 136 -19.55 -43.38 11.03
C ALA B 136 -18.86 -43.98 9.81
N ASN B 137 -18.90 -43.25 8.70
CA ASN B 137 -18.25 -43.72 7.48
C ASN B 137 -17.51 -42.61 6.74
N MET B 138 -17.41 -41.41 7.32
CA MET B 138 -16.66 -40.31 6.73
C MET B 138 -16.11 -39.46 7.87
N VAL B 139 -15.00 -38.79 7.61
CA VAL B 139 -14.34 -37.93 8.58
C VAL B 139 -14.03 -36.60 7.93
N LEU B 140 -14.30 -35.51 8.64
CA LEU B 140 -13.88 -34.17 8.25
C LEU B 140 -13.11 -33.57 9.42
N ASP B 141 -11.88 -33.13 9.18
CA ASP B 141 -10.97 -32.81 10.27
C ASP B 141 -10.18 -31.55 9.94
N ASP B 142 -9.79 -30.83 10.99
CA ASP B 142 -9.00 -29.61 10.90
C ASP B 142 -7.91 -29.74 11.95
N GLY B 143 -6.73 -30.21 11.54
CA GLY B 143 -5.57 -30.30 12.40
C GLY B 143 -5.17 -31.70 12.79
N GLY B 144 -6.01 -32.70 12.49
CA GLY B 144 -5.68 -34.10 12.68
C GLY B 144 -5.99 -34.66 14.05
N ASP B 145 -6.56 -33.89 14.98
CA ASP B 145 -6.82 -34.43 16.31
C ASP B 145 -7.87 -35.56 16.27
N LEU B 146 -8.96 -35.36 15.53
CA LEU B 146 -9.97 -36.42 15.44
C LEU B 146 -9.38 -37.64 14.73
N THR B 147 -8.63 -37.40 13.66
CA THR B 147 -7.99 -38.47 12.92
C THR B 147 -7.09 -39.29 13.83
N GLU B 148 -6.28 -38.60 14.65
CA GLU B 148 -5.34 -39.29 15.54
C GLU B 148 -6.06 -40.15 16.57
N ILE B 149 -7.10 -39.61 17.20
CA ILE B 149 -7.85 -40.38 18.19
C ILE B 149 -8.47 -41.62 17.54
N LEU B 150 -9.03 -41.47 16.34
CA LEU B 150 -9.58 -42.63 15.63
C LEU B 150 -8.50 -43.68 15.41
N HIS B 151 -7.34 -43.26 14.88
CA HIS B 151 -6.31 -44.26 14.60
C HIS B 151 -5.76 -44.90 15.87
N LYS B 152 -5.74 -44.17 16.97
CA LYS B 152 -5.10 -44.65 18.19
C LYS B 152 -6.07 -45.38 19.12
N LYS B 153 -7.25 -44.80 19.33
CA LYS B 153 -8.15 -45.33 20.36
C LYS B 153 -9.33 -46.11 19.79
N TYR B 154 -9.72 -45.87 18.55
CA TYR B 154 -10.89 -46.51 17.94
C TYR B 154 -10.57 -47.07 16.56
N PRO B 155 -9.47 -47.81 16.42
CA PRO B 155 -9.06 -48.24 15.08
C PRO B 155 -10.12 -49.07 14.35
N GLN B 156 -10.92 -49.84 15.08
CA GLN B 156 -11.98 -50.63 14.46
C GLN B 156 -12.96 -49.77 13.67
N MET B 157 -13.22 -48.53 14.11
CA MET B 157 -14.15 -47.67 13.40
C MET B 157 -13.67 -47.35 12.00
N LEU B 158 -12.35 -47.27 11.80
CA LEU B 158 -11.80 -46.96 10.47
C LEU B 158 -12.04 -48.07 9.46
N GLU B 159 -12.36 -49.29 9.90
CA GLU B 159 -12.71 -50.33 8.95
C GLU B 159 -13.97 -49.98 8.18
N ARG B 160 -14.78 -49.04 8.68
CA ARG B 160 -16.02 -48.65 8.03
C ARG B 160 -15.96 -47.28 7.37
N ILE B 161 -14.84 -46.57 7.47
CA ILE B 161 -14.76 -45.19 7.02
C ILE B 161 -14.18 -45.15 5.62
N HIS B 162 -14.81 -44.37 4.74
CA HIS B 162 -14.41 -44.28 3.34
C HIS B 162 -13.30 -43.26 3.10
N GLY B 163 -13.05 -42.37 4.05
CA GLY B 163 -12.04 -41.35 3.81
C GLY B 163 -12.15 -40.20 4.79
N ILE B 164 -11.09 -39.40 4.76
CA ILE B 164 -10.91 -38.20 5.59
C ILE B 164 -10.69 -37.03 4.64
N THR B 165 -11.31 -35.90 4.93
CA THR B 165 -11.01 -34.66 4.22
C THR B 165 -10.42 -33.68 5.25
N GLU B 166 -9.15 -33.31 5.06
CA GLU B 166 -8.39 -32.56 6.06
C GLU B 166 -8.22 -31.12 5.60
N GLU B 167 -8.52 -30.19 6.52
CA GLU B 167 -8.62 -28.77 6.20
C GLU B 167 -7.28 -28.04 6.14
N THR B 168 -6.32 -28.34 7.01
CA THR B 168 -5.24 -27.39 7.25
C THR B 168 -3.86 -28.05 7.17
N THR B 169 -2.87 -27.18 6.92
CA THR B 169 -1.49 -27.60 6.68
C THR B 169 -0.98 -28.57 7.75
N THR B 170 -1.23 -28.24 9.01
CA THR B 170 -0.72 -29.10 10.08
C THR B 170 -1.34 -30.49 10.01
N GLY B 171 -2.65 -30.55 9.79
CA GLY B 171 -3.29 -31.86 9.63
C GLY B 171 -2.76 -32.64 8.45
N VAL B 172 -2.47 -31.96 7.34
CA VAL B 172 -1.94 -32.67 6.17
C VAL B 172 -0.59 -33.27 6.49
N HIS B 173 0.25 -32.51 7.21
CA HIS B 173 1.55 -33.04 7.59
C HIS B 173 1.38 -34.32 8.39
N ARG B 174 0.40 -34.32 9.30
CA ARG B 174 0.19 -35.52 10.12
C ARG B 174 -0.32 -36.68 9.28
N LEU B 175 -1.17 -36.42 8.28
CA LEU B 175 -1.57 -37.51 7.40
C LEU B 175 -0.36 -38.06 6.63
N LEU B 176 0.48 -37.16 6.12
CA LEU B 176 1.59 -37.61 5.29
C LEU B 176 2.59 -38.40 6.11
N ASP B 177 2.76 -38.06 7.38
CA ASP B 177 3.58 -38.88 8.25
C ASP B 177 3.02 -40.30 8.35
N MET B 178 1.70 -40.41 8.54
CA MET B 178 1.11 -41.74 8.65
C MET B 178 1.27 -42.53 7.35
N LEU B 179 1.06 -41.86 6.22
CA LEU B 179 1.16 -42.53 4.93
C LEU B 179 2.58 -43.03 4.70
N LYS B 180 3.57 -42.24 5.11
CA LYS B 180 4.97 -42.65 5.01
C LYS B 180 5.25 -43.87 5.87
N ASN B 181 4.70 -43.90 7.09
CA ASN B 181 4.92 -44.99 8.03
C ASN B 181 4.01 -46.19 7.78
N GLY B 182 3.05 -46.06 6.88
CA GLY B 182 2.14 -47.16 6.62
C GLY B 182 1.10 -47.40 7.69
N THR B 183 0.73 -46.36 8.44
CA THR B 183 -0.25 -46.47 9.51
C THR B 183 -1.56 -45.74 9.21
N LEU B 184 -1.63 -44.99 8.12
CA LEU B 184 -2.88 -44.37 7.68
C LEU B 184 -3.84 -45.44 7.21
N LYS B 185 -5.05 -45.49 7.79
CA LYS B 185 -5.92 -46.61 7.48
C LYS B 185 -6.94 -46.34 6.37
N VAL B 186 -7.20 -45.09 6.03
CA VAL B 186 -8.18 -44.71 5.00
C VAL B 186 -7.60 -43.61 4.15
N PRO B 187 -8.08 -43.45 2.91
CA PRO B 187 -7.54 -42.39 2.06
C PRO B 187 -8.03 -41.03 2.49
N ALA B 188 -7.28 -39.99 2.10
CA ALA B 188 -7.55 -38.62 2.49
C ALA B 188 -7.52 -37.70 1.29
N ILE B 189 -8.33 -36.64 1.36
CA ILE B 189 -8.19 -35.48 0.50
C ILE B 189 -7.51 -34.38 1.31
N ASN B 190 -6.41 -33.87 0.78
CA ASN B 190 -5.76 -32.66 1.24
C ASN B 190 -6.57 -31.48 0.70
N VAL B 191 -7.52 -31.00 1.51
CA VAL B 191 -8.30 -29.80 1.16
C VAL B 191 -7.44 -28.55 1.21
N ASN B 192 -6.46 -28.52 2.12
CA ASN B 192 -5.62 -27.33 2.25
C ASN B 192 -5.03 -26.89 0.93
N ASP B 193 -4.59 -27.83 0.09
CA ASP B 193 -3.78 -27.42 -1.04
C ASP B 193 -4.58 -27.14 -2.31
N SER B 194 -5.90 -27.04 -2.25
CA SER B 194 -6.59 -26.36 -3.33
C SER B 194 -6.14 -24.90 -3.34
N VAL B 195 -6.01 -24.30 -4.53
CA VAL B 195 -5.62 -22.88 -4.55
C VAL B 195 -6.72 -22.06 -3.89
N THR B 196 -7.99 -22.43 -4.13
CA THR B 196 -9.10 -21.73 -3.49
C THR B 196 -9.18 -22.03 -2.00
N LYS B 197 -8.24 -22.76 -1.44
CA LYS B 197 -8.11 -22.89 0.01
C LYS B 197 -6.82 -22.21 0.45
N SER B 198 -5.66 -22.84 0.17
CA SER B 198 -4.36 -22.38 0.65
C SER B 198 -4.08 -20.91 0.33
N LYS B 199 -4.29 -20.49 -0.93
CA LYS B 199 -3.99 -19.14 -1.36
CA LYS B 199 -3.97 -19.12 -1.31
C LYS B 199 -5.15 -18.20 -1.16
N ASN B 200 -6.09 -18.55 -0.29
CA ASN B 200 -7.29 -17.78 -0.09
C ASN B 200 -7.45 -17.68 1.41
N ASP B 201 -7.90 -18.78 2.00
CA ASP B 201 -8.02 -18.95 3.45
C ASP B 201 -6.70 -18.65 4.17
N ASN B 202 -5.64 -19.41 3.88
CA ASN B 202 -4.45 -19.33 4.73
C ASN B 202 -3.83 -17.94 4.67
N LYS B 203 -3.84 -17.32 3.49
CA LYS B 203 -3.19 -16.03 3.29
C LYS B 203 -4.19 -14.91 3.55
N TYR B 204 -5.22 -14.79 2.72
CA TYR B 204 -6.11 -13.63 2.83
C TYR B 204 -6.97 -13.71 4.09
N GLY B 205 -7.26 -14.92 4.55
CA GLY B 205 -8.04 -15.04 5.77
C GLY B 205 -7.31 -14.47 6.97
N CYS B 206 -6.00 -14.76 7.08
CA CYS B 206 -5.22 -14.17 8.16
C CYS B 206 -4.99 -12.68 7.93
N ARG B 207 -4.91 -12.23 6.68
CA ARG B 207 -4.84 -10.78 6.42
C ARG B 207 -6.02 -10.07 7.05
N HIS B 208 -7.22 -10.59 6.84
CA HIS B 208 -8.41 -10.01 7.42
C HIS B 208 -8.42 -10.12 8.94
N SER B 209 -8.07 -11.30 9.47
CA SER B 209 -8.49 -11.59 10.83
C SER B 209 -7.38 -11.44 11.88
N LEU B 210 -6.12 -11.30 11.49
CA LEU B 210 -5.09 -11.14 12.52
C LEU B 210 -5.19 -9.76 13.16
N ASN B 211 -5.14 -8.69 12.37
CA ASN B 211 -5.24 -7.37 13.00
CA ASN B 211 -5.25 -7.36 12.98
C ASN B 211 -6.59 -7.19 13.67
N ASP B 212 -7.64 -7.85 13.13
CA ASP B 212 -8.95 -7.87 13.77
C ASP B 212 -8.86 -8.37 15.22
N ALA B 213 -8.22 -9.53 15.41
CA ALA B 213 -8.14 -10.12 16.74
C ALA B 213 -7.26 -9.29 17.68
N ILE B 214 -6.16 -8.71 17.16
CA ILE B 214 -5.31 -7.91 18.03
C ILE B 214 -6.05 -6.65 18.48
N LYS B 215 -6.85 -6.07 17.58
CA LYS B 215 -7.62 -4.89 17.98
C LYS B 215 -8.65 -5.26 19.03
N ARG B 216 -9.39 -6.37 18.81
CA ARG B 216 -10.41 -6.73 19.77
C ARG B 216 -9.81 -7.02 21.14
N GLY B 217 -8.63 -7.65 21.16
CA GLY B 217 -8.03 -8.04 22.42
C GLY B 217 -7.40 -6.90 23.18
N THR B 218 -6.71 -5.98 22.48
CA THR B 218 -5.94 -4.91 23.11
C THR B 218 -6.41 -3.51 22.79
N ASP B 219 -7.10 -3.31 21.67
CA ASP B 219 -7.36 -2.00 21.10
C ASP B 219 -6.08 -1.16 20.96
N HIS B 220 -4.94 -1.82 20.70
CA HIS B 220 -3.70 -1.07 20.48
C HIS B 220 -3.67 -0.48 19.09
N LEU B 221 -3.22 0.76 19.01
CA LEU B 221 -2.70 1.31 17.76
C LEU B 221 -1.59 0.42 17.22
N LEU B 222 -1.67 0.06 15.94
CA LEU B 222 -0.57 -0.70 15.33
C LEU B 222 0.35 0.17 14.49
N SER B 223 -0.19 1.22 13.85
CA SER B 223 0.61 2.11 13.01
C SER B 223 1.84 2.62 13.77
N GLY B 224 3.00 2.55 13.09
CA GLY B 224 4.23 3.09 13.63
C GLY B 224 4.97 2.21 14.60
N LYS B 225 4.40 1.08 15.00
CA LYS B 225 5.03 0.18 15.96
C LYS B 225 5.74 -0.95 15.22
N GLN B 226 6.61 -1.66 15.95
CA GLN B 226 7.49 -2.69 15.38
CA GLN B 226 7.49 -2.68 15.37
C GLN B 226 6.89 -4.06 15.59
N ALA B 227 6.77 -4.84 14.51
CA ALA B 227 6.31 -6.20 14.59
C ALA B 227 7.39 -7.17 14.10
N LEU B 228 7.38 -8.35 14.69
CA LEU B 228 8.20 -9.44 14.21
C LEU B 228 7.29 -10.61 13.86
N VAL B 229 7.27 -11.00 12.59
CA VAL B 229 6.46 -12.15 12.18
C VAL B 229 7.41 -13.34 11.95
N ILE B 230 7.17 -14.46 12.64
CA ILE B 230 7.99 -15.66 12.51
C ILE B 230 7.29 -16.53 11.48
N GLY B 231 7.91 -16.68 10.32
CA GLY B 231 7.38 -17.53 9.27
C GLY B 231 6.84 -16.66 8.16
N TYR B 232 6.99 -17.13 6.91
CA TYR B 232 6.50 -16.41 5.76
C TYR B 232 5.99 -17.38 4.71
N GLY B 233 5.29 -18.43 5.17
CA GLY B 233 4.52 -19.29 4.27
C GLY B 233 3.21 -18.56 4.00
N ASP B 234 2.15 -19.33 3.75
CA ASP B 234 0.90 -18.66 3.39
C ASP B 234 0.32 -17.83 4.54
N VAL B 235 0.29 -18.41 5.75
CA VAL B 235 -0.20 -17.68 6.92
C VAL B 235 0.71 -16.51 7.27
N GLY B 236 2.03 -16.70 7.17
CA GLY B 236 2.95 -15.61 7.44
C GLY B 236 2.86 -14.47 6.42
N LYS B 237 2.66 -14.82 5.15
CA LYS B 237 2.45 -13.79 4.14
C LYS B 237 1.22 -12.94 4.48
N GLY B 238 0.10 -13.60 4.79
CA GLY B 238 -1.14 -12.89 5.07
C GLY B 238 -1.06 -12.13 6.38
N SER B 239 -0.38 -12.70 7.36
CA SER B 239 -0.22 -12.03 8.66
C SER B 239 0.65 -10.79 8.53
N SER B 240 1.77 -10.92 7.82
CA SER B 240 2.64 -9.78 7.58
C SER B 240 1.88 -8.65 6.90
N GLN B 241 1.04 -8.99 5.92
CA GLN B 241 0.24 -7.97 5.24
C GLN B 241 -0.78 -7.35 6.19
N SER B 242 -1.39 -8.18 7.06
CA SER B 242 -2.37 -7.65 8.00
C SER B 242 -1.79 -6.53 8.83
N LEU B 243 -0.51 -6.67 9.22
CA LEU B 243 0.14 -5.69 10.08
C LEU B 243 0.71 -4.53 9.28
N ARG B 244 1.31 -4.82 8.13
CA ARG B 244 1.92 -3.80 7.30
C ARG B 244 0.86 -2.82 6.78
N GLN B 245 -0.31 -3.32 6.41
CA GLN B 245 -1.34 -2.47 5.85
C GLN B 245 -1.93 -1.54 6.91
N GLU B 246 -1.79 -1.89 8.18
CA GLU B 246 -2.12 -1.01 9.29
C GLU B 246 -1.01 -0.02 9.60
N GLY B 247 0.12 -0.09 8.93
CA GLY B 247 1.23 0.82 9.16
C GLY B 247 2.27 0.34 10.15
N MET B 248 2.26 -0.94 10.53
CA MET B 248 3.37 -1.45 11.34
C MET B 248 4.64 -1.51 10.49
N ILE B 249 5.79 -1.39 11.17
CA ILE B 249 7.09 -1.69 10.58
C ILE B 249 7.32 -3.16 10.87
N VAL B 250 7.25 -4.01 9.84
CA VAL B 250 7.21 -5.46 10.02
C VAL B 250 8.55 -6.03 9.62
N LYS B 251 9.12 -6.86 10.50
CA LYS B 251 10.27 -7.70 10.20
C LYS B 251 9.82 -9.15 10.17
N VAL B 252 10.51 -9.95 9.36
CA VAL B 252 10.08 -11.31 9.05
C VAL B 252 11.26 -12.25 9.30
N ALA B 253 11.02 -13.32 10.05
CA ALA B 253 11.98 -14.42 10.19
C ALA B 253 11.53 -15.62 9.38
N GLU B 254 12.51 -16.35 8.83
CA GLU B 254 12.22 -17.57 8.07
C GLU B 254 13.39 -18.53 8.19
N VAL B 255 13.10 -19.84 8.03
CA VAL B 255 14.16 -20.84 7.82
C VAL B 255 14.28 -21.23 6.36
N ASP B 256 13.30 -20.85 5.52
CA ASP B 256 13.25 -21.19 4.12
C ASP B 256 13.73 -20.00 3.29
N PRO B 257 14.84 -20.13 2.58
CA PRO B 257 15.40 -18.96 1.88
C PRO B 257 14.52 -18.49 0.73
N ILE B 258 13.75 -19.39 0.11
CA ILE B 258 12.84 -18.95 -0.95
C ILE B 258 11.76 -18.06 -0.37
N CYS B 259 11.15 -18.48 0.75
CA CYS B 259 10.14 -17.66 1.40
C CYS B 259 10.72 -16.34 1.90
N ALA B 260 11.94 -16.39 2.44
CA ALA B 260 12.63 -15.16 2.88
C ALA B 260 12.89 -14.24 1.70
N MET B 261 13.23 -14.81 0.54
N MET B 261 13.23 -14.80 0.55
CA MET B 261 13.41 -14.02 -0.67
CA MET B 261 13.40 -13.99 -0.65
C MET B 261 12.12 -13.27 -1.03
C MET B 261 12.12 -13.25 -1.00
N GLN B 262 10.98 -13.94 -0.91
CA GLN B 262 9.71 -13.28 -1.18
C GLN B 262 9.46 -12.17 -0.17
N ALA B 263 9.81 -12.37 1.10
CA ALA B 263 9.60 -11.30 2.08
C ALA B 263 10.44 -10.07 1.74
N CYS B 264 11.68 -10.28 1.31
CA CYS B 264 12.50 -9.13 0.90
C CYS B 264 11.85 -8.38 -0.24
N MET B 265 11.45 -9.10 -1.29
CA MET B 265 10.87 -8.48 -2.47
C MET B 265 9.53 -7.85 -2.15
N ASP B 266 8.81 -8.37 -1.16
CA ASP B 266 7.56 -7.76 -0.74
C ASP B 266 7.78 -6.54 0.15
N GLY B 267 9.01 -6.16 0.41
CA GLY B 267 9.29 -4.95 1.15
C GLY B 267 9.51 -5.11 2.63
N PHE B 268 9.93 -6.29 3.10
CA PHE B 268 10.18 -6.52 4.51
C PHE B 268 11.66 -6.79 4.75
N GLU B 269 12.13 -6.34 5.91
CA GLU B 269 13.46 -6.67 6.39
C GLU B 269 13.41 -8.08 7.01
N VAL B 270 14.30 -8.98 6.56
CA VAL B 270 14.35 -10.36 7.04
C VAL B 270 15.44 -10.47 8.11
N VAL B 271 15.05 -10.91 9.31
CA VAL B 271 15.92 -10.93 10.49
C VAL B 271 15.77 -12.28 11.18
N SER B 272 16.72 -12.56 12.03
CA SER B 272 16.62 -13.75 12.85
C SER B 272 16.60 -13.33 14.32
N PRO B 273 15.84 -14.03 15.16
CA PRO B 273 15.96 -13.76 16.60
C PRO B 273 17.36 -14.01 17.12
N TYR B 274 18.18 -14.78 16.40
CA TYR B 274 19.47 -15.26 16.88
C TYR B 274 20.62 -14.64 16.09
N LYS B 275 21.71 -14.38 16.78
CA LYS B 275 22.94 -13.98 16.10
C LYS B 275 23.36 -15.07 15.13
N ASN B 276 23.76 -14.65 13.92
CA ASN B 276 24.13 -15.53 12.82
C ASN B 276 23.02 -16.52 12.45
N GLY B 277 21.81 -16.29 12.92
CA GLY B 277 20.70 -17.20 12.73
C GLY B 277 20.82 -18.51 13.46
N ILE B 278 21.76 -18.63 14.40
CA ILE B 278 22.07 -19.90 15.07
C ILE B 278 21.40 -19.94 16.44
N ASN B 279 20.49 -20.88 16.60
CA ASN B 279 19.65 -21.03 17.80
C ASN B 279 20.31 -22.09 18.68
N ASP B 280 21.35 -21.68 19.45
CA ASP B 280 22.10 -22.61 20.30
C ASP B 280 21.50 -22.74 21.69
N GLY B 281 20.32 -22.18 21.93
CA GLY B 281 19.62 -22.32 23.19
C GLY B 281 20.06 -21.42 24.34
N THR B 282 21.01 -20.50 24.12
CA THR B 282 21.51 -19.65 25.18
C THR B 282 20.99 -18.22 25.03
N GLU B 283 21.05 -17.46 26.12
CA GLU B 283 20.69 -16.05 26.09
C GLU B 283 21.64 -15.26 25.20
N ALA B 284 22.92 -15.63 25.18
CA ALA B 284 23.90 -14.93 24.35
C ALA B 284 23.55 -14.99 22.87
N SER B 285 22.88 -16.06 22.43
CA SER B 285 22.49 -16.15 21.03
C SER B 285 21.38 -15.17 20.64
N ILE B 286 20.59 -14.68 21.60
CA ILE B 286 19.49 -13.78 21.27
C ILE B 286 20.05 -12.44 20.82
N ASP B 287 19.51 -11.91 19.74
CA ASP B 287 19.75 -10.54 19.31
C ASP B 287 18.93 -9.64 20.23
N ALA B 288 19.53 -9.24 21.34
CA ALA B 288 18.81 -8.49 22.38
C ALA B 288 18.35 -7.13 21.88
N ALA B 289 19.16 -6.46 21.06
CA ALA B 289 18.78 -5.14 20.56
C ALA B 289 17.54 -5.26 19.67
N LEU B 290 17.47 -6.30 18.83
CA LEU B 290 16.29 -6.53 18.02
C LEU B 290 15.07 -6.81 18.89
N LEU B 291 15.16 -7.83 19.77
CA LEU B 291 13.97 -8.20 20.53
C LEU B 291 13.53 -7.06 21.43
N GLY B 292 14.49 -6.29 21.94
CA GLY B 292 14.21 -5.16 22.82
C GLY B 292 13.44 -4.04 22.15
N LYS B 293 13.28 -4.07 20.83
CA LYS B 293 12.55 -3.03 20.13
C LYS B 293 11.24 -3.53 19.51
N ILE B 294 10.83 -4.77 19.77
CA ILE B 294 9.65 -5.36 19.12
C ILE B 294 8.42 -5.16 20.01
N ASP B 295 7.34 -4.59 19.43
CA ASP B 295 6.08 -4.34 20.13
C ASP B 295 5.07 -5.47 19.96
N LEU B 296 5.29 -6.34 18.98
CA LEU B 296 4.32 -7.37 18.60
C LEU B 296 5.08 -8.49 17.90
N ILE B 297 4.93 -9.70 18.40
CA ILE B 297 5.49 -10.88 17.73
C ILE B 297 4.35 -11.84 17.46
N VAL B 298 4.35 -12.40 16.24
CA VAL B 298 3.28 -13.27 15.75
C VAL B 298 3.92 -14.53 15.18
N THR B 299 3.59 -15.69 15.71
CA THR B 299 4.15 -16.94 15.18
C THR B 299 3.19 -17.51 14.14
N THR B 300 3.73 -17.95 12.98
CA THR B 300 2.89 -18.43 11.86
C THR B 300 3.36 -19.76 11.27
N THR B 301 4.13 -20.57 12.00
CA THR B 301 4.96 -21.56 11.33
C THR B 301 4.38 -22.98 11.26
N GLY B 302 3.52 -23.40 12.18
CA GLY B 302 3.25 -24.83 12.33
C GLY B 302 4.40 -25.63 12.90
N ASN B 303 5.43 -24.98 13.42
CA ASN B 303 6.61 -25.62 14.01
C ASN B 303 6.53 -25.48 15.53
N VAL B 304 7.54 -25.97 16.24
CA VAL B 304 7.54 -26.00 17.69
C VAL B 304 8.55 -24.98 18.22
N ASN B 305 8.14 -24.22 19.23
CA ASN B 305 9.03 -23.34 19.99
C ASN B 305 9.79 -22.36 19.12
N VAL B 306 9.07 -21.67 18.23
CA VAL B 306 9.72 -20.63 17.42
C VAL B 306 9.66 -19.26 18.09
N CYS B 307 8.93 -19.12 19.18
CA CYS B 307 9.05 -17.98 20.10
C CYS B 307 9.38 -18.60 21.46
N ASP B 308 10.68 -18.75 21.74
CA ASP B 308 11.15 -19.55 22.85
C ASP B 308 11.33 -18.70 24.13
N ALA B 309 11.79 -19.33 25.19
CA ALA B 309 11.89 -18.66 26.49
C ALA B 309 12.90 -17.51 26.45
N ASN B 310 14.04 -17.71 25.80
CA ASN B 310 15.01 -16.62 25.78
C ASN B 310 14.52 -15.45 24.94
N MET B 311 13.75 -15.71 23.87
CA MET B 311 13.10 -14.60 23.15
C MET B 311 12.10 -13.87 24.05
N LEU B 312 11.29 -14.61 24.81
CA LEU B 312 10.31 -13.97 25.68
C LEU B 312 10.98 -13.12 26.76
N LYS B 313 12.13 -13.57 27.27
CA LYS B 313 12.84 -12.81 28.28
C LYS B 313 13.41 -11.51 27.71
N ALA B 314 13.75 -11.49 26.42
CA ALA B 314 14.41 -10.35 25.80
C ALA B 314 13.43 -9.35 25.18
N LEU B 315 12.18 -9.74 24.98
CA LEU B 315 11.20 -8.85 24.36
C LEU B 315 11.08 -7.55 25.13
N LYS B 316 10.83 -6.48 24.37
CA LYS B 316 10.45 -5.18 24.90
C LYS B 316 9.31 -5.32 25.92
N LYS B 317 9.43 -4.58 27.04
CA LYS B 317 8.36 -4.48 28.01
C LYS B 317 7.03 -4.16 27.33
N ARG B 318 5.98 -4.88 27.74
CA ARG B 318 4.60 -4.66 27.27
C ARG B 318 4.37 -5.04 25.81
N ALA B 319 5.27 -5.84 25.23
CA ALA B 319 5.01 -6.39 23.91
C ALA B 319 3.81 -7.33 23.96
N VAL B 320 3.09 -7.41 22.83
CA VAL B 320 2.01 -8.38 22.64
C VAL B 320 2.60 -9.62 21.98
N VAL B 321 2.18 -10.80 22.44
CA VAL B 321 2.64 -12.09 21.96
C VAL B 321 1.43 -12.89 21.51
N CYS B 322 1.47 -13.43 20.29
CA CYS B 322 0.33 -14.23 19.85
C CYS B 322 0.76 -15.22 18.77
N ASN B 323 -0.10 -16.20 18.55
CA ASN B 323 0.15 -17.29 17.63
C ASN B 323 -1.07 -17.47 16.75
N ILE B 324 -0.85 -17.62 15.44
CA ILE B 324 -1.93 -17.87 14.50
C ILE B 324 -1.71 -19.16 13.72
N GLY B 325 -0.64 -19.90 14.05
CA GLY B 325 -0.50 -21.29 13.66
C GLY B 325 -1.46 -22.17 14.42
N HIS B 326 -1.56 -23.42 14.00
CA HIS B 326 -2.67 -24.25 14.47
C HIS B 326 -2.58 -24.57 15.95
N PHE B 327 -1.37 -24.81 16.48
CA PHE B 327 -1.18 -25.34 17.82
C PHE B 327 -0.41 -24.33 18.67
N ASP B 328 -0.64 -24.37 19.99
CA ASP B 328 -0.06 -23.33 20.85
C ASP B 328 1.41 -23.57 21.20
N ASN B 329 1.99 -24.70 20.83
CA ASN B 329 3.40 -24.94 21.16
C ASN B 329 4.37 -24.14 20.28
N GLU B 330 3.87 -23.31 19.37
CA GLU B 330 4.75 -22.37 18.69
C GLU B 330 5.43 -21.45 19.68
N ILE B 331 4.74 -21.13 20.78
CA ILE B 331 5.22 -20.24 21.83
C ILE B 331 5.48 -21.08 23.07
N ASP B 332 6.59 -20.82 23.75
CA ASP B 332 6.86 -21.51 25.01
C ASP B 332 6.03 -20.89 26.12
N THR B 333 4.72 -21.18 26.10
CA THR B 333 3.85 -20.70 27.18
C THR B 333 4.07 -21.52 28.45
N ALA B 334 4.50 -22.78 28.31
CA ALA B 334 4.81 -23.58 29.48
C ALA B 334 5.87 -22.91 30.33
N PHE B 335 6.92 -22.39 29.70
CA PHE B 335 7.92 -21.64 30.45
C PHE B 335 7.25 -20.49 31.22
N MET B 336 6.31 -19.82 30.58
CA MET B 336 5.70 -18.65 31.21
C MET B 336 4.75 -19.06 32.35
N ARG B 337 4.06 -20.19 32.20
CA ARG B 337 3.21 -20.66 33.29
C ARG B 337 4.06 -21.03 34.50
N LYS B 338 5.26 -21.54 34.25
CA LYS B 338 6.09 -22.08 35.31
C LYS B 338 6.89 -21.00 36.04
N ASN B 339 7.09 -19.84 35.43
CA ASN B 339 8.00 -18.84 35.98
C ASN B 339 7.39 -17.48 36.24
N TRP B 340 6.30 -17.13 35.57
CA TRP B 340 5.79 -15.77 35.59
C TRP B 340 4.32 -15.77 36.02
N ALA B 341 3.89 -14.63 36.60
CA ALA B 341 2.55 -14.49 37.15
C ALA B 341 1.60 -13.94 36.07
N TRP B 342 0.46 -14.63 35.89
CA TRP B 342 -0.50 -14.27 34.85
C TRP B 342 -1.64 -13.46 35.44
N GLU B 343 -1.98 -12.36 34.80
CA GLU B 343 -3.07 -11.48 35.24
C GLU B 343 -4.10 -11.40 34.12
N GLU B 344 -5.29 -11.93 34.35
CA GLU B 344 -6.29 -11.88 33.30
C GLU B 344 -6.81 -10.46 33.15
N VAL B 345 -6.68 -9.90 31.96
CA VAL B 345 -7.32 -8.62 31.65
C VAL B 345 -8.80 -8.82 31.42
N LYS B 346 -9.12 -9.70 30.48
CA LYS B 346 -10.45 -10.17 30.17
C LYS B 346 -10.27 -11.52 29.47
N PRO B 347 -11.36 -12.26 29.20
CA PRO B 347 -11.19 -13.58 28.56
C PRO B 347 -10.23 -13.51 27.36
N GLN B 348 -9.28 -14.45 27.35
CA GLN B 348 -8.31 -14.64 26.27
C GLN B 348 -7.33 -13.49 26.16
N VAL B 349 -7.16 -12.69 27.22
CA VAL B 349 -6.18 -11.61 27.24
C VAL B 349 -5.53 -11.66 28.61
N HIS B 350 -4.22 -11.98 28.65
CA HIS B 350 -3.48 -12.08 29.90
C HIS B 350 -2.25 -11.20 29.87
N LYS B 351 -2.01 -10.50 30.97
CA LYS B 351 -0.72 -9.90 31.26
C LYS B 351 0.13 -10.92 31.99
N ILE B 352 1.35 -11.12 31.51
CA ILE B 352 2.31 -12.06 32.06
C ILE B 352 3.43 -11.22 32.66
N HIS B 353 3.53 -11.25 33.99
CA HIS B 353 4.45 -10.37 34.72
C HIS B 353 5.78 -11.09 34.90
N ARG B 354 6.82 -10.57 34.27
CA ARG B 354 8.12 -11.22 34.28
C ARG B 354 8.88 -11.00 35.59
N THR B 355 8.22 -10.44 36.60
CA THR B 355 8.82 -10.20 37.90
C THR B 355 8.87 -11.45 38.78
N GLY B 356 8.23 -12.54 38.39
CA GLY B 356 8.28 -13.75 39.16
C GLY B 356 6.94 -14.46 39.15
N LYS B 357 6.86 -15.54 39.93
CA LYS B 357 5.68 -16.39 39.97
C LYS B 357 4.75 -16.03 41.13
N ASP B 358 5.30 -15.54 42.23
CA ASP B 358 4.58 -15.32 43.48
C ASP B 358 3.88 -13.96 43.47
N GLY B 359 2.78 -13.89 42.74
CA GLY B 359 2.01 -12.66 42.69
C GLY B 359 2.62 -11.63 41.77
N PHE B 360 1.92 -10.50 41.66
CA PHE B 360 2.35 -9.39 40.81
C PHE B 360 1.85 -8.08 41.40
N ASP B 361 2.56 -7.01 41.03
CA ASP B 361 2.14 -5.65 41.35
C ASP B 361 1.20 -5.14 40.27
N ALA B 362 0.02 -4.68 40.66
CA ALA B 362 -0.98 -4.23 39.68
C ALA B 362 -0.43 -3.17 38.74
N HIS B 363 0.56 -2.39 39.19
CA HIS B 363 1.16 -1.33 38.39
C HIS B 363 2.53 -1.70 37.85
N ASN B 364 2.91 -2.97 37.91
CA ASN B 364 4.19 -3.38 37.34
C ASN B 364 4.20 -3.03 35.85
N ASP B 365 5.34 -2.52 35.39
CA ASP B 365 5.49 -2.20 33.96
C ASP B 365 6.16 -3.31 33.16
N ASP B 366 6.80 -4.28 33.82
CA ASP B 366 7.53 -5.33 33.13
C ASP B 366 6.62 -6.54 32.92
N TYR B 367 5.74 -6.44 31.92
CA TYR B 367 4.86 -7.54 31.55
C TYR B 367 4.77 -7.68 30.05
N LEU B 368 4.38 -8.87 29.60
CA LEU B 368 3.95 -9.07 28.22
C LEU B 368 2.45 -9.31 28.18
N ILE B 369 1.83 -9.07 27.02
CA ILE B 369 0.42 -9.36 26.83
C ILE B 369 0.31 -10.56 25.91
N LEU B 370 -0.26 -11.66 26.43
CA LEU B 370 -0.45 -12.88 25.66
C LEU B 370 -1.92 -12.95 25.26
N LEU B 371 -2.18 -13.25 24.00
CA LEU B 371 -3.54 -13.34 23.49
C LEU B 371 -3.94 -14.80 23.31
N ALA B 372 -5.17 -15.13 23.75
CA ALA B 372 -5.75 -16.48 23.59
C ALA B 372 -4.87 -17.59 24.18
N GLU B 373 -4.05 -17.25 25.18
CA GLU B 373 -3.15 -18.20 25.82
C GLU B 373 -2.25 -18.94 24.81
N GLY B 374 -1.87 -18.26 23.73
CA GLY B 374 -1.03 -18.89 22.71
C GLY B 374 -1.78 -19.67 21.66
N ARG B 375 -3.09 -19.86 21.81
CA ARG B 375 -3.89 -20.57 20.82
C ARG B 375 -4.21 -19.66 19.65
N LEU B 376 -4.70 -20.28 18.56
CA LEU B 376 -5.06 -19.59 17.31
C LEU B 376 -5.68 -18.25 17.59
N VAL B 377 -4.95 -17.16 17.33
CA VAL B 377 -5.39 -15.87 17.85
C VAL B 377 -6.58 -15.30 17.06
N ASN B 378 -6.67 -15.57 15.76
CA ASN B 378 -7.76 -14.99 14.97
C ASN B 378 -9.09 -15.57 15.41
N LEU B 379 -9.13 -16.86 15.69
CA LEU B 379 -10.35 -17.52 16.17
C LEU B 379 -10.57 -17.30 17.65
N GLY B 380 -9.50 -17.14 18.45
CA GLY B 380 -9.60 -17.02 19.88
C GLY B 380 -10.05 -15.63 20.35
N ASN B 381 -9.53 -14.59 19.71
CA ASN B 381 -9.86 -13.22 20.11
C ASN B 381 -10.78 -12.54 19.12
N ALA B 382 -11.08 -13.17 17.98
CA ALA B 382 -12.09 -12.60 17.09
C ALA B 382 -12.97 -13.73 16.56
N THR B 383 -13.29 -13.74 15.26
CA THR B 383 -14.20 -14.77 14.72
C THR B 383 -13.53 -15.54 13.59
N GLY B 384 -12.21 -15.50 13.52
CA GLY B 384 -11.53 -16.14 12.42
C GLY B 384 -11.85 -15.48 11.08
N HIS B 385 -11.76 -16.30 10.04
CA HIS B 385 -11.88 -15.81 8.68
C HIS B 385 -13.32 -15.42 8.39
N PRO B 386 -13.53 -14.47 7.49
CA PRO B 386 -14.88 -14.06 7.13
C PRO B 386 -15.54 -15.08 6.19
N SER B 387 -16.88 -15.07 6.21
CA SER B 387 -17.68 -16.02 5.45
C SER B 387 -17.25 -16.08 3.99
N ARG B 388 -17.03 -14.92 3.36
CA ARG B 388 -16.75 -14.95 1.92
C ARG B 388 -15.42 -15.62 1.60
N ILE B 389 -14.47 -15.64 2.55
CA ILE B 389 -13.26 -16.41 2.34
C ILE B 389 -13.50 -17.88 2.66
N MET B 390 -14.19 -18.18 3.78
CA MET B 390 -14.40 -19.58 4.13
C MET B 390 -15.27 -20.30 3.11
N ASP B 391 -16.02 -19.54 2.30
CA ASP B 391 -16.75 -20.09 1.16
C ASP B 391 -15.87 -21.00 0.30
N GLY B 392 -14.68 -20.52 -0.09
CA GLY B 392 -13.81 -21.35 -0.93
C GLY B 392 -13.38 -22.61 -0.23
N SER B 393 -12.89 -22.48 1.00
CA SER B 393 -12.44 -23.64 1.78
C SER B 393 -13.53 -24.68 1.91
N PHE B 394 -14.74 -24.23 2.24
CA PHE B 394 -15.79 -25.19 2.58
C PHE B 394 -16.49 -25.75 1.34
N ALA B 395 -16.48 -25.00 0.22
CA ALA B 395 -16.94 -25.60 -1.03
C ALA B 395 -16.02 -26.77 -1.41
N ASN B 396 -14.72 -26.60 -1.17
CA ASN B 396 -13.76 -27.68 -1.38
C ASN B 396 -14.04 -28.85 -0.43
N GLN B 397 -14.30 -28.56 0.84
CA GLN B 397 -14.68 -29.61 1.79
C GLN B 397 -15.87 -30.43 1.28
N VAL B 398 -16.94 -29.75 0.88
CA VAL B 398 -18.13 -30.46 0.40
C VAL B 398 -17.77 -31.35 -0.79
N LEU B 399 -17.05 -30.79 -1.78
CA LEU B 399 -16.68 -31.61 -2.94
C LEU B 399 -15.78 -32.77 -2.56
N ALA B 400 -14.88 -32.57 -1.59
CA ALA B 400 -13.99 -33.64 -1.16
C ALA B 400 -14.78 -34.76 -0.48
N GLN B 401 -15.77 -34.40 0.33
CA GLN B 401 -16.62 -35.40 0.97
C GLN B 401 -17.36 -36.24 -0.07
N ILE B 402 -17.97 -35.60 -1.06
CA ILE B 402 -18.66 -36.34 -2.12
C ILE B 402 -17.68 -37.28 -2.85
N HIS B 403 -16.55 -36.73 -3.28
CA HIS B 403 -15.48 -37.48 -3.96
C HIS B 403 -15.14 -38.79 -3.25
N LEU B 404 -14.78 -38.70 -1.97
CA LEU B 404 -14.35 -39.91 -1.28
C LEU B 404 -15.53 -40.80 -0.95
N PHE B 405 -16.65 -40.20 -0.53
CA PHE B 405 -17.82 -41.02 -0.21
C PHE B 405 -18.30 -41.79 -1.44
N GLU B 406 -18.28 -41.16 -2.62
CA GLU B 406 -18.78 -41.87 -3.79
C GLU B 406 -17.80 -42.96 -4.25
N GLN B 407 -16.56 -42.96 -3.76
CA GLN B 407 -15.58 -43.96 -4.18
CA GLN B 407 -15.59 -43.97 -4.18
C GLN B 407 -15.58 -45.21 -3.30
N LYS B 408 -16.13 -45.12 -2.08
CA LYS B 408 -16.46 -46.31 -1.28
C LYS B 408 -15.24 -47.20 -0.97
N TYR B 409 -14.17 -46.58 -0.47
CA TYR B 409 -12.96 -47.33 -0.14
C TYR B 409 -13.23 -48.43 0.86
N ALA B 410 -14.07 -48.16 1.86
CA ALA B 410 -14.27 -49.13 2.94
C ALA B 410 -14.85 -50.43 2.43
N ASP B 411 -15.47 -50.43 1.26
CA ASP B 411 -16.07 -51.64 0.69
C ASP B 411 -15.08 -52.46 -0.13
N LEU B 412 -13.84 -52.01 -0.30
CA LEU B 412 -12.85 -52.73 -1.10
C LEU B 412 -12.17 -53.83 -0.29
N PRO B 413 -11.71 -54.88 -0.96
CA PRO B 413 -10.80 -55.83 -0.31
C PRO B 413 -9.46 -55.17 0.00
N ALA B 414 -8.74 -55.78 0.94
CA ALA B 414 -7.51 -55.21 1.49
C ALA B 414 -6.49 -54.92 0.40
N ALA B 415 -6.35 -55.84 -0.56
CA ALA B 415 -5.41 -55.67 -1.67
C ALA B 415 -5.79 -54.50 -2.56
N GLU B 416 -7.09 -54.25 -2.76
CA GLU B 416 -7.51 -53.08 -3.52
C GLU B 416 -7.39 -51.81 -2.71
N LYS B 417 -7.72 -51.85 -1.42
CA LYS B 417 -7.47 -50.72 -0.54
C LYS B 417 -6.02 -50.24 -0.66
N ALA B 418 -5.08 -51.19 -0.66
CA ALA B 418 -3.66 -50.83 -0.69
C ALA B 418 -3.35 -49.96 -1.90
N LYS B 419 -3.90 -50.30 -3.06
CA LYS B 419 -3.65 -49.52 -4.27
C LYS B 419 -4.39 -48.20 -4.23
N ARG B 420 -5.50 -48.14 -3.50
CA ARG B 420 -6.31 -46.93 -3.41
C ARG B 420 -5.85 -45.97 -2.32
N LEU B 421 -5.04 -46.42 -1.37
CA LEU B 421 -4.66 -45.59 -0.23
C LEU B 421 -3.75 -44.46 -0.68
N SER B 422 -4.18 -43.21 -0.49
CA SER B 422 -3.43 -42.05 -0.95
C SER B 422 -3.87 -40.83 -0.15
N VAL B 423 -3.08 -39.78 -0.23
CA VAL B 423 -3.46 -38.44 0.19
C VAL B 423 -3.37 -37.57 -1.06
N GLU B 424 -4.51 -37.12 -1.57
CA GLU B 424 -4.54 -36.40 -2.85
C GLU B 424 -5.25 -35.06 -2.70
N VAL B 425 -5.06 -34.20 -3.69
CA VAL B 425 -5.78 -32.94 -3.76
C VAL B 425 -6.92 -33.10 -4.74
N LEU B 426 -7.85 -32.16 -4.72
CA LEU B 426 -8.92 -32.21 -5.70
C LEU B 426 -8.37 -31.78 -7.07
N PRO B 427 -8.94 -32.30 -8.15
CA PRO B 427 -8.48 -31.91 -9.49
C PRO B 427 -8.67 -30.42 -9.75
N LYS B 428 -7.80 -29.87 -10.61
CA LYS B 428 -7.80 -28.43 -10.85
C LYS B 428 -9.15 -27.94 -11.36
N LYS B 429 -9.86 -28.76 -12.12
CA LYS B 429 -11.17 -28.36 -12.66
C LYS B 429 -12.12 -27.96 -11.54
N LEU B 430 -12.14 -28.73 -10.44
CA LEU B 430 -13.00 -28.36 -9.32
C LEU B 430 -12.52 -27.09 -8.64
N ASP B 431 -11.20 -26.93 -8.51
CA ASP B 431 -10.62 -25.71 -7.95
C ASP B 431 -11.07 -24.50 -8.73
N GLU B 432 -11.00 -24.59 -10.06
CA GLU B 432 -11.43 -23.49 -10.93
C GLU B 432 -12.92 -23.22 -10.78
N GLU B 433 -13.74 -24.27 -10.71
CA GLU B 433 -15.18 -24.08 -10.57
C GLU B 433 -15.52 -23.37 -9.25
N VAL B 434 -14.83 -23.72 -8.16
CA VAL B 434 -15.02 -22.98 -6.91
C VAL B 434 -14.65 -21.52 -7.12
N ALA B 435 -13.50 -21.29 -7.76
CA ALA B 435 -13.00 -19.94 -7.93
C ALA B 435 -13.94 -19.09 -8.77
N LEU B 436 -14.52 -19.68 -9.83
CA LEU B 436 -15.48 -18.96 -10.64
C LEU B 436 -16.66 -18.48 -9.78
N GLU B 437 -17.16 -19.34 -8.89
CA GLU B 437 -18.29 -18.92 -8.06
C GLU B 437 -17.89 -17.81 -7.10
N MET B 438 -16.67 -17.87 -6.56
CA MET B 438 -16.17 -16.79 -5.71
C MET B 438 -16.06 -15.47 -6.46
N VAL B 439 -15.55 -15.52 -7.70
CA VAL B 439 -15.39 -14.33 -8.53
C VAL B 439 -16.75 -13.73 -8.84
N LYS B 440 -17.73 -14.57 -9.18
CA LYS B 440 -19.05 -14.03 -9.46
C LYS B 440 -19.65 -13.36 -8.24
N GLY B 441 -19.35 -13.87 -7.03
CA GLY B 441 -19.87 -13.23 -5.82
C GLY B 441 -19.36 -11.80 -5.64
N PHE B 442 -18.17 -11.51 -6.16
CA PHE B 442 -17.68 -10.15 -6.17
C PHE B 442 -18.24 -9.33 -7.32
N GLY B 443 -19.06 -9.92 -8.19
CA GLY B 443 -19.42 -9.26 -9.43
C GLY B 443 -18.34 -9.26 -10.50
N GLY B 444 -17.28 -10.04 -10.34
CA GLY B 444 -16.28 -10.12 -11.39
C GLY B 444 -16.83 -10.84 -12.60
N VAL B 445 -16.32 -10.42 -13.78
CA VAL B 445 -16.68 -11.03 -15.06
C VAL B 445 -15.42 -11.67 -15.66
N VAL B 446 -15.41 -12.99 -15.71
CA VAL B 446 -14.31 -13.72 -16.34
C VAL B 446 -14.51 -13.73 -17.86
N THR B 447 -13.41 -13.54 -18.61
CA THR B 447 -13.47 -13.55 -20.07
C THR B 447 -13.41 -14.98 -20.62
N GLN B 448 -14.11 -15.23 -21.71
CA GLN B 448 -14.09 -16.54 -22.35
C GLN B 448 -13.10 -16.53 -23.50
N LEU B 449 -12.20 -17.52 -23.54
CA LEU B 449 -11.33 -17.67 -24.70
C LEU B 449 -12.13 -17.87 -25.98
N THR B 450 -11.63 -17.31 -27.08
CA THR B 450 -12.09 -17.76 -28.37
C THR B 450 -11.50 -19.13 -28.67
N PRO B 451 -12.09 -19.87 -29.60
CA PRO B 451 -11.46 -21.13 -30.03
C PRO B 451 -10.01 -20.95 -30.45
N LYS B 452 -9.72 -19.91 -31.25
CA LYS B 452 -8.36 -19.68 -31.73
C LYS B 452 -7.40 -19.42 -30.57
N GLN B 453 -7.83 -18.67 -29.57
CA GLN B 453 -6.94 -18.39 -28.44
C GLN B 453 -6.72 -19.62 -27.57
N ALA B 454 -7.78 -20.42 -27.38
CA ALA B 454 -7.65 -21.65 -26.62
C ALA B 454 -6.64 -22.58 -27.29
N GLU B 455 -6.73 -22.71 -28.61
CA GLU B 455 -5.74 -23.48 -29.36
C GLU B 455 -4.34 -22.86 -29.23
N TYR B 456 -4.26 -21.53 -29.24
CA TYR B 456 -2.96 -20.87 -29.21
C TYR B 456 -2.17 -21.22 -27.97
N ILE B 457 -2.83 -21.30 -26.80
CA ILE B 457 -2.12 -21.57 -25.56
C ILE B 457 -2.28 -23.01 -25.11
N GLY B 458 -3.02 -23.83 -25.86
CA GLY B 458 -3.06 -25.25 -25.59
C GLY B 458 -3.98 -25.67 -24.47
N VAL B 459 -5.14 -25.01 -24.33
CA VAL B 459 -6.11 -25.36 -23.29
C VAL B 459 -7.49 -25.49 -23.94
N SER B 460 -8.40 -26.11 -23.21
CA SER B 460 -9.81 -26.09 -23.59
C SER B 460 -10.46 -24.77 -23.16
N VAL B 461 -11.45 -24.34 -23.95
CA VAL B 461 -12.20 -23.13 -23.55
C VAL B 461 -12.78 -23.28 -22.15
N GLU B 462 -13.10 -24.51 -21.74
CA GLU B 462 -13.69 -24.75 -20.42
C GLU B 462 -12.64 -24.91 -19.34
N GLY B 463 -11.35 -24.89 -19.70
CA GLY B 463 -10.29 -25.19 -18.78
C GLY B 463 -10.12 -26.70 -18.58
N PRO B 464 -9.19 -27.10 -17.69
CA PRO B 464 -8.34 -26.27 -16.84
C PRO B 464 -7.39 -25.41 -17.66
N PHE B 465 -7.02 -24.27 -17.09
CA PHE B 465 -6.29 -23.24 -17.80
C PHE B 465 -4.80 -23.27 -17.52
N LYS B 466 -4.37 -24.04 -16.51
CA LYS B 466 -2.97 -24.14 -16.12
C LYS B 466 -2.58 -25.60 -16.00
N PRO B 467 -1.32 -25.93 -16.31
CA PRO B 467 -0.79 -27.25 -15.95
C PRO B 467 -0.74 -27.42 -14.44
N ASP B 468 -0.71 -28.69 -14.01
CA ASP B 468 -0.74 -28.97 -12.58
C ASP B 468 0.50 -28.48 -11.87
N THR B 469 1.59 -28.24 -12.60
CA THR B 469 2.80 -27.67 -12.01
C THR B 469 2.66 -26.21 -11.61
N TYR B 470 1.63 -25.51 -12.08
CA TYR B 470 1.55 -24.05 -11.92
C TYR B 470 1.32 -23.64 -10.47
N ARG B 471 2.01 -22.58 -10.05
CA ARG B 471 2.03 -22.21 -8.65
C ARG B 471 1.18 -20.98 -8.33
N TYR B 472 0.66 -20.28 -9.33
CA TYR B 472 -0.18 -19.11 -9.10
C TYR B 472 0.58 -18.09 -8.24
N PHE C 13 40.02 -8.53 -33.75
CA PHE C 13 38.71 -9.16 -33.51
C PHE C 13 37.55 -8.38 -34.14
N THR C 14 36.84 -9.05 -35.05
CA THR C 14 35.79 -8.43 -35.86
C THR C 14 34.48 -9.20 -35.82
N ASP C 15 34.41 -10.29 -35.03
CA ASP C 15 33.31 -11.24 -35.10
C ASP C 15 32.14 -10.76 -34.23
N TYR C 16 31.55 -9.65 -34.67
CA TYR C 16 30.43 -9.04 -33.93
C TYR C 16 29.73 -8.04 -34.84
N LYS C 17 28.58 -7.54 -34.37
CA LYS C 17 27.94 -6.39 -35.01
C LYS C 17 27.10 -5.69 -33.95
N VAL C 18 27.51 -4.48 -33.57
CA VAL C 18 26.78 -3.70 -32.58
C VAL C 18 26.60 -2.29 -33.13
N ALA C 19 25.75 -1.52 -32.44
CA ALA C 19 25.43 -0.17 -32.94
C ALA C 19 26.66 0.73 -32.94
N ASP C 20 27.46 0.66 -31.87
CA ASP C 20 28.50 1.67 -31.65
C ASP C 20 29.48 1.08 -30.64
N ILE C 21 30.61 0.60 -31.15
CA ILE C 21 31.63 -0.02 -30.30
C ILE C 21 32.20 0.99 -29.30
N THR C 22 32.16 2.29 -29.60
CA THR C 22 32.73 3.25 -28.67
C THR C 22 31.93 3.37 -27.38
N LEU C 23 30.74 2.77 -27.30
CA LEU C 23 29.99 2.74 -26.05
C LEU C 23 30.51 1.69 -25.06
N ALA C 24 31.57 0.97 -25.43
CA ALA C 24 32.04 -0.16 -24.61
C ALA C 24 32.47 0.29 -23.21
N ALA C 25 33.19 1.39 -23.09
CA ALA C 25 33.70 1.82 -21.79
C ALA C 25 32.55 2.13 -20.83
N TRP C 26 31.52 2.83 -21.32
CA TRP C 26 30.33 3.08 -20.51
C TRP C 26 29.66 1.77 -20.09
N GLY C 27 29.49 0.85 -21.05
CA GLY C 27 28.91 -0.44 -20.71
C GLY C 27 29.70 -1.20 -19.66
N ARG C 28 31.04 -1.17 -19.75
CA ARG C 28 31.88 -1.81 -18.75
C ARG C 28 31.66 -1.19 -17.38
N ARG C 29 31.54 0.15 -17.30
CA ARG C 29 31.26 0.76 -16.01
C ARG C 29 29.96 0.22 -15.41
N GLU C 30 28.92 0.08 -16.25
CA GLU C 30 27.65 -0.41 -15.73
C GLU C 30 27.71 -1.90 -15.41
N LEU C 31 28.56 -2.66 -16.11
CA LEU C 31 28.74 -4.07 -15.76
C LEU C 31 29.35 -4.19 -14.37
N ILE C 32 30.35 -3.35 -14.08
CA ILE C 32 31.04 -3.44 -12.79
C ILE C 32 30.06 -3.15 -11.66
N ILE C 33 29.15 -2.20 -11.88
CA ILE C 33 28.07 -1.94 -10.93
C ILE C 33 27.11 -3.13 -10.85
N ALA C 34 26.71 -3.69 -12.00
CA ALA C 34 25.75 -4.80 -11.96
C ALA C 34 26.32 -6.00 -11.23
N GLU C 35 27.63 -6.23 -11.35
CA GLU C 35 28.25 -7.34 -10.62
C GLU C 35 28.03 -7.19 -9.11
N SER C 36 28.09 -5.95 -8.60
CA SER C 36 27.80 -5.77 -7.18
C SER C 36 26.34 -5.95 -6.85
N GLU C 37 25.45 -5.91 -7.84
CA GLU C 37 24.03 -6.12 -7.62
C GLU C 37 23.60 -7.58 -7.85
N MET C 38 24.53 -8.47 -8.17
CA MET C 38 24.19 -9.85 -8.59
C MET C 38 25.02 -10.85 -7.77
N PRO C 39 24.73 -10.99 -6.48
CA PRO C 39 25.58 -11.85 -5.63
C PRO C 39 25.47 -13.33 -5.95
N ALA C 40 24.29 -13.81 -6.35
CA ALA C 40 24.16 -15.22 -6.71
C ALA C 40 25.02 -15.55 -7.92
N LEU C 41 24.91 -14.74 -8.96
CA LEU C 41 25.69 -14.93 -10.18
C LEU C 41 27.18 -14.83 -9.89
N MET C 42 27.58 -13.79 -9.15
N MET C 42 27.59 -13.82 -9.13
CA MET C 42 28.99 -13.61 -8.79
CA MET C 42 29.03 -13.68 -8.88
C MET C 42 29.49 -14.76 -7.94
C MET C 42 29.54 -14.71 -7.88
N GLY C 43 28.68 -15.20 -6.98
CA GLY C 43 29.09 -16.30 -6.13
C GLY C 43 29.34 -17.55 -6.94
N LEU C 44 28.51 -17.78 -7.96
CA LEU C 44 28.73 -18.90 -8.87
C LEU C 44 30.04 -18.73 -9.63
N ARG C 45 30.28 -17.52 -10.12
CA ARG C 45 31.55 -17.21 -10.77
C ARG C 45 32.71 -17.58 -9.85
N ARG C 46 32.62 -17.23 -8.56
CA ARG C 46 33.74 -17.51 -7.67
C ARG C 46 33.83 -18.99 -7.32
N LYS C 47 32.71 -19.66 -7.08
CA LYS C 47 32.78 -21.05 -6.66
C LYS C 47 33.31 -21.95 -7.77
N TYR C 48 33.00 -21.64 -9.02
CA TYR C 48 33.26 -22.60 -10.10
C TYR C 48 34.40 -22.21 -11.02
N ALA C 49 34.96 -20.99 -10.90
CA ALA C 49 35.99 -20.57 -11.84
C ALA C 49 37.17 -21.54 -11.86
N GLY C 50 37.59 -22.03 -10.69
CA GLY C 50 38.70 -22.96 -10.66
C GLY C 50 38.41 -24.28 -11.33
N GLN C 51 37.20 -24.81 -11.14
CA GLN C 51 36.87 -26.12 -11.70
CA GLN C 51 36.93 -26.12 -11.71
C GLN C 51 36.54 -26.06 -13.19
N GLN C 52 36.28 -24.89 -13.74
CA GLN C 52 35.99 -24.72 -15.16
C GLN C 52 34.93 -25.69 -15.68
N PRO C 53 33.74 -25.73 -15.07
CA PRO C 53 32.79 -26.80 -15.41
C PRO C 53 32.24 -26.68 -16.81
N LEU C 54 32.36 -25.50 -17.44
CA LEU C 54 31.88 -25.28 -18.79
C LEU C 54 33.01 -25.32 -19.82
N LYS C 55 34.20 -25.83 -19.45
CA LYS C 55 35.29 -25.99 -20.42
C LYS C 55 34.85 -26.93 -21.54
N GLY C 56 34.90 -26.44 -22.77
CA GLY C 56 34.42 -27.20 -23.90
C GLY C 56 33.02 -26.84 -24.35
N ALA C 57 32.27 -26.11 -23.53
CA ALA C 57 30.93 -25.72 -23.93
C ALA C 57 31.00 -24.66 -25.02
N LYS C 58 30.11 -24.78 -26.00
CA LYS C 58 29.99 -23.81 -27.08
C LYS C 58 28.52 -23.42 -27.15
N ILE C 59 28.18 -22.28 -26.53
CA ILE C 59 26.79 -21.93 -26.25
C ILE C 59 26.28 -20.91 -27.27
N LEU C 60 25.17 -21.27 -27.94
CA LEU C 60 24.37 -20.31 -28.69
C LEU C 60 23.39 -19.67 -27.71
N GLY C 61 23.48 -18.36 -27.54
CA GLY C 61 22.62 -17.64 -26.62
C GLY C 61 21.75 -16.65 -27.36
N CYS C 62 20.46 -16.66 -27.05
CA CYS C 62 19.48 -15.76 -27.65
C CYS C 62 18.65 -15.17 -26.50
N ILE C 63 19.08 -14.02 -26.00
CA ILE C 63 18.32 -13.35 -24.94
C ILE C 63 18.70 -11.87 -24.91
N HIS C 64 17.70 -11.02 -24.63
CA HIS C 64 17.82 -9.56 -24.52
C HIS C 64 19.22 -9.11 -24.12
N MET C 65 19.89 -8.36 -24.99
CA MET C 65 21.31 -8.02 -24.80
C MET C 65 21.42 -6.77 -23.91
N THR C 66 21.06 -6.97 -22.65
CA THR C 66 21.08 -5.99 -21.57
C THR C 66 22.38 -6.07 -20.77
N ILE C 67 22.56 -5.08 -19.90
CA ILE C 67 23.67 -5.16 -18.94
C ILE C 67 23.60 -6.45 -18.09
N GLN C 68 22.40 -6.84 -17.67
CA GLN C 68 22.27 -8.06 -16.86
C GLN C 68 22.69 -9.30 -17.66
N THR C 69 22.31 -9.35 -18.93
CA THR C 69 22.76 -10.45 -19.79
C THR C 69 24.27 -10.45 -19.97
N GLY C 70 24.86 -9.26 -20.02
CA GLY C 70 26.31 -9.17 -20.07
C GLY C 70 26.99 -9.89 -18.90
N VAL C 71 26.46 -9.70 -17.69
CA VAL C 71 27.06 -10.38 -16.53
C VAL C 71 26.83 -11.89 -16.63
N LEU C 72 25.68 -12.29 -17.15
CA LEU C 72 25.45 -13.71 -17.43
C LEU C 72 26.47 -14.25 -18.42
N ILE C 73 26.63 -13.57 -19.56
CA ILE C 73 27.58 -14.01 -20.58
C ILE C 73 28.98 -14.17 -19.98
N GLU C 74 29.44 -13.19 -19.21
CA GLU C 74 30.79 -13.26 -18.69
C GLU C 74 30.93 -14.27 -17.55
N THR C 75 29.84 -14.62 -16.87
CA THR C 75 29.91 -15.74 -15.93
C THR C 75 30.10 -17.06 -16.68
N LEU C 76 29.33 -17.27 -17.76
CA LEU C 76 29.51 -18.48 -18.56
C LEU C 76 30.93 -18.58 -19.10
N VAL C 77 31.45 -17.47 -19.63
CA VAL C 77 32.81 -17.45 -20.15
C VAL C 77 33.83 -17.71 -19.03
N ALA C 78 33.64 -17.08 -17.86
CA ALA C 78 34.56 -17.29 -16.75
C ALA C 78 34.56 -18.72 -16.25
N LEU C 79 33.50 -19.49 -16.52
CA LEU C 79 33.46 -20.90 -16.17
C LEU C 79 33.95 -21.81 -17.29
N GLY C 80 34.45 -21.23 -18.40
CA GLY C 80 35.11 -22.00 -19.45
C GLY C 80 34.42 -22.02 -20.79
N ALA C 81 33.20 -21.49 -20.91
CA ALA C 81 32.46 -21.61 -22.15
C ALA C 81 32.96 -20.61 -23.20
N GLU C 82 32.78 -20.98 -24.47
CA GLU C 82 32.68 -20.02 -25.57
C GLU C 82 31.21 -19.83 -25.91
N VAL C 83 30.85 -18.60 -26.33
CA VAL C 83 29.45 -18.29 -26.62
C VAL C 83 29.37 -17.50 -27.92
N ARG C 84 28.18 -17.53 -28.52
CA ARG C 84 27.82 -16.65 -29.64
C ARG C 84 26.41 -16.18 -29.36
N TRP C 85 26.21 -14.85 -29.32
CA TRP C 85 25.04 -14.23 -28.69
C TRP C 85 24.24 -13.34 -29.63
N SER C 86 22.92 -13.38 -29.47
CA SER C 86 22.03 -12.40 -30.08
C SER C 86 20.94 -12.05 -29.08
N SER C 87 20.22 -10.97 -29.38
CA SER C 87 19.08 -10.58 -28.56
C SER C 87 17.84 -11.33 -29.05
N CYS C 88 16.90 -11.60 -28.14
CA CYS C 88 15.63 -12.22 -28.52
C CYS C 88 14.51 -11.20 -28.78
N ASN C 89 14.85 -9.92 -28.88
CA ASN C 89 13.85 -8.91 -29.24
C ASN C 89 14.55 -7.76 -29.98
N ILE C 90 13.84 -7.18 -30.96
CA ILE C 90 14.41 -6.11 -31.77
C ILE C 90 14.65 -4.82 -31.01
N PHE C 91 13.98 -4.60 -29.87
CA PHE C 91 14.11 -3.34 -29.13
C PHE C 91 14.77 -3.47 -27.77
N SER C 92 15.18 -4.66 -27.35
CA SER C 92 15.55 -4.86 -25.94
C SER C 92 17.05 -4.71 -25.67
N THR C 93 17.88 -4.63 -26.70
CA THR C 93 19.32 -4.47 -26.49
C THR C 93 19.61 -3.12 -25.83
N GLN C 94 20.54 -3.12 -24.88
CA GLN C 94 21.21 -1.91 -24.47
C GLN C 94 22.52 -1.82 -25.23
N ASP C 95 22.67 -0.79 -26.05
CA ASP C 95 23.82 -0.73 -26.97
C ASP C 95 25.15 -0.70 -26.22
N GLN C 96 25.19 -0.10 -25.01
CA GLN C 96 26.44 -0.07 -24.26
C GLN C 96 26.79 -1.44 -23.71
N ALA C 97 25.79 -2.28 -23.43
CA ALA C 97 26.09 -3.65 -23.01
C ALA C 97 26.65 -4.46 -24.17
N ALA C 98 25.99 -4.39 -25.33
CA ALA C 98 26.49 -5.10 -26.50
C ALA C 98 27.90 -4.66 -26.87
N ALA C 99 28.16 -3.34 -26.82
CA ALA C 99 29.50 -2.87 -27.15
C ALA C 99 30.53 -3.41 -26.16
N ALA C 100 30.15 -3.51 -24.89
CA ALA C 100 31.09 -3.99 -23.88
C ALA C 100 31.43 -5.46 -24.10
N ILE C 101 30.44 -6.26 -24.47
CA ILE C 101 30.66 -7.68 -24.72
C ILE C 101 31.53 -7.89 -25.95
N ALA C 102 31.18 -7.21 -27.05
CA ALA C 102 32.00 -7.27 -28.25
C ALA C 102 33.43 -6.82 -27.96
N ALA C 103 33.59 -5.78 -27.14
CA ALA C 103 34.94 -5.30 -26.84
C ALA C 103 35.73 -6.30 -26.00
N ALA C 104 35.04 -7.19 -25.29
CA ALA C 104 35.68 -8.25 -24.53
C ALA C 104 36.11 -9.42 -25.40
N GLY C 105 35.96 -9.31 -26.73
CA GLY C 105 36.26 -10.40 -27.63
C GLY C 105 35.20 -11.49 -27.73
N ILE C 106 33.95 -11.19 -27.43
CA ILE C 106 32.86 -12.17 -27.41
C ILE C 106 31.94 -11.90 -28.60
N PRO C 107 31.66 -12.88 -29.45
CA PRO C 107 30.76 -12.64 -30.59
C PRO C 107 29.36 -12.29 -30.12
N VAL C 108 28.89 -11.12 -30.55
CA VAL C 108 27.55 -10.65 -30.20
C VAL C 108 26.98 -9.90 -31.40
N PHE C 109 25.73 -10.19 -31.75
CA PHE C 109 25.08 -9.54 -32.89
C PHE C 109 23.74 -8.99 -32.38
N ALA C 110 23.74 -7.70 -32.02
CA ALA C 110 22.61 -7.12 -31.31
C ALA C 110 22.73 -5.61 -31.23
N TRP C 111 21.63 -4.92 -31.52
CA TRP C 111 21.53 -3.49 -31.30
C TRP C 111 20.07 -3.13 -31.11
N LYS C 112 19.84 -1.98 -30.45
CA LYS C 112 18.47 -1.52 -30.22
C LYS C 112 17.89 -0.98 -31.52
N GLY C 113 16.68 -1.42 -31.84
CA GLY C 113 16.04 -1.00 -33.08
C GLY C 113 16.36 -1.77 -34.35
N GLU C 114 16.53 -3.09 -34.24
CA GLU C 114 16.66 -3.94 -35.41
C GLU C 114 15.36 -3.98 -36.20
N THR C 115 15.48 -4.17 -37.52
CA THR C 115 14.31 -4.61 -38.27
C THR C 115 14.12 -6.11 -38.07
N GLU C 116 12.95 -6.61 -38.52
CA GLU C 116 12.71 -8.06 -38.42
C GLU C 116 13.76 -8.84 -39.19
N GLU C 117 14.17 -8.33 -40.35
CA GLU C 117 15.17 -9.01 -41.17
C GLU C 117 16.53 -9.04 -40.48
N GLU C 118 16.91 -7.92 -39.86
CA GLU C 118 18.15 -7.88 -39.09
C GLU C 118 18.09 -8.81 -37.90
N TYR C 119 16.92 -8.88 -37.25
CA TYR C 119 16.75 -9.82 -36.14
C TYR C 119 17.12 -11.24 -36.55
N GLU C 120 16.58 -11.70 -37.68
CA GLU C 120 16.86 -13.04 -38.18
C GLU C 120 18.31 -13.18 -38.58
N TRP C 121 18.87 -12.15 -39.21
CA TRP C 121 20.28 -12.16 -39.57
C TRP C 121 21.16 -12.32 -38.35
N CYS C 122 20.85 -11.60 -37.26
CA CYS C 122 21.65 -11.68 -36.04
C CYS C 122 21.67 -13.08 -35.48
N ILE C 123 20.53 -13.75 -35.40
CA ILE C 123 20.51 -15.10 -34.87
C ILE C 123 21.34 -16.01 -35.76
N GLU C 124 21.25 -15.82 -37.08
CA GLU C 124 22.00 -16.64 -38.02
C GLU C 124 23.51 -16.41 -37.88
N GLN C 125 23.91 -15.19 -37.49
CA GLN C 125 25.33 -14.95 -37.28
C GLN C 125 25.86 -15.66 -36.04
N THR C 126 25.01 -15.99 -35.06
CA THR C 126 25.47 -16.83 -33.97
C THR C 126 25.61 -18.28 -34.42
N ILE C 127 24.69 -18.74 -35.27
CA ILE C 127 24.64 -20.15 -35.68
C ILE C 127 25.80 -20.47 -36.61
N LEU C 128 26.12 -19.55 -37.51
CA LEU C 128 27.18 -19.71 -38.48
C LEU C 128 28.41 -18.97 -38.03
N LYS C 129 29.57 -19.62 -38.18
CA LYS C 129 30.85 -18.94 -38.01
C LYS C 129 31.65 -19.21 -39.27
N ASP C 130 32.12 -18.14 -39.91
CA ASP C 130 32.82 -18.24 -41.18
C ASP C 130 31.97 -18.97 -42.22
N GLY C 131 30.68 -18.65 -42.27
CA GLY C 131 29.80 -19.15 -43.30
C GLY C 131 29.42 -20.62 -43.19
N GLN C 132 29.81 -21.32 -42.14
CA GLN C 132 29.40 -22.70 -41.93
C GLN C 132 28.92 -22.85 -40.49
N PRO C 133 28.08 -23.85 -40.21
CA PRO C 133 27.56 -24.01 -38.85
C PRO C 133 28.71 -24.08 -37.84
N TRP C 134 28.58 -23.28 -36.79
CA TRP C 134 29.45 -23.39 -35.63
C TRP C 134 29.26 -24.74 -34.96
N ASP C 135 30.33 -25.24 -34.32
CA ASP C 135 30.26 -26.48 -33.56
C ASP C 135 29.61 -26.29 -32.18
N ALA C 136 28.39 -25.78 -32.19
CA ALA C 136 27.67 -25.54 -30.95
C ALA C 136 27.33 -26.86 -30.26
N ASN C 137 27.21 -26.80 -28.93
CA ASN C 137 26.80 -27.98 -28.19
C ASN C 137 25.91 -27.66 -27.01
N MET C 138 25.46 -26.40 -26.88
CA MET C 138 24.55 -25.95 -25.85
C MET C 138 23.73 -24.80 -26.41
N VAL C 139 22.51 -24.64 -25.91
CA VAL C 139 21.63 -23.55 -26.30
C VAL C 139 21.09 -22.87 -25.05
N LEU C 140 21.11 -21.53 -25.04
CA LEU C 140 20.40 -20.73 -24.05
C LEU C 140 19.44 -19.80 -24.79
N ASP C 141 18.15 -19.92 -24.51
CA ASP C 141 17.11 -19.28 -25.30
C ASP C 141 16.11 -18.56 -24.38
N ASP C 142 15.47 -17.53 -24.93
CA ASP C 142 14.44 -16.78 -24.21
C ASP C 142 13.31 -16.57 -25.22
N GLY C 143 12.29 -17.44 -25.16
CA GLY C 143 11.15 -17.35 -26.05
C GLY C 143 11.13 -18.38 -27.16
N GLY C 144 12.22 -19.12 -27.39
CA GLY C 144 12.17 -20.24 -28.32
C GLY C 144 12.43 -19.93 -29.79
N ASP C 145 12.78 -18.68 -30.16
CA ASP C 145 13.06 -18.40 -31.57
C ASP C 145 14.31 -19.14 -32.04
N LEU C 146 15.41 -19.06 -31.27
CA LEU C 146 16.63 -19.76 -31.66
C LEU C 146 16.40 -21.27 -31.67
N THR C 147 15.73 -21.79 -30.65
CA THR C 147 15.35 -23.19 -30.62
C THR C 147 14.58 -23.59 -31.88
N GLU C 148 13.62 -22.76 -32.30
CA GLU C 148 12.82 -23.09 -33.49
C GLU C 148 13.67 -23.08 -34.76
N ILE C 149 14.55 -22.08 -34.91
CA ILE C 149 15.37 -22.02 -36.12
C ILE C 149 16.28 -23.24 -36.23
N LEU C 150 16.85 -23.67 -35.12
CA LEU C 150 17.71 -24.86 -35.16
C LEU C 150 16.94 -26.11 -35.56
N HIS C 151 15.72 -26.28 -35.03
CA HIS C 151 14.95 -27.47 -35.38
C HIS C 151 14.49 -27.44 -36.83
N LYS C 152 14.12 -26.26 -37.34
CA LYS C 152 13.58 -26.15 -38.69
C LYS C 152 14.67 -26.02 -39.75
N LYS C 153 15.67 -25.17 -39.51
CA LYS C 153 16.61 -24.83 -40.57
C LYS C 153 17.98 -25.50 -40.42
N TYR C 154 18.38 -25.86 -39.20
CA TYR C 154 19.68 -26.49 -38.96
C TYR C 154 19.56 -27.74 -38.10
N PRO C 155 18.69 -28.69 -38.48
CA PRO C 155 18.50 -29.88 -37.63
C PRO C 155 19.76 -30.71 -37.44
N GLN C 156 20.69 -30.70 -38.39
CA GLN C 156 21.92 -31.46 -38.19
CA GLN C 156 21.94 -31.43 -38.21
C GLN C 156 22.72 -30.91 -37.00
N MET C 157 22.66 -29.59 -36.76
CA MET C 157 23.39 -29.02 -35.62
C MET C 157 22.94 -29.60 -34.28
N LEU C 158 21.67 -30.03 -34.19
CA LEU C 158 21.18 -30.54 -32.91
C LEU C 158 21.81 -31.89 -32.54
N GLU C 159 22.40 -32.60 -33.51
CA GLU C 159 23.11 -33.84 -33.23
C GLU C 159 24.24 -33.64 -32.22
N ARG C 160 24.82 -32.44 -32.18
CA ARG C 160 25.97 -32.17 -31.32
C ARG C 160 25.59 -31.45 -30.04
N ILE C 161 24.32 -31.12 -29.84
CA ILE C 161 23.91 -30.22 -28.77
C ILE C 161 23.40 -31.03 -27.58
N HIS C 162 23.91 -30.70 -26.38
CA HIS C 162 23.56 -31.46 -25.18
C HIS C 162 22.24 -30.99 -24.55
N GLY C 163 21.76 -29.79 -24.85
CA GLY C 163 20.53 -29.36 -24.22
C GLY C 163 20.25 -27.89 -24.45
N ILE C 164 19.02 -27.51 -24.09
CA ILE C 164 18.54 -26.13 -24.14
C ILE C 164 18.15 -25.70 -22.73
N THR C 165 18.51 -24.48 -22.35
CA THR C 165 18.00 -23.89 -21.11
C THR C 165 17.14 -22.68 -21.48
N GLU C 166 15.84 -22.80 -21.23
CA GLU C 166 14.86 -21.86 -21.75
C GLU C 166 14.35 -20.94 -20.63
N GLU C 167 14.36 -19.63 -20.90
CA GLU C 167 14.20 -18.60 -19.87
C GLU C 167 12.75 -18.34 -19.50
N THR C 168 11.82 -18.38 -20.45
CA THR C 168 10.57 -17.66 -20.25
C THR C 168 9.38 -18.56 -20.57
N THR C 169 8.23 -18.18 -19.99
CA THR C 169 7.01 -18.96 -20.07
C THR C 169 6.67 -19.35 -21.51
N THR C 170 6.66 -18.36 -22.42
CA THR C 170 6.29 -18.65 -23.80
C THR C 170 7.23 -19.69 -24.40
N GLY C 171 8.53 -19.55 -24.13
CA GLY C 171 9.49 -20.52 -24.66
C GLY C 171 9.28 -21.91 -24.12
N VAL C 172 8.89 -22.03 -22.85
CA VAL C 172 8.64 -23.33 -22.26
C VAL C 172 7.43 -23.98 -22.92
N HIS C 173 6.37 -23.19 -23.13
CA HIS C 173 5.20 -23.72 -23.80
C HIS C 173 5.58 -24.33 -25.15
N ARG C 174 6.45 -23.65 -25.90
CA ARG C 174 6.83 -24.16 -27.22
C ARG C 174 7.61 -25.47 -27.08
N LEU C 175 8.48 -25.57 -26.06
CA LEU C 175 9.24 -26.81 -25.85
C LEU C 175 8.31 -27.97 -25.54
N LEU C 176 7.29 -27.72 -24.70
CA LEU C 176 6.39 -28.79 -24.29
C LEU C 176 5.52 -29.25 -25.46
N ASP C 177 5.18 -28.35 -26.39
CA ASP C 177 4.44 -28.81 -27.56
C ASP C 177 5.33 -29.68 -28.45
N MET C 178 6.61 -29.32 -28.59
CA MET C 178 7.49 -30.18 -29.38
C MET C 178 7.67 -31.54 -28.74
N LEU C 179 7.81 -31.57 -27.41
CA LEU C 179 8.00 -32.86 -26.74
C LEU C 179 6.77 -33.73 -26.89
N LYS C 180 5.58 -33.14 -26.72
CA LYS C 180 4.35 -33.90 -26.96
C LYS C 180 4.27 -34.37 -28.41
N ASN C 181 4.73 -33.55 -29.36
CA ASN C 181 4.66 -34.00 -30.74
C ASN C 181 5.84 -34.89 -31.13
N GLY C 182 6.84 -35.03 -30.28
CA GLY C 182 7.98 -35.86 -30.65
C GLY C 182 8.98 -35.18 -31.56
N THR C 183 8.93 -33.85 -31.65
CA THR C 183 9.84 -33.10 -32.50
C THR C 183 10.99 -32.46 -31.73
N LEU C 184 10.98 -32.49 -30.39
CA LEU C 184 12.11 -31.97 -29.61
C LEU C 184 13.29 -32.93 -29.72
N LYS C 185 14.44 -32.42 -30.14
CA LYS C 185 15.57 -33.30 -30.46
C LYS C 185 16.62 -33.37 -29.36
N VAL C 186 16.57 -32.47 -28.38
CA VAL C 186 17.51 -32.45 -27.27
C VAL C 186 16.75 -32.11 -25.99
N PRO C 187 17.25 -32.54 -24.84
CA PRO C 187 16.57 -32.22 -23.58
C PRO C 187 16.68 -30.75 -23.25
N ALA C 188 15.79 -30.29 -22.37
CA ALA C 188 15.73 -28.90 -21.98
C ALA C 188 15.57 -28.76 -20.47
N ILE C 189 16.09 -27.66 -19.92
CA ILE C 189 15.71 -27.25 -18.57
C ILE C 189 14.80 -26.02 -18.66
N ASN C 190 13.62 -26.16 -18.09
CA ASN C 190 12.69 -25.06 -17.90
C ASN C 190 13.21 -24.18 -16.77
N VAL C 191 14.00 -23.16 -17.11
CA VAL C 191 14.50 -22.25 -16.08
C VAL C 191 13.39 -21.38 -15.51
N ASN C 192 12.32 -21.18 -16.29
CA ASN C 192 11.27 -20.25 -15.90
C ASN C 192 10.63 -20.65 -14.58
N ASP C 193 10.45 -21.95 -14.35
CA ASP C 193 9.65 -22.39 -13.22
C ASP C 193 10.46 -22.67 -11.96
N SER C 194 11.74 -22.29 -11.92
CA SER C 194 12.37 -22.12 -10.61
C SER C 194 11.61 -21.01 -9.89
N VAL C 195 11.45 -21.15 -8.57
CA VAL C 195 10.73 -20.11 -7.83
C VAL C 195 11.51 -18.80 -7.84
N THR C 196 12.85 -18.89 -7.75
CA THR C 196 13.72 -17.71 -7.86
C THR C 196 13.76 -17.15 -9.29
N LYS C 197 13.03 -17.75 -10.22
CA LYS C 197 12.80 -17.14 -11.53
C LYS C 197 11.36 -16.66 -11.61
N SER C 198 10.40 -17.59 -11.76
CA SER C 198 9.01 -17.25 -12.05
C SER C 198 8.44 -16.25 -11.05
N LYS C 199 8.64 -16.52 -9.75
CA LYS C 199 8.06 -15.74 -8.66
CA LYS C 199 8.03 -15.70 -8.70
C LYS C 199 8.94 -14.59 -8.22
N ASN C 200 9.96 -14.26 -9.01
CA ASN C 200 10.88 -13.18 -8.73
C ASN C 200 10.97 -12.29 -9.97
N ASP C 201 11.56 -12.84 -11.03
CA ASP C 201 11.66 -12.18 -12.33
C ASP C 201 10.28 -11.82 -12.89
N ASN C 202 9.42 -12.83 -13.13
CA ASN C 202 8.19 -12.58 -13.89
C ASN C 202 7.27 -11.61 -13.15
N LYS C 203 7.24 -11.70 -11.82
CA LYS C 203 6.35 -10.84 -11.02
C LYS C 203 7.06 -9.56 -10.57
N TYR C 204 8.08 -9.67 -9.70
CA TYR C 204 8.67 -8.46 -9.15
C TYR C 204 9.44 -7.66 -10.21
N GLY C 205 9.97 -8.35 -11.24
CA GLY C 205 10.64 -7.62 -12.30
C GLY C 205 9.70 -6.70 -13.05
N CYS C 206 8.49 -7.18 -13.38
CA CYS C 206 7.54 -6.31 -14.05
C CYS C 206 7.01 -5.23 -13.12
N ARG C 207 6.92 -5.53 -11.82
CA ARG C 207 6.53 -4.51 -10.85
CA ARG C 207 6.53 -4.50 -10.86
C ARG C 207 7.48 -3.33 -10.92
N HIS C 208 8.78 -3.61 -11.01
CA HIS C 208 9.80 -2.57 -11.06
C HIS C 208 9.80 -1.86 -12.40
N SER C 209 9.65 -2.61 -13.51
CA SER C 209 9.97 -2.09 -14.83
C SER C 209 8.77 -1.66 -15.67
N LEU C 210 7.53 -2.02 -15.33
CA LEU C 210 6.43 -1.56 -16.18
C LEU C 210 6.17 -0.07 -15.99
N ASN C 211 6.02 0.39 -14.74
CA ASN C 211 5.77 1.82 -14.60
CA ASN C 211 5.78 1.82 -14.55
C ASN C 211 6.99 2.62 -15.01
N ASP C 212 8.19 2.04 -14.86
CA ASP C 212 9.44 2.63 -15.33
C ASP C 212 9.37 2.92 -16.83
N ALA C 213 8.98 1.92 -17.64
CA ALA C 213 8.91 2.13 -19.10
C ALA C 213 7.82 3.12 -19.50
N ILE C 214 6.68 3.12 -18.82
CA ILE C 214 5.61 4.04 -19.19
C ILE C 214 6.02 5.47 -18.85
N LYS C 215 6.71 5.66 -17.72
CA LYS C 215 7.21 7.01 -17.40
C LYS C 215 8.25 7.47 -18.41
N ARG C 216 9.20 6.59 -18.77
CA ARG C 216 10.21 7.04 -19.73
C ARG C 216 9.59 7.38 -21.08
N GLY C 217 8.60 6.60 -21.52
CA GLY C 217 8.02 6.80 -22.84
C GLY C 217 7.11 8.02 -22.95
N THR C 218 6.27 8.24 -21.93
CA THR C 218 5.23 9.27 -21.98
C THR C 218 5.39 10.36 -20.93
N ASP C 219 6.09 10.06 -19.82
CA ASP C 219 6.12 10.93 -18.63
C ASP C 219 4.72 11.28 -18.13
N HIS C 220 3.76 10.39 -18.35
CA HIS C 220 2.40 10.60 -17.86
C HIS C 220 2.31 10.36 -16.37
N LEU C 221 1.61 11.24 -15.67
CA LEU C 221 1.12 10.92 -14.34
C LEU C 221 0.26 9.67 -14.42
N LEU C 222 0.47 8.76 -13.46
CA LEU C 222 -0.36 7.57 -13.41
C LEU C 222 -1.39 7.61 -12.30
N SER C 223 -1.08 8.30 -11.19
CA SER C 223 -2.00 8.40 -10.06
C SER C 223 -3.34 8.96 -10.55
N GLY C 224 -4.43 8.38 -10.05
CA GLY C 224 -5.76 8.92 -10.36
C GLY C 224 -6.36 8.44 -11.66
N LYS C 225 -5.57 7.80 -12.53
CA LYS C 225 -6.03 7.35 -13.84
C LYS C 225 -6.45 5.88 -13.84
N GLN C 226 -7.17 5.49 -14.90
CA GLN C 226 -7.78 4.17 -15.00
C GLN C 226 -6.94 3.26 -15.90
N ALA C 227 -6.63 2.06 -15.40
CA ALA C 227 -5.85 1.08 -16.14
C ALA C 227 -6.65 -0.21 -16.29
N LEU C 228 -6.41 -0.93 -17.39
CA LEU C 228 -6.92 -2.27 -17.61
C LEU C 228 -5.74 -3.17 -17.87
N VAL C 229 -5.53 -4.14 -16.99
CA VAL C 229 -4.45 -5.12 -17.18
C VAL C 229 -5.09 -6.40 -17.68
N ILE C 230 -4.65 -6.89 -18.83
CA ILE C 230 -5.24 -8.09 -19.40
C ILE C 230 -4.35 -9.24 -18.96
N GLY C 231 -4.88 -10.08 -18.07
CA GLY C 231 -4.13 -11.19 -17.51
C GLY C 231 -3.68 -10.93 -16.09
N TYR C 232 -3.59 -12.02 -15.32
CA TYR C 232 -3.20 -11.95 -13.90
C TYR C 232 -2.41 -13.21 -13.51
N GLY C 233 -1.52 -13.65 -14.43
CA GLY C 233 -0.49 -14.63 -14.11
C GLY C 233 0.63 -13.91 -13.39
N ASP C 234 1.87 -14.45 -13.48
CA ASP C 234 2.95 -13.79 -12.75
C ASP C 234 3.22 -12.40 -13.30
N VAL C 235 3.25 -12.23 -14.62
CA VAL C 235 3.48 -10.92 -15.22
C VAL C 235 2.31 -9.96 -14.96
N GLY C 236 1.07 -10.45 -15.07
CA GLY C 236 -0.07 -9.59 -14.78
C GLY C 236 -0.14 -9.18 -13.32
N LYS C 237 0.16 -10.12 -12.41
CA LYS C 237 0.25 -9.79 -10.99
C LYS C 237 1.25 -8.67 -10.74
N GLY C 238 2.48 -8.82 -11.26
CA GLY C 238 3.47 -7.77 -11.05
C GLY C 238 3.12 -6.47 -11.75
N SER C 239 2.59 -6.58 -12.97
CA SER C 239 2.16 -5.40 -13.72
C SER C 239 1.06 -4.65 -12.99
N SER C 240 0.04 -5.38 -12.49
CA SER C 240 -1.04 -4.72 -11.75
C SER C 240 -0.51 -3.98 -10.54
N GLN C 241 0.47 -4.58 -9.86
CA GLN C 241 1.02 -3.92 -8.68
CA GLN C 241 1.05 -3.94 -8.68
C GLN C 241 1.87 -2.71 -9.07
N SER C 242 2.59 -2.79 -10.19
CA SER C 242 3.37 -1.66 -10.70
C SER C 242 2.47 -0.43 -10.86
N LEU C 243 1.26 -0.64 -11.39
CA LEU C 243 0.35 0.48 -11.60
C LEU C 243 -0.36 0.88 -10.31
N ARG C 244 -0.87 -0.08 -9.54
CA ARG C 244 -1.65 0.26 -8.36
C ARG C 244 -0.81 1.02 -7.32
N GLN C 245 0.47 0.64 -7.18
CA GLN C 245 1.33 1.31 -6.22
C GLN C 245 1.59 2.75 -6.61
N GLU C 246 1.46 3.08 -7.90
CA GLU C 246 1.51 4.45 -8.37
C GLU C 246 0.20 5.21 -8.14
N GLY C 247 -0.84 4.55 -7.64
CA GLY C 247 -2.14 5.20 -7.48
C GLY C 247 -3.09 5.06 -8.65
N MET C 248 -2.78 4.22 -9.64
CA MET C 248 -3.79 3.98 -10.68
C MET C 248 -4.97 3.23 -10.09
N ILE C 249 -6.15 3.44 -10.69
CA ILE C 249 -7.33 2.61 -10.43
C ILE C 249 -7.27 1.50 -11.46
N VAL C 250 -6.88 0.30 -11.01
CA VAL C 250 -6.55 -0.82 -11.89
C VAL C 250 -7.71 -1.80 -11.94
N LYS C 251 -8.15 -2.14 -13.15
CA LYS C 251 -9.08 -3.24 -13.38
C LYS C 251 -8.32 -4.36 -14.05
N VAL C 252 -8.74 -5.61 -13.80
CA VAL C 252 -8.05 -6.81 -14.27
C VAL C 252 -9.01 -7.67 -15.08
N ALA C 253 -8.54 -8.17 -16.21
CA ALA C 253 -9.26 -9.17 -16.99
C ALA C 253 -8.52 -10.51 -16.92
N GLU C 254 -9.28 -11.61 -16.93
CA GLU C 254 -8.69 -12.93 -16.87
C GLU C 254 -9.66 -13.90 -17.51
N VAL C 255 -9.10 -14.98 -18.07
CA VAL C 255 -9.87 -16.14 -18.47
C VAL C 255 -9.78 -17.23 -17.41
N ASP C 256 -8.81 -17.15 -16.49
CA ASP C 256 -8.58 -18.17 -15.48
C ASP C 256 -9.29 -17.75 -14.20
N PRO C 257 -10.32 -18.46 -13.74
CA PRO C 257 -11.06 -17.96 -12.56
C PRO C 257 -10.25 -18.04 -11.28
N ILE C 258 -9.22 -18.90 -11.19
CA ILE C 258 -8.39 -18.90 -10.00
C ILE C 258 -7.54 -17.62 -9.95
N CYS C 259 -6.90 -17.27 -11.07
CA CYS C 259 -6.16 -16.00 -11.07
C CYS C 259 -7.10 -14.82 -10.87
N ALA C 260 -8.31 -14.91 -11.43
CA ALA C 260 -9.30 -13.85 -11.21
C ALA C 260 -9.64 -13.73 -9.74
N MET C 261 -9.76 -14.86 -9.04
N MET C 261 -9.76 -14.86 -9.04
CA MET C 261 -10.02 -14.83 -7.61
CA MET C 261 -10.02 -14.83 -7.61
C MET C 261 -8.91 -14.11 -6.86
C MET C 261 -8.91 -14.11 -6.86
N GLN C 262 -7.65 -14.36 -7.24
CA GLN C 262 -6.55 -13.67 -6.61
C GLN C 262 -6.65 -12.16 -6.87
N ALA C 263 -7.01 -11.76 -8.09
CA ALA C 263 -7.11 -10.33 -8.39
C ALA C 263 -8.15 -9.67 -7.49
N CYS C 264 -9.30 -10.32 -7.29
CA CYS C 264 -10.32 -9.78 -6.39
C CYS C 264 -9.78 -9.61 -4.98
N MET C 265 -9.21 -10.67 -4.42
CA MET C 265 -8.67 -10.64 -3.06
C MET C 265 -7.53 -9.65 -2.93
N ASP C 266 -6.80 -9.41 -4.01
CA ASP C 266 -5.74 -8.40 -3.99
C ASP C 266 -6.28 -6.99 -4.12
N GLY C 267 -7.59 -6.84 -4.27
CA GLY C 267 -8.18 -5.51 -4.23
C GLY C 267 -8.48 -4.90 -5.57
N PHE C 268 -8.62 -5.72 -6.61
CA PHE C 268 -8.89 -5.25 -7.96
C PHE C 268 -10.29 -5.66 -8.38
N GLU C 269 -10.91 -4.81 -9.19
CA GLU C 269 -12.17 -5.13 -9.82
C GLU C 269 -11.88 -5.95 -11.08
N VAL C 270 -12.55 -7.10 -11.23
CA VAL C 270 -12.30 -7.99 -12.35
C VAL C 270 -13.40 -7.78 -13.39
N VAL C 271 -12.98 -7.43 -14.62
CA VAL C 271 -13.90 -7.04 -15.70
C VAL C 271 -13.45 -7.71 -16.99
N SER C 272 -14.36 -7.72 -17.97
CA SER C 272 -14.01 -8.22 -19.29
C SER C 272 -14.20 -7.13 -20.33
N PRO C 273 -13.33 -7.04 -21.33
CA PRO C 273 -13.60 -6.10 -22.42
C PRO C 273 -14.88 -6.41 -23.17
N TYR C 274 -15.41 -7.64 -23.05
CA TYR C 274 -16.61 -8.06 -23.78
C TYR C 274 -17.80 -8.20 -22.84
N LYS C 275 -18.98 -7.83 -23.35
CA LYS C 275 -20.20 -7.96 -22.57
C LYS C 275 -20.38 -9.42 -22.15
N ASN C 276 -20.56 -9.63 -20.84
CA ASN C 276 -20.65 -10.96 -20.23
C ASN C 276 -19.45 -11.85 -20.57
N GLY C 277 -18.34 -11.26 -21.00
CA GLY C 277 -17.13 -12.01 -21.27
C GLY C 277 -17.12 -12.75 -22.59
N ILE C 278 -18.10 -12.53 -23.46
CA ILE C 278 -18.27 -13.31 -24.69
C ILE C 278 -17.66 -12.54 -25.87
N ASN C 279 -16.53 -13.06 -26.37
CA ASN C 279 -15.75 -12.48 -27.46
C ASN C 279 -16.21 -13.14 -28.77
N ASP C 280 -17.25 -12.59 -29.38
CA ASP C 280 -17.81 -13.18 -30.59
C ASP C 280 -17.38 -12.47 -31.87
N GLY C 281 -16.40 -11.58 -31.81
CA GLY C 281 -15.88 -10.91 -32.99
C GLY C 281 -16.67 -9.72 -33.50
N THR C 282 -17.74 -9.30 -32.82
CA THR C 282 -18.56 -8.18 -33.28
C THR C 282 -18.29 -6.94 -32.44
N GLU C 283 -18.47 -5.77 -33.06
CA GLU C 283 -18.36 -4.54 -32.29
C GLU C 283 -19.40 -4.49 -31.17
N ALA C 284 -20.55 -5.10 -31.38
CA ALA C 284 -21.62 -5.07 -30.38
C ALA C 284 -21.21 -5.77 -29.09
N SER C 285 -20.25 -6.71 -29.16
CA SER C 285 -19.82 -7.41 -27.95
C SER C 285 -18.90 -6.56 -27.07
N ILE C 286 -18.30 -5.49 -27.60
CA ILE C 286 -17.40 -4.65 -26.81
C ILE C 286 -18.18 -3.88 -25.75
N ASP C 287 -17.68 -3.88 -24.51
CA ASP C 287 -18.19 -3.02 -23.45
C ASP C 287 -17.59 -1.64 -23.69
N ALA C 288 -18.28 -0.87 -24.53
CA ALA C 288 -17.79 0.45 -24.93
C ALA C 288 -17.70 1.42 -23.76
N ALA C 289 -18.65 1.32 -22.82
CA ALA C 289 -18.62 2.19 -21.64
C ALA C 289 -17.38 1.96 -20.81
N LEU C 290 -17.01 0.69 -20.62
CA LEU C 290 -15.80 0.34 -19.90
C LEU C 290 -14.57 0.87 -20.63
N LEU C 291 -14.39 0.47 -21.90
CA LEU C 291 -13.18 0.87 -22.63
C LEU C 291 -13.10 2.39 -22.84
N GLY C 292 -14.24 3.07 -22.96
CA GLY C 292 -14.20 4.53 -23.05
C GLY C 292 -13.73 5.25 -21.80
N LYS C 293 -13.46 4.51 -20.72
CA LYS C 293 -12.96 5.08 -19.48
C LYS C 293 -11.51 4.73 -19.22
N ILE C 294 -10.89 3.92 -20.06
CA ILE C 294 -9.57 3.37 -19.76
C ILE C 294 -8.48 4.29 -20.30
N ASP C 295 -7.55 4.69 -19.42
CA ASP C 295 -6.42 5.53 -19.84
C ASP C 295 -5.19 4.74 -20.24
N LEU C 296 -5.11 3.47 -19.85
CA LEU C 296 -3.94 2.63 -20.08
C LEU C 296 -4.39 1.17 -20.12
N ILE C 297 -3.98 0.49 -21.18
CA ILE C 297 -4.18 -0.96 -21.27
C ILE C 297 -2.81 -1.64 -21.43
N VAL C 298 -2.61 -2.71 -20.67
CA VAL C 298 -1.37 -3.50 -20.65
C VAL C 298 -1.77 -4.96 -20.84
N THR C 299 -1.15 -5.64 -21.81
CA THR C 299 -1.39 -7.06 -22.06
C THR C 299 -0.23 -7.87 -21.48
N THR C 300 -0.56 -8.94 -20.76
CA THR C 300 0.42 -9.73 -20.01
C THR C 300 0.26 -11.24 -20.23
N THR C 301 -0.35 -11.68 -21.32
CA THR C 301 -0.95 -13.01 -21.31
C THR C 301 -0.09 -14.10 -21.94
N GLY C 302 0.80 -13.78 -22.89
CA GLY C 302 1.36 -14.79 -23.75
C GLY C 302 0.38 -15.42 -24.72
N ASN C 303 -0.80 -14.83 -24.88
CA ASN C 303 -1.86 -15.30 -25.78
C ASN C 303 -1.91 -14.39 -27.00
N VAL C 304 -2.81 -14.68 -27.95
CA VAL C 304 -2.90 -13.92 -29.21
C VAL C 304 -4.14 -13.01 -29.18
N ASN C 305 -3.96 -11.77 -29.64
CA ASN C 305 -5.08 -10.85 -29.94
C ASN C 305 -5.97 -10.61 -28.71
N VAL C 306 -5.35 -10.33 -27.56
CA VAL C 306 -6.14 -10.05 -26.37
C VAL C 306 -6.43 -8.57 -26.20
N CYS C 307 -5.86 -7.71 -27.05
CA CYS C 307 -6.31 -6.33 -27.23
C CYS C 307 -6.57 -6.16 -28.72
N ASP C 308 -7.82 -6.43 -29.13
CA ASP C 308 -8.10 -6.63 -30.54
C ASP C 308 -8.54 -5.31 -31.21
N ALA C 309 -8.87 -5.42 -32.51
CA ALA C 309 -9.23 -4.24 -33.29
C ALA C 309 -10.39 -3.50 -32.65
N ASN C 310 -11.43 -4.22 -32.25
CA ASN C 310 -12.64 -3.60 -31.73
C ASN C 310 -12.39 -2.92 -30.39
N MET C 311 -11.58 -3.53 -29.53
CA MET C 311 -11.14 -2.86 -28.31
C MET C 311 -10.39 -1.58 -28.63
N LEU C 312 -9.47 -1.64 -29.60
CA LEU C 312 -8.69 -0.47 -29.97
C LEU C 312 -9.58 0.67 -30.47
N LYS C 313 -10.64 0.33 -31.21
CA LYS C 313 -11.58 1.34 -31.69
C LYS C 313 -12.36 1.97 -30.54
N ALA C 314 -12.55 1.23 -29.46
CA ALA C 314 -13.40 1.66 -28.37
C ALA C 314 -12.65 2.38 -27.25
N LEU C 315 -11.31 2.29 -27.19
CA LEU C 315 -10.56 2.89 -26.09
C LEU C 315 -10.76 4.41 -26.04
N LYS C 316 -10.80 4.94 -24.81
CA LYS C 316 -10.76 6.37 -24.57
C LYS C 316 -9.71 7.07 -25.45
N LYS C 317 -10.05 8.26 -25.95
CA LYS C 317 -9.07 9.06 -26.68
C LYS C 317 -7.83 9.29 -25.83
N ARG C 318 -6.66 9.20 -26.47
CA ARG C 318 -5.34 9.44 -25.89
C ARG C 318 -4.92 8.38 -24.88
N ALA C 319 -5.57 7.21 -24.89
CA ALA C 319 -5.13 6.09 -24.07
C ALA C 319 -3.75 5.58 -24.52
N VAL C 320 -2.99 5.05 -23.56
CA VAL C 320 -1.72 4.40 -23.81
C VAL C 320 -1.96 2.91 -23.92
N VAL C 321 -1.33 2.29 -24.92
CA VAL C 321 -1.47 0.87 -25.23
C VAL C 321 -0.09 0.25 -25.18
N CYS C 322 0.06 -0.81 -24.39
CA CYS C 322 1.34 -1.51 -24.44
C CYS C 322 1.19 -2.97 -24.06
N ASN C 323 2.26 -3.72 -24.33
CA ASN C 323 2.32 -5.15 -24.11
C ASN C 323 3.59 -5.47 -23.34
N ILE C 324 3.47 -6.30 -22.30
CA ILE C 324 4.65 -6.75 -21.56
C ILE C 324 4.78 -8.28 -21.61
N GLY C 325 3.93 -8.93 -22.42
CA GLY C 325 4.18 -10.32 -22.78
C GLY C 325 5.27 -10.48 -23.83
N HIS C 326 5.66 -11.73 -24.09
CA HIS C 326 6.87 -11.96 -24.88
C HIS C 326 6.73 -11.44 -26.32
N PHE C 327 5.56 -11.61 -26.96
CA PHE C 327 5.40 -11.34 -28.38
C PHE C 327 4.36 -10.24 -28.60
N ASP C 328 4.54 -9.49 -29.70
CA ASP C 328 3.68 -8.35 -29.97
C ASP C 328 2.30 -8.72 -30.47
N ASN C 329 2.08 -9.99 -30.84
CA ASN C 329 0.74 -10.31 -31.36
C ASN C 329 -0.34 -10.32 -30.27
N GLU C 330 -0.01 -9.97 -29.02
CA GLU C 330 -1.04 -9.75 -28.01
C GLU C 330 -1.97 -8.61 -28.39
N ILE C 331 -1.45 -7.59 -29.10
CA ILE C 331 -2.20 -6.44 -29.57
C ILE C 331 -2.32 -6.57 -31.08
N ASP C 332 -3.47 -6.19 -31.62
CA ASP C 332 -3.66 -6.22 -33.07
C ASP C 332 -3.06 -4.94 -33.68
N THR C 333 -1.72 -4.88 -33.67
CA THR C 333 -1.04 -3.75 -34.28
C THR C 333 -1.11 -3.79 -35.80
N ALA C 334 -1.25 -4.97 -36.40
CA ALA C 334 -1.41 -5.04 -37.85
C ALA C 334 -2.64 -4.27 -38.30
N PHE C 335 -3.74 -4.41 -37.54
CA PHE C 335 -4.93 -3.62 -37.84
C PHE C 335 -4.63 -2.13 -37.83
N MET C 336 -3.83 -1.68 -36.86
CA MET C 336 -3.51 -0.27 -36.75
C MET C 336 -2.59 0.20 -37.88
N ARG C 337 -1.67 -0.66 -38.32
CA ARG C 337 -0.86 -0.30 -39.48
C ARG C 337 -1.70 -0.20 -40.74
N LYS C 338 -2.71 -1.07 -40.86
CA LYS C 338 -3.53 -1.12 -42.05
C LYS C 338 -4.47 0.07 -42.15
N ASN C 339 -4.93 0.62 -41.03
CA ASN C 339 -6.05 1.56 -41.04
C ASN C 339 -5.75 2.95 -40.51
N TRP C 340 -4.76 3.12 -39.63
CA TRP C 340 -4.55 4.39 -38.95
C TRP C 340 -3.16 4.91 -39.24
N ALA C 341 -2.95 6.21 -39.01
CA ALA C 341 -1.70 6.88 -39.35
C ALA C 341 -0.84 6.98 -38.11
N TRP C 342 0.43 6.59 -38.23
CA TRP C 342 1.37 6.58 -37.11
C TRP C 342 2.24 7.84 -37.13
N GLU C 343 2.27 8.56 -36.01
CA GLU C 343 3.16 9.71 -35.83
C GLU C 343 4.19 9.33 -34.77
N GLU C 344 5.45 9.24 -35.17
CA GLU C 344 6.48 8.96 -34.19
C GLU C 344 6.69 10.16 -33.27
N VAL C 345 6.49 9.96 -31.98
CA VAL C 345 6.83 11.02 -31.01
C VAL C 345 8.33 11.06 -30.79
N LYS C 346 8.91 9.89 -30.55
CA LYS C 346 10.35 9.67 -30.38
C LYS C 346 10.52 8.16 -30.55
N PRO C 347 11.74 7.61 -30.58
CA PRO C 347 11.88 6.16 -30.77
C PRO C 347 11.05 5.36 -29.77
N GLN C 348 10.34 4.36 -30.29
CA GLN C 348 9.48 3.45 -29.52
C GLN C 348 8.29 4.17 -28.88
N VAL C 349 7.86 5.31 -29.41
CA VAL C 349 6.65 5.98 -28.95
C VAL C 349 5.92 6.54 -30.17
N HIS C 350 4.71 6.04 -30.43
CA HIS C 350 3.95 6.45 -31.60
C HIS C 350 2.55 6.86 -31.21
N LYS C 351 2.11 7.98 -31.76
CA LYS C 351 0.71 8.36 -31.75
C LYS C 351 0.04 7.69 -32.94
N ILE C 352 -1.08 7.03 -32.69
CA ILE C 352 -1.81 6.32 -33.73
C ILE C 352 -3.15 7.04 -33.91
N HIS C 353 -3.29 7.75 -35.03
CA HIS C 353 -4.41 8.62 -35.29
C HIS C 353 -5.57 7.82 -35.86
N ARG C 354 -6.67 7.74 -35.12
CA ARG C 354 -7.82 6.95 -35.54
C ARG C 354 -8.73 7.69 -36.51
N THR C 355 -8.26 8.81 -37.07
CA THR C 355 -8.99 9.58 -38.05
C THR C 355 -8.75 9.10 -39.49
N GLY C 356 -7.87 8.14 -39.71
CA GLY C 356 -7.60 7.68 -41.06
C GLY C 356 -6.16 7.24 -41.20
N LYS C 357 -5.86 6.69 -42.40
CA LYS C 357 -4.57 6.06 -42.69
C LYS C 357 -3.58 7.02 -43.34
N ASP C 358 -4.03 7.85 -44.29
CA ASP C 358 -3.15 8.74 -45.03
C ASP C 358 -3.12 10.09 -44.35
N GLY C 359 -2.03 10.38 -43.66
CA GLY C 359 -1.85 11.69 -43.06
C GLY C 359 -2.69 11.90 -41.82
N PHE C 360 -2.37 12.96 -41.08
CA PHE C 360 -3.06 13.27 -39.83
C PHE C 360 -2.96 14.76 -39.60
N ASP C 361 -3.91 15.28 -38.84
CA ASP C 361 -3.82 16.63 -38.29
C ASP C 361 -2.86 16.59 -37.10
N ALA C 362 -1.85 17.47 -37.11
CA ALA C 362 -0.86 17.45 -36.03
C ALA C 362 -1.51 17.77 -34.68
N HIS C 363 -2.66 18.42 -34.69
CA HIS C 363 -3.38 18.75 -33.46
C HIS C 363 -4.62 17.89 -33.28
N ASN C 364 -4.65 16.73 -33.94
CA ASN C 364 -5.72 15.75 -33.76
C ASN C 364 -5.77 15.33 -32.31
N ASP C 365 -6.98 15.17 -31.79
CA ASP C 365 -7.15 14.71 -30.42
C ASP C 365 -7.52 13.24 -30.32
N ASP C 366 -7.86 12.59 -31.44
CA ASP C 366 -8.33 11.20 -31.43
C ASP C 366 -7.18 10.30 -31.84
N TYR C 367 -6.28 10.02 -30.89
CA TYR C 367 -5.16 9.13 -31.10
C TYR C 367 -4.96 8.23 -29.88
N LEU C 368 -4.27 7.12 -30.10
CA LEU C 368 -3.74 6.28 -29.05
C LEU C 368 -2.23 6.47 -29.00
N ILE C 369 -1.62 6.14 -27.87
CA ILE C 369 -0.17 6.14 -27.78
C ILE C 369 0.26 4.69 -27.60
N LEU C 370 0.97 4.17 -28.58
CA LEU C 370 1.50 2.81 -28.55
C LEU C 370 2.97 2.86 -28.16
N LEU C 371 3.35 2.05 -27.18
CA LEU C 371 4.73 1.96 -26.71
C LEU C 371 5.42 0.76 -27.37
N ALA C 372 6.65 0.98 -27.84
CA ALA C 372 7.54 -0.07 -28.37
C ALA C 372 6.89 -0.86 -29.50
N GLU C 373 6.01 -0.22 -30.27
CA GLU C 373 5.28 -0.87 -31.37
C GLU C 373 4.68 -2.22 -30.93
N GLY C 374 4.23 -2.30 -29.67
CA GLY C 374 3.61 -3.50 -29.14
C GLY C 374 4.57 -4.56 -28.64
N ARG C 375 5.89 -4.36 -28.78
CA ARG C 375 6.89 -5.32 -28.27
C ARG C 375 7.03 -5.13 -26.77
N LEU C 376 7.61 -6.14 -26.09
CA LEU C 376 7.88 -6.10 -24.64
C LEU C 376 8.22 -4.70 -24.15
N VAL C 377 7.31 -4.06 -23.39
CA VAL C 377 7.44 -2.62 -23.16
C VAL C 377 8.52 -2.32 -22.12
N ASN C 378 8.69 -3.16 -21.09
CA ASN C 378 9.69 -2.85 -20.08
C ASN C 378 11.08 -2.82 -20.70
N LEU C 379 11.35 -3.73 -21.65
CA LEU C 379 12.65 -3.72 -22.32
C LEU C 379 12.71 -2.70 -23.46
N GLY C 380 11.58 -2.45 -24.13
CA GLY C 380 11.61 -1.56 -25.29
C GLY C 380 11.76 -0.10 -24.91
N ASN C 381 11.08 0.31 -23.82
CA ASN C 381 11.05 1.72 -23.42
C ASN C 381 11.85 2.01 -22.16
N ALA C 382 12.35 1.01 -21.46
CA ALA C 382 13.26 1.25 -20.35
C ALA C 382 14.38 0.20 -20.45
N THR C 383 14.82 -0.39 -19.33
CA THR C 383 15.92 -1.36 -19.39
C THR C 383 15.52 -2.74 -18.87
N GLY C 384 14.24 -3.09 -18.90
CA GLY C 384 13.86 -4.38 -18.33
C GLY C 384 14.05 -4.46 -16.82
N HIS C 385 14.22 -5.69 -16.35
CA HIS C 385 14.31 -5.97 -14.93
C HIS C 385 15.66 -5.48 -14.38
N PRO C 386 15.71 -5.08 -13.11
CA PRO C 386 16.98 -4.64 -12.51
C PRO C 386 17.90 -5.82 -12.23
N SER C 387 19.20 -5.51 -12.16
CA SER C 387 20.23 -6.53 -11.94
C SER C 387 19.92 -7.45 -10.76
N ARG C 388 19.47 -6.88 -9.63
CA ARG C 388 19.33 -7.70 -8.43
C ARG C 388 18.18 -8.69 -8.56
N ILE C 389 17.22 -8.43 -9.44
CA ILE C 389 16.22 -9.45 -9.73
C ILE C 389 16.75 -10.46 -10.76
N MET C 390 17.38 -9.97 -11.84
CA MET C 390 17.90 -10.88 -12.88
C MET C 390 18.98 -11.83 -12.33
N ASP C 391 19.60 -11.46 -11.21
CA ASP C 391 20.54 -12.34 -10.54
C ASP C 391 19.95 -13.72 -10.29
N GLY C 392 18.71 -13.77 -9.80
CA GLY C 392 18.05 -15.04 -9.57
C GLY C 392 17.83 -15.83 -10.86
N SER C 393 17.23 -15.20 -11.87
CA SER C 393 17.03 -15.90 -13.14
C SER C 393 18.34 -16.44 -13.71
N PHE C 394 19.39 -15.64 -13.67
CA PHE C 394 20.58 -15.98 -14.41
C PHE C 394 21.49 -16.93 -13.63
N ALA C 395 21.40 -16.91 -12.29
CA ALA C 395 22.05 -17.98 -11.52
C ALA C 395 21.42 -19.33 -11.86
N ASN C 396 20.09 -19.38 -11.99
CA ASN C 396 19.44 -20.61 -12.46
C ASN C 396 19.93 -20.99 -13.86
N GLN C 397 20.10 -20.02 -14.75
CA GLN C 397 20.63 -20.36 -16.09
C GLN C 397 22.00 -21.01 -15.97
N VAL C 398 22.90 -20.43 -15.17
CA VAL C 398 24.25 -20.98 -15.10
C VAL C 398 24.21 -22.41 -14.58
N LEU C 399 23.45 -22.64 -13.50
CA LEU C 399 23.33 -24.00 -12.96
C LEU C 399 22.72 -24.96 -13.98
N ALA C 400 21.70 -24.50 -14.72
CA ALA C 400 21.08 -25.33 -15.76
C ALA C 400 22.05 -25.66 -16.89
N GLN C 401 22.81 -24.67 -17.36
CA GLN C 401 23.84 -24.92 -18.37
C GLN C 401 24.84 -25.95 -17.86
N ILE C 402 25.33 -25.78 -16.63
CA ILE C 402 26.28 -26.74 -16.06
C ILE C 402 25.68 -28.15 -16.06
N HIS C 403 24.44 -28.29 -15.57
CA HIS C 403 23.84 -29.63 -15.45
C HIS C 403 23.74 -30.33 -16.80
N LEU C 404 23.15 -29.67 -17.80
CA LEU C 404 22.97 -30.30 -19.11
C LEU C 404 24.30 -30.52 -19.82
N PHE C 405 25.25 -29.59 -19.71
CA PHE C 405 26.56 -29.80 -20.29
C PHE C 405 27.25 -31.01 -19.66
N GLU C 406 27.17 -31.15 -18.33
CA GLU C 406 27.83 -32.27 -17.69
C GLU C 406 27.17 -33.59 -18.05
N GLN C 407 25.88 -33.55 -18.36
CA GLN C 407 25.14 -34.77 -18.69
C GLN C 407 25.53 -35.32 -20.06
N LYS C 408 25.98 -34.46 -20.98
CA LYS C 408 26.52 -34.89 -22.27
C LYS C 408 25.53 -35.74 -23.06
N TYR C 409 24.30 -35.24 -23.21
CA TYR C 409 23.26 -35.97 -23.92
C TYR C 409 23.68 -36.39 -25.33
N ALA C 410 24.40 -35.52 -26.05
CA ALA C 410 24.69 -35.83 -27.44
C ALA C 410 25.68 -36.97 -27.57
N ASP C 411 26.39 -37.30 -26.49
CA ASP C 411 27.38 -38.37 -26.48
C ASP C 411 26.86 -39.68 -25.89
N LEU C 412 25.61 -39.71 -25.44
CA LEU C 412 25.09 -40.92 -24.82
C LEU C 412 24.60 -41.92 -25.86
N PRO C 413 24.63 -43.21 -25.51
CA PRO C 413 23.94 -44.22 -26.32
C PRO C 413 22.47 -43.88 -26.53
N ALA C 414 21.92 -44.36 -27.65
CA ALA C 414 20.53 -44.04 -28.00
C ALA C 414 19.56 -44.43 -26.89
N ALA C 415 19.79 -45.57 -26.24
CA ALA C 415 18.89 -45.98 -25.16
C ALA C 415 18.98 -45.00 -24.00
N GLU C 416 20.17 -44.45 -23.76
CA GLU C 416 20.27 -43.44 -22.73
C GLU C 416 19.62 -42.14 -23.17
N LYS C 417 19.74 -41.80 -24.47
CA LYS C 417 19.09 -40.59 -24.98
C LYS C 417 17.59 -40.65 -24.76
N ALA C 418 16.96 -41.81 -25.08
CA ALA C 418 15.52 -41.93 -24.94
C ALA C 418 15.07 -41.71 -23.51
N LYS C 419 15.85 -42.20 -22.54
CA LYS C 419 15.51 -42.03 -21.13
C LYS C 419 15.72 -40.61 -20.63
N ARG C 420 16.46 -39.79 -21.35
CA ARG C 420 16.78 -38.47 -20.87
C ARG C 420 16.16 -37.35 -21.70
N LEU C 421 15.40 -37.67 -22.74
CA LEU C 421 14.84 -36.68 -23.65
C LEU C 421 13.58 -36.12 -23.00
N SER C 422 13.71 -35.00 -22.29
CA SER C 422 12.60 -34.47 -21.51
C SER C 422 12.83 -32.99 -21.25
N VAL C 423 11.81 -32.37 -20.64
CA VAL C 423 11.86 -30.98 -20.17
C VAL C 423 11.74 -31.01 -18.65
N GLU C 424 12.80 -30.60 -17.96
CA GLU C 424 12.87 -30.69 -16.50
C GLU C 424 13.07 -29.31 -15.90
N VAL C 425 12.84 -29.24 -14.59
CA VAL C 425 13.24 -28.08 -13.78
C VAL C 425 14.41 -28.49 -12.89
N LEU C 426 15.10 -27.46 -12.39
CA LEU C 426 16.18 -27.67 -11.43
C LEU C 426 15.62 -28.18 -10.11
N PRO C 427 16.41 -28.96 -9.37
CA PRO C 427 15.98 -29.44 -8.06
C PRO C 427 15.73 -28.31 -7.07
N LYS C 428 14.81 -28.54 -6.13
CA LYS C 428 14.44 -27.49 -5.16
C LYS C 428 15.63 -27.07 -4.32
N LYS C 429 16.57 -27.99 -4.03
CA LYS C 429 17.72 -27.61 -3.23
C LYS C 429 18.52 -26.47 -3.89
N LEU C 430 18.68 -26.52 -5.23
CA LEU C 430 19.38 -25.44 -5.93
C LEU C 430 18.56 -24.16 -5.93
N ASP C 431 17.24 -24.27 -6.10
CA ASP C 431 16.36 -23.10 -6.02
C ASP C 431 16.54 -22.39 -4.69
N GLU C 432 16.61 -23.16 -3.59
CA GLU C 432 16.85 -22.58 -2.26
C GLU C 432 18.24 -21.97 -2.13
N GLU C 433 19.26 -22.61 -2.71
CA GLU C 433 20.61 -22.04 -2.64
C GLU C 433 20.72 -20.72 -3.41
N VAL C 434 20.00 -20.59 -4.54
CA VAL C 434 20.00 -19.30 -5.24
C VAL C 434 19.33 -18.24 -4.36
N ALA C 435 18.20 -18.59 -3.75
CA ALA C 435 17.44 -17.65 -2.92
C ALA C 435 18.24 -17.20 -1.71
N LEU C 436 18.98 -18.13 -1.10
CA LEU C 436 19.77 -17.77 0.07
C LEU C 436 20.77 -16.68 -0.27
N GLU C 437 21.42 -16.79 -1.43
CA GLU C 437 22.36 -15.75 -1.81
C GLU C 437 21.64 -14.45 -2.13
N MET C 438 20.44 -14.51 -2.71
CA MET C 438 19.68 -13.28 -2.91
C MET C 438 19.38 -12.61 -1.59
N VAL C 439 18.91 -13.40 -0.60
CA VAL C 439 18.53 -12.84 0.69
C VAL C 439 19.72 -12.19 1.35
N LYS C 440 20.89 -12.85 1.30
CA LYS C 440 22.10 -12.26 1.85
C LYS C 440 22.47 -10.96 1.15
N GLY C 441 22.15 -10.86 -0.14
CA GLY C 441 22.40 -9.61 -0.85
C GLY C 441 21.64 -8.44 -0.28
N PHE C 442 20.46 -8.70 0.31
CA PHE C 442 19.69 -7.66 1.00
C PHE C 442 20.15 -7.42 2.42
N GLY C 443 21.05 -8.25 2.97
CA GLY C 443 21.37 -8.22 4.38
C GLY C 443 20.42 -9.02 5.23
N GLY C 444 19.53 -9.79 4.62
CA GLY C 444 18.66 -10.64 5.40
C GLY C 444 19.42 -11.77 6.06
N VAL C 445 18.89 -12.26 7.18
CA VAL C 445 19.49 -13.36 7.91
C VAL C 445 18.42 -14.45 8.01
N VAL C 446 18.72 -15.61 7.41
CA VAL C 446 17.84 -16.77 7.50
C VAL C 446 18.18 -17.54 8.78
N THR C 447 17.14 -17.96 9.51
CA THR C 447 17.34 -18.71 10.75
C THR C 447 17.58 -20.20 10.43
N GLN C 448 18.45 -20.83 11.21
CA GLN C 448 18.70 -22.27 11.07
C GLN C 448 17.79 -23.05 12.02
N LEU C 449 17.02 -24.00 11.48
CA LEU C 449 16.28 -24.92 12.36
C LEU C 449 17.20 -25.59 13.37
N THR C 450 16.68 -25.83 14.58
CA THR C 450 17.36 -26.77 15.45
C THR C 450 17.04 -28.19 14.99
N PRO C 451 17.82 -29.18 15.43
CA PRO C 451 17.49 -30.57 15.10
C PRO C 451 16.09 -30.98 15.50
N LYS C 452 15.64 -30.59 16.71
CA LYS C 452 14.27 -30.89 17.13
C LYS C 452 13.26 -30.28 16.17
N GLN C 453 13.47 -29.02 15.78
CA GLN C 453 12.52 -28.38 14.88
C GLN C 453 12.50 -29.04 13.51
N ALA C 454 13.68 -29.39 12.97
CA ALA C 454 13.72 -30.06 11.67
C ALA C 454 12.95 -31.37 11.72
N GLU C 455 13.14 -32.15 12.79
CA GLU C 455 12.43 -33.41 12.94
C GLU C 455 10.92 -33.19 13.08
N TYR C 456 10.53 -32.11 13.73
CA TYR C 456 9.11 -31.85 13.97
C TYR C 456 8.36 -31.59 12.67
N ILE C 457 8.97 -30.88 11.73
CA ILE C 457 8.29 -30.61 10.47
C ILE C 457 8.76 -31.55 9.36
N GLY C 458 9.65 -32.48 9.67
CA GLY C 458 10.07 -33.54 8.76
C GLY C 458 10.96 -33.10 7.62
N VAL C 459 11.91 -32.21 7.89
CA VAL C 459 12.88 -31.78 6.89
C VAL C 459 14.29 -31.94 7.47
N SER C 460 15.27 -31.92 6.56
CA SER C 460 16.66 -31.77 6.97
CA SER C 460 16.66 -31.76 6.95
C SER C 460 16.94 -30.31 7.34
N VAL C 461 17.84 -30.13 8.31
CA VAL C 461 18.23 -28.79 8.72
C VAL C 461 18.75 -28.02 7.52
N GLU C 462 19.37 -28.73 6.58
CA GLU C 462 19.94 -28.13 5.38
C GLU C 462 18.91 -27.90 4.27
N GLY C 463 17.67 -28.38 4.43
CA GLY C 463 16.69 -28.29 3.37
C GLY C 463 16.82 -29.49 2.42
N PRO C 464 15.94 -29.59 1.42
CA PRO C 464 14.86 -28.63 1.14
C PRO C 464 13.81 -28.58 2.25
N PHE C 465 13.14 -27.44 2.31
CA PHE C 465 12.23 -27.12 3.40
C PHE C 465 10.77 -27.33 3.04
N LYS C 466 10.45 -27.55 1.77
CA LYS C 466 9.09 -27.67 1.27
C LYS C 466 9.02 -28.90 0.37
N PRO C 467 7.87 -29.56 0.34
CA PRO C 467 7.64 -30.61 -0.66
C PRO C 467 7.54 -30.00 -2.06
N ASP C 468 7.78 -30.84 -3.07
CA ASP C 468 7.75 -30.35 -4.44
C ASP C 468 6.38 -29.82 -4.83
N THR C 469 5.31 -30.28 -4.17
CA THR C 469 3.98 -29.75 -4.44
C THR C 469 3.81 -28.29 -3.98
N TYR C 470 4.75 -27.73 -3.23
CA TYR C 470 4.50 -26.45 -2.57
C TYR C 470 4.46 -25.29 -3.58
N ARG C 471 3.52 -24.35 -3.38
CA ARG C 471 3.31 -23.30 -4.38
C ARG C 471 3.88 -21.93 -3.97
N TYR C 472 4.32 -21.76 -2.72
CA TYR C 472 4.83 -20.48 -2.23
C TYR C 472 3.82 -19.36 -2.47
N GLY D 12 14.72 35.61 -39.33
CA GLY D 12 16.02 35.30 -38.78
C GLY D 12 16.15 35.58 -37.29
N PHE D 13 15.42 34.82 -36.48
CA PHE D 13 15.42 35.01 -35.04
C PHE D 13 16.66 34.36 -34.42
N THR D 14 17.44 35.14 -33.66
CA THR D 14 18.68 34.63 -33.07
C THR D 14 18.82 34.97 -31.59
N ASP D 15 17.75 35.44 -30.95
CA ASP D 15 17.81 35.94 -29.58
C ASP D 15 17.57 34.81 -28.59
N TYR D 16 18.42 33.79 -28.65
CA TYR D 16 18.27 32.63 -27.78
C TYR D 16 19.63 31.95 -27.65
N LYS D 17 19.70 30.97 -26.75
CA LYS D 17 20.83 30.03 -26.74
C LYS D 17 20.37 28.70 -26.15
N VAL D 18 20.40 27.64 -26.96
CA VAL D 18 19.94 26.31 -26.57
C VAL D 18 20.95 25.30 -27.09
N ALA D 19 20.78 24.05 -26.66
CA ALA D 19 21.75 23.01 -27.00
C ALA D 19 21.71 22.67 -28.47
N ASP D 20 20.51 22.57 -29.05
CA ASP D 20 20.35 22.00 -30.39
C ASP D 20 18.97 22.37 -30.91
N ILE D 21 18.93 23.35 -31.80
CA ILE D 21 17.66 23.87 -32.32
C ILE D 21 16.90 22.81 -33.12
N THR D 22 17.62 21.81 -33.67
CA THR D 22 16.98 20.77 -34.47
C THR D 22 16.06 19.88 -33.65
N LEU D 23 16.15 19.89 -32.32
CA LEU D 23 15.22 19.16 -31.46
C LEU D 23 13.84 19.81 -31.36
N ALA D 24 13.58 20.88 -32.13
CA ALA D 24 12.37 21.65 -31.91
C ALA D 24 11.12 20.86 -32.25
N ALA D 25 11.13 20.15 -33.39
CA ALA D 25 9.96 19.39 -33.81
C ALA D 25 9.57 18.36 -32.76
N TRP D 26 10.57 17.71 -32.16
CA TRP D 26 10.32 16.75 -31.08
C TRP D 26 9.73 17.46 -29.87
N GLY D 27 10.30 18.60 -29.49
CA GLY D 27 9.71 19.36 -28.40
C GLY D 27 8.26 19.74 -28.66
N ARG D 28 7.95 20.14 -29.90
CA ARG D 28 6.59 20.56 -30.23
C ARG D 28 5.63 19.38 -30.12
N ARG D 29 6.07 18.20 -30.54
CA ARG D 29 5.23 17.01 -30.41
C ARG D 29 4.92 16.75 -28.95
N GLU D 30 5.92 16.87 -28.07
CA GLU D 30 5.66 16.65 -26.65
C GLU D 30 4.89 17.82 -26.02
N LEU D 31 5.04 19.03 -26.53
CA LEU D 31 4.19 20.12 -26.05
C LEU D 31 2.72 19.87 -26.38
N ILE D 32 2.44 19.35 -27.57
CA ILE D 32 1.07 19.10 -27.97
C ILE D 32 0.43 18.02 -27.09
N ILE D 33 1.20 16.99 -26.72
CA ILE D 33 0.75 16.01 -25.74
C ILE D 33 0.54 16.66 -24.37
N ALA D 34 1.54 17.41 -23.90
CA ALA D 34 1.44 18.02 -22.58
C ALA D 34 0.19 18.91 -22.47
N GLU D 35 -0.19 19.60 -23.55
CA GLU D 35 -1.37 20.44 -23.47
C GLU D 35 -2.60 19.63 -23.10
N SER D 36 -2.71 18.41 -23.63
CA SER D 36 -3.83 17.54 -23.29
C SER D 36 -3.78 17.00 -21.87
N GLU D 37 -2.61 17.09 -21.21
CA GLU D 37 -2.44 16.69 -19.83
C GLU D 37 -2.60 17.84 -18.87
N MET D 38 -2.88 19.05 -19.36
CA MET D 38 -2.86 20.26 -18.54
C MET D 38 -4.17 21.03 -18.73
N PRO D 39 -5.29 20.49 -18.23
CA PRO D 39 -6.59 21.14 -18.48
C PRO D 39 -6.78 22.46 -17.74
N ALA D 40 -6.23 22.62 -16.52
CA ALA D 40 -6.40 23.91 -15.82
C ALA D 40 -5.62 25.00 -16.53
N LEU D 41 -4.35 24.73 -16.84
CA LEU D 41 -3.54 25.73 -17.54
C LEU D 41 -4.11 26.06 -18.91
N MET D 42 -4.50 25.03 -19.68
CA MET D 42 -5.08 25.27 -21.00
C MET D 42 -6.47 25.92 -20.91
N GLY D 43 -7.26 25.57 -19.89
CA GLY D 43 -8.50 26.29 -19.67
C GLY D 43 -8.28 27.76 -19.43
N LEU D 44 -7.21 28.12 -18.72
CA LEU D 44 -6.91 29.54 -18.54
C LEU D 44 -6.48 30.16 -19.86
N ARG D 45 -5.73 29.42 -20.67
CA ARG D 45 -5.31 29.95 -21.96
C ARG D 45 -6.53 30.28 -22.82
N ARG D 46 -7.51 29.37 -22.90
CA ARG D 46 -8.71 29.64 -23.67
C ARG D 46 -9.59 30.72 -23.02
N LYS D 47 -9.60 30.79 -21.69
CA LYS D 47 -10.49 31.74 -21.03
C LYS D 47 -10.04 33.18 -21.25
N TYR D 48 -8.75 33.45 -21.17
CA TYR D 48 -8.24 34.81 -21.13
C TYR D 48 -7.61 35.26 -22.44
N ALA D 49 -7.56 34.40 -23.45
CA ALA D 49 -6.92 34.76 -24.72
C ALA D 49 -7.58 35.98 -25.36
N GLY D 50 -8.91 36.09 -25.27
CA GLY D 50 -9.60 37.23 -25.87
C GLY D 50 -9.36 38.52 -25.11
N GLN D 51 -9.29 38.44 -23.78
CA GLN D 51 -9.10 39.66 -23.00
C GLN D 51 -7.66 40.16 -23.07
N GLN D 52 -6.70 39.26 -23.27
CA GLN D 52 -5.27 39.62 -23.28
C GLN D 52 -4.86 40.34 -22.00
N PRO D 53 -5.10 39.76 -20.82
CA PRO D 53 -4.85 40.51 -19.58
C PRO D 53 -3.37 40.77 -19.33
N LEU D 54 -2.47 40.13 -20.09
CA LEU D 54 -1.04 40.35 -19.92
C LEU D 54 -0.44 41.17 -21.06
N LYS D 55 -1.28 41.81 -21.87
CA LYS D 55 -0.79 42.75 -22.87
C LYS D 55 -0.02 43.88 -22.21
N GLY D 56 1.21 44.10 -22.63
CA GLY D 56 2.10 45.02 -21.95
C GLY D 56 3.00 44.39 -20.92
N ALA D 57 2.68 43.19 -20.43
CA ALA D 57 3.56 42.54 -19.47
C ALA D 57 4.86 42.13 -20.16
N LYS D 58 5.97 42.37 -19.48
CA LYS D 58 7.31 41.96 -19.93
C LYS D 58 7.92 41.15 -18.80
N ILE D 59 7.84 39.83 -18.91
CA ILE D 59 8.11 38.90 -17.81
C ILE D 59 9.50 38.32 -17.94
N LEU D 60 10.34 38.52 -16.91
CA LEU D 60 11.53 37.71 -16.70
C LEU D 60 11.11 36.43 -16.00
N GLY D 61 11.41 35.30 -16.62
N GLY D 61 11.40 35.30 -16.61
CA GLY D 61 11.07 34.01 -16.04
CA GLY D 61 11.08 34.00 -16.03
C GLY D 61 12.30 33.17 -15.78
C GLY D 61 12.36 33.23 -15.76
N CYS D 62 12.40 32.58 -14.60
CA CYS D 62 13.56 31.75 -14.23
C CYS D 62 12.99 30.50 -13.56
N ILE D 63 12.80 29.45 -14.36
CA ILE D 63 12.29 28.18 -13.86
C ILE D 63 12.67 27.10 -14.86
N HIS D 64 13.00 25.92 -14.33
CA HIS D 64 13.33 24.68 -15.08
C HIS D 64 12.71 24.64 -16.46
N MET D 65 13.54 24.70 -17.51
CA MET D 65 13.07 24.75 -18.89
C MET D 65 12.67 23.34 -19.38
N THR D 66 11.55 22.86 -18.82
CA THR D 66 10.95 21.56 -19.17
C THR D 66 9.84 21.74 -20.18
N ILE D 67 9.28 20.60 -20.64
CA ILE D 67 8.10 20.62 -21.49
C ILE D 67 6.94 21.32 -20.77
N GLN D 68 6.82 21.10 -19.46
CA GLN D 68 5.73 21.70 -18.69
C GLN D 68 5.91 23.22 -18.61
N THR D 69 7.14 23.68 -18.41
CA THR D 69 7.39 25.12 -18.42
C THR D 69 7.11 25.70 -19.81
N GLY D 70 7.35 24.90 -20.85
CA GLY D 70 6.99 25.33 -22.20
C GLY D 70 5.51 25.69 -22.32
N VAL D 71 4.63 24.84 -21.77
CA VAL D 71 3.21 25.13 -21.85
C VAL D 71 2.88 26.38 -21.03
N LEU D 72 3.55 26.59 -19.91
CA LEU D 72 3.35 27.81 -19.14
C LEU D 72 3.78 29.05 -19.93
N ILE D 73 4.95 28.96 -20.57
CA ILE D 73 5.47 30.09 -21.34
C ILE D 73 4.49 30.47 -22.43
N GLU D 74 4.06 29.50 -23.22
CA GLU D 74 3.20 29.83 -24.34
C GLU D 74 1.84 30.33 -23.89
N THR D 75 1.37 29.91 -22.70
CA THR D 75 0.13 30.47 -22.15
C THR D 75 0.29 31.95 -21.82
N LEU D 76 1.39 32.31 -21.14
CA LEU D 76 1.64 33.71 -20.84
C LEU D 76 1.71 34.55 -22.11
N VAL D 77 2.39 34.04 -23.13
CA VAL D 77 2.47 34.75 -24.41
C VAL D 77 1.10 34.85 -25.06
N ALA D 78 0.31 33.76 -25.03
CA ALA D 78 -1.03 33.78 -25.61
C ALA D 78 -1.96 34.77 -24.91
N LEU D 79 -1.70 35.10 -23.65
CA LEU D 79 -2.45 36.11 -22.93
C LEU D 79 -1.88 37.50 -23.11
N GLY D 80 -0.85 37.66 -23.95
CA GLY D 80 -0.36 38.96 -24.37
C GLY D 80 1.03 39.33 -23.87
N ALA D 81 1.62 38.55 -22.96
CA ALA D 81 2.92 38.88 -22.44
C ALA D 81 4.04 38.69 -23.47
N GLU D 82 5.11 39.47 -23.31
CA GLU D 82 6.44 39.13 -23.81
C GLU D 82 7.27 38.56 -22.66
N VAL D 83 8.17 37.62 -23.00
CA VAL D 83 8.99 36.97 -21.97
C VAL D 83 10.44 36.82 -22.45
N ARG D 84 11.34 36.68 -21.47
CA ARG D 84 12.71 36.24 -21.67
C ARG D 84 13.03 35.24 -20.57
N TRP D 85 13.56 34.06 -20.94
CA TRP D 85 13.50 32.90 -20.06
C TRP D 85 14.86 32.24 -19.86
N SER D 86 15.11 31.79 -18.62
CA SER D 86 16.22 30.90 -18.29
C SER D 86 15.71 29.81 -17.38
N SER D 87 16.48 28.72 -17.28
CA SER D 87 16.17 27.69 -16.30
C SER D 87 16.70 28.10 -14.93
N CYS D 88 16.12 27.53 -13.88
CA CYS D 88 16.62 27.82 -12.53
C CYS D 88 17.52 26.72 -11.97
N ASN D 89 17.98 25.80 -12.82
CA ASN D 89 18.95 24.79 -12.37
C ASN D 89 19.77 24.34 -13.57
N ILE D 90 21.05 24.01 -13.33
CA ILE D 90 21.94 23.69 -14.42
C ILE D 90 21.59 22.36 -15.11
N PHE D 91 20.83 21.48 -14.46
CA PHE D 91 20.58 20.16 -15.03
C PHE D 91 19.11 19.92 -15.40
N SER D 92 18.24 20.90 -15.19
CA SER D 92 16.81 20.61 -15.25
C SER D 92 16.18 20.87 -16.61
N THR D 93 16.85 21.59 -17.50
CA THR D 93 16.34 21.84 -18.84
C THR D 93 16.16 20.53 -19.60
N GLN D 94 15.02 20.40 -20.29
CA GLN D 94 14.85 19.42 -21.35
C GLN D 94 15.18 20.10 -22.66
N ASP D 95 16.28 19.67 -23.30
CA ASP D 95 16.77 20.41 -24.44
C ASP D 95 15.74 20.51 -25.56
N GLN D 96 14.84 19.52 -25.70
CA GLN D 96 13.84 19.63 -26.76
C GLN D 96 12.75 20.64 -26.38
N ALA D 97 12.48 20.84 -25.09
CA ALA D 97 11.60 21.92 -24.70
C ALA D 97 12.21 23.27 -25.03
N ALA D 98 13.48 23.48 -24.65
CA ALA D 98 14.13 24.77 -24.93
C ALA D 98 14.11 25.06 -26.43
N ALA D 99 14.49 24.08 -27.25
CA ALA D 99 14.51 24.25 -28.70
C ALA D 99 13.16 24.70 -29.24
N ALA D 100 12.09 24.07 -28.79
CA ALA D 100 10.77 24.38 -29.33
C ALA D 100 10.36 25.80 -28.96
N ILE D 101 10.74 26.25 -27.76
CA ILE D 101 10.39 27.61 -27.34
C ILE D 101 11.17 28.61 -28.17
N ALA D 102 12.48 28.39 -28.32
CA ALA D 102 13.28 29.25 -29.17
C ALA D 102 12.79 29.24 -30.61
N ALA D 103 12.45 28.06 -31.14
CA ALA D 103 12.00 28.02 -32.53
C ALA D 103 10.67 28.72 -32.71
N ALA D 104 9.93 28.98 -31.63
CA ALA D 104 8.71 29.77 -31.70
C ALA D 104 8.97 31.27 -31.64
N GLY D 105 10.24 31.69 -31.68
CA GLY D 105 10.57 33.10 -31.60
C GLY D 105 10.54 33.67 -30.19
N ILE D 106 10.76 32.86 -29.17
CA ILE D 106 10.69 33.28 -27.77
C ILE D 106 12.09 33.26 -27.19
N PRO D 107 12.60 34.36 -26.63
CA PRO D 107 13.95 34.35 -26.05
C PRO D 107 14.06 33.37 -24.89
N VAL D 108 14.94 32.39 -25.03
CA VAL D 108 15.20 31.41 -23.97
C VAL D 108 16.70 31.11 -23.98
N PHE D 109 17.26 30.95 -22.79
CA PHE D 109 18.70 30.71 -22.63
C PHE D 109 18.84 29.59 -21.61
N ALA D 110 18.97 28.35 -22.11
CA ALA D 110 18.92 27.21 -21.21
C ALA D 110 19.33 25.94 -21.96
N TRP D 111 20.15 25.12 -21.29
CA TRP D 111 20.45 23.79 -21.79
C TRP D 111 20.76 22.88 -20.61
N LYS D 112 20.60 21.57 -20.82
CA LYS D 112 20.95 20.60 -19.78
C LYS D 112 22.47 20.51 -19.66
N GLY D 113 22.97 20.65 -18.45
CA GLY D 113 24.40 20.54 -18.25
C GLY D 113 25.16 21.85 -18.36
N GLU D 114 24.56 22.96 -17.93
CA GLU D 114 25.30 24.21 -17.85
C GLU D 114 26.37 24.12 -16.76
N THR D 115 27.45 24.88 -16.94
CA THR D 115 28.37 25.21 -15.86
C THR D 115 27.75 26.28 -14.97
N GLU D 116 28.34 26.48 -13.78
CA GLU D 116 27.88 27.56 -12.91
C GLU D 116 27.97 28.91 -13.61
N GLU D 117 29.09 29.15 -14.32
CA GLU D 117 29.27 30.41 -15.04
C GLU D 117 28.21 30.59 -16.11
N GLU D 118 27.90 29.52 -16.84
CA GLU D 118 26.89 29.59 -17.89
C GLU D 118 25.51 29.87 -17.31
N TYR D 119 25.22 29.27 -16.16
CA TYR D 119 23.95 29.52 -15.47
C TYR D 119 23.76 31.00 -15.18
N GLU D 120 24.81 31.67 -14.68
CA GLU D 120 24.72 33.10 -14.43
CA GLU D 120 24.73 33.10 -14.43
C GLU D 120 24.52 33.88 -15.72
N TRP D 121 25.26 33.51 -16.77
CA TRP D 121 25.12 34.16 -18.07
C TRP D 121 23.71 34.05 -18.61
N CYS D 122 23.08 32.87 -18.47
CA CYS D 122 21.72 32.71 -18.98
C CYS D 122 20.75 33.63 -18.28
N ILE D 123 20.86 33.76 -16.96
CA ILE D 123 19.96 34.69 -16.29
C ILE D 123 20.21 36.11 -16.80
N GLU D 124 21.48 36.47 -16.99
CA GLU D 124 21.82 37.81 -17.45
C GLU D 124 21.30 38.07 -18.86
N GLN D 125 21.20 37.04 -19.70
CA GLN D 125 20.66 37.24 -21.04
C GLN D 125 19.16 37.55 -21.00
N THR D 126 18.44 37.09 -19.98
CA THR D 126 17.05 37.51 -19.88
C THR D 126 16.95 38.94 -19.35
N ILE D 127 17.83 39.31 -18.43
CA ILE D 127 17.79 40.65 -17.84
C ILE D 127 18.18 41.72 -18.86
N LEU D 128 19.20 41.43 -19.67
CA LEU D 128 19.70 42.37 -20.67
C LEU D 128 19.17 42.02 -22.05
N LYS D 129 18.77 43.04 -22.81
CA LYS D 129 18.45 42.90 -24.22
C LYS D 129 19.32 43.88 -25.00
N ASP D 130 20.11 43.35 -25.92
CA ASP D 130 21.01 44.16 -26.73
C ASP D 130 21.96 44.96 -25.85
N GLY D 131 22.40 44.37 -24.74
CA GLY D 131 23.41 44.98 -23.90
C GLY D 131 22.90 45.98 -22.89
N GLN D 132 21.61 46.27 -22.88
CA GLN D 132 21.00 47.18 -21.93
C GLN D 132 19.91 46.45 -21.15
N PRO D 133 19.58 46.90 -19.95
CA PRO D 133 18.47 46.29 -19.22
C PRO D 133 17.19 46.33 -20.04
N TRP D 134 16.51 45.18 -20.12
CA TRP D 134 15.21 45.10 -20.75
C TRP D 134 14.21 45.88 -19.91
N ASP D 135 13.14 46.36 -20.53
CA ASP D 135 12.11 47.08 -19.79
C ASP D 135 11.09 46.10 -19.20
N ALA D 136 11.61 45.18 -18.38
CA ALA D 136 10.77 44.22 -17.70
C ALA D 136 9.83 44.90 -16.71
N ASN D 137 8.65 44.31 -16.55
CA ASN D 137 7.75 44.81 -15.53
C ASN D 137 7.15 43.71 -14.67
N MET D 138 7.56 42.45 -14.88
CA MET D 138 7.07 41.32 -14.12
C MET D 138 8.18 40.28 -13.95
N VAL D 139 8.12 39.53 -12.86
CA VAL D 139 9.07 38.46 -12.59
C VAL D 139 8.33 37.18 -12.24
N LEU D 140 8.78 36.05 -12.82
CA LEU D 140 8.34 34.72 -12.45
C LEU D 140 9.59 33.94 -12.08
N ASP D 141 9.65 33.41 -10.85
CA ASP D 141 10.90 32.86 -10.31
C ASP D 141 10.63 31.54 -9.60
N ASP D 142 11.66 30.72 -9.50
CA ASP D 142 11.58 29.41 -8.85
C ASP D 142 12.89 29.26 -8.09
N GLY D 143 12.86 29.61 -6.80
CA GLY D 143 14.00 29.48 -5.93
C GLY D 143 14.64 30.79 -5.54
N GLY D 144 14.31 31.89 -6.23
CA GLY D 144 14.75 33.21 -5.83
C GLY D 144 16.06 33.67 -6.42
N ASP D 145 16.69 32.89 -7.31
CA ASP D 145 17.97 33.31 -7.89
C ASP D 145 17.83 34.57 -8.72
N LEU D 146 16.84 34.60 -9.62
CA LEU D 146 16.63 35.78 -10.45
C LEU D 146 16.18 36.99 -9.60
N THR D 147 15.30 36.74 -8.63
CA THR D 147 14.93 37.77 -7.64
C THR D 147 16.16 38.33 -6.95
N GLU D 148 17.09 37.46 -6.57
CA GLU D 148 18.28 37.94 -5.84
C GLU D 148 19.19 38.77 -6.75
N ILE D 149 19.41 38.32 -7.98
CA ILE D 149 20.27 39.05 -8.91
C ILE D 149 19.70 40.44 -9.19
N LEU D 150 18.37 40.54 -9.36
CA LEU D 150 17.75 41.85 -9.62
C LEU D 150 17.97 42.81 -8.46
N HIS D 151 17.72 42.34 -7.24
CA HIS D 151 17.86 43.19 -6.05
C HIS D 151 19.31 43.56 -5.77
N LYS D 152 20.26 42.69 -6.12
CA LYS D 152 21.66 42.98 -5.81
C LYS D 152 22.40 43.66 -6.95
N LYS D 153 22.15 43.25 -8.20
CA LYS D 153 22.93 43.76 -9.32
C LYS D 153 22.18 44.74 -10.20
N TYR D 154 20.83 44.68 -10.22
CA TYR D 154 20.05 45.53 -11.12
C TYR D 154 18.90 46.21 -10.38
N PRO D 155 19.16 46.84 -9.23
CA PRO D 155 18.06 47.40 -8.43
C PRO D 155 17.23 48.45 -9.15
N GLN D 156 17.82 49.18 -10.12
CA GLN D 156 17.05 50.17 -10.85
C GLN D 156 15.88 49.54 -11.61
N MET D 157 16.08 48.33 -12.12
CA MET D 157 15.01 47.66 -12.87
C MET D 157 13.79 47.42 -12.01
N LEU D 158 13.96 47.13 -10.71
CA LEU D 158 12.81 46.85 -9.85
C LEU D 158 11.92 48.08 -9.69
N GLU D 159 12.43 49.29 -9.97
CA GLU D 159 11.57 50.46 -9.98
C GLU D 159 10.43 50.34 -10.98
N ARG D 160 10.57 49.50 -12.01
CA ARG D 160 9.56 49.35 -13.05
C ARG D 160 8.77 48.07 -12.93
N ILE D 161 9.08 47.20 -11.97
CA ILE D 161 8.54 45.84 -11.94
C ILE D 161 7.36 45.82 -10.99
N HIS D 162 6.25 45.24 -11.45
CA HIS D 162 5.03 45.26 -10.66
C HIS D 162 4.93 44.15 -9.64
N GLY D 163 5.69 43.07 -9.79
CA GLY D 163 5.58 41.99 -8.83
C GLY D 163 6.43 40.78 -9.20
N ILE D 164 6.52 39.86 -8.24
CA ILE D 164 7.22 38.57 -8.36
C ILE D 164 6.21 37.47 -8.03
N THR D 165 6.19 36.43 -8.85
CA THR D 165 5.38 35.26 -8.55
C THR D 165 6.36 34.10 -8.37
N GLU D 166 6.44 33.60 -7.14
CA GLU D 166 7.53 32.71 -6.73
C GLU D 166 7.01 31.30 -6.55
N GLU D 167 7.73 30.34 -7.12
CA GLU D 167 7.21 28.98 -7.32
C GLU D 167 7.34 28.12 -6.07
N THR D 168 8.43 28.23 -5.32
CA THR D 168 8.85 27.10 -4.49
C THR D 168 9.18 27.54 -3.08
N THR D 169 9.09 26.57 -2.15
CA THR D 169 9.30 26.83 -0.72
C THR D 169 10.56 27.64 -0.44
N THR D 170 11.70 27.21 -0.99
CA THR D 170 12.94 27.93 -0.74
C THR D 170 12.88 29.39 -1.20
N GLY D 171 12.31 29.64 -2.37
CA GLY D 171 12.24 31.04 -2.82
C GLY D 171 11.34 31.90 -1.93
N VAL D 172 10.24 31.31 -1.47
CA VAL D 172 9.34 32.03 -0.56
C VAL D 172 10.08 32.39 0.71
N HIS D 173 10.85 31.45 1.26
CA HIS D 173 11.65 31.76 2.45
C HIS D 173 12.56 32.95 2.19
N ARG D 174 13.15 33.02 1.00
CA ARG D 174 14.06 34.13 0.71
C ARG D 174 13.28 35.44 0.63
N LEU D 175 12.11 35.42 -0.03
CA LEU D 175 11.25 36.59 -0.06
C LEU D 175 10.90 37.04 1.36
N LEU D 176 10.43 36.13 2.21
CA LEU D 176 10.03 36.52 3.56
C LEU D 176 11.20 37.09 4.36
N ASP D 177 12.40 36.57 4.17
CA ASP D 177 13.56 37.15 4.84
CA ASP D 177 13.57 37.15 4.84
C ASP D 177 13.84 38.57 4.36
N MET D 178 13.71 38.80 3.05
CA MET D 178 13.89 40.17 2.54
C MET D 178 12.84 41.11 3.12
N LEU D 179 11.58 40.67 3.14
CA LEU D 179 10.52 41.51 3.70
C LEU D 179 10.79 41.81 5.16
N LYS D 180 11.12 40.78 5.94
CA LYS D 180 11.46 40.99 7.35
C LYS D 180 12.56 42.04 7.50
N ASN D 181 13.56 42.01 6.62
CA ASN D 181 14.70 42.92 6.66
C ASN D 181 14.45 44.25 5.95
N GLY D 182 13.30 44.44 5.32
CA GLY D 182 13.06 45.70 4.65
C GLY D 182 13.78 45.87 3.32
N THR D 183 14.25 44.78 2.72
CA THR D 183 15.01 44.83 1.48
C THR D 183 14.21 44.39 0.27
N LEU D 184 13.01 43.85 0.46
CA LEU D 184 12.15 43.49 -0.67
C LEU D 184 11.60 44.75 -1.32
N LYS D 185 11.78 44.87 -2.63
CA LYS D 185 11.47 46.11 -3.32
C LYS D 185 10.14 46.09 -4.08
N VAL D 186 9.59 44.91 -4.36
CA VAL D 186 8.32 44.78 -5.07
C VAL D 186 7.49 43.68 -4.41
N PRO D 187 6.17 43.72 -4.58
CA PRO D 187 5.32 42.71 -3.94
C PRO D 187 5.47 41.36 -4.62
N ALA D 188 5.04 40.32 -3.92
CA ALA D 188 5.19 38.97 -4.41
C ALA D 188 3.93 38.18 -4.09
N ILE D 189 3.64 37.19 -4.94
CA ILE D 189 2.65 36.17 -4.63
C ILE D 189 3.39 34.87 -4.38
N ASN D 190 3.10 34.25 -3.24
CA ASN D 190 3.63 32.95 -2.86
C ASN D 190 2.76 31.92 -3.58
N VAL D 191 3.24 31.45 -4.74
CA VAL D 191 2.51 30.45 -5.51
C VAL D 191 2.63 29.09 -4.85
N ASN D 192 3.73 28.85 -4.13
CA ASN D 192 3.93 27.59 -3.45
C ASN D 192 2.75 27.19 -2.58
N ASP D 193 2.18 28.13 -1.81
CA ASP D 193 1.25 27.73 -0.76
C ASP D 193 -0.23 27.72 -1.19
N SER D 194 -0.53 27.87 -2.48
CA SER D 194 -1.78 27.30 -2.99
C SER D 194 -1.84 25.82 -2.67
N VAL D 195 -3.03 25.33 -2.28
CA VAL D 195 -3.13 23.91 -1.96
C VAL D 195 -2.90 23.07 -3.22
N THR D 196 -3.42 23.54 -4.37
CA THR D 196 -3.15 22.93 -5.67
C THR D 196 -1.72 23.11 -6.12
N LYS D 197 -0.82 23.64 -5.30
CA LYS D 197 0.60 23.60 -5.59
C LYS D 197 1.28 22.79 -4.48
N SER D 198 1.44 23.37 -3.28
CA SER D 198 2.17 22.71 -2.20
C SER D 198 1.75 21.27 -1.97
N LYS D 199 0.44 21.00 -1.93
CA LYS D 199 -0.02 19.66 -1.57
C LYS D 199 -0.33 18.82 -2.79
N ASN D 200 0.21 19.22 -3.94
CA ASN D 200 0.03 18.53 -5.20
C ASN D 200 1.40 18.32 -5.83
N ASP D 201 1.99 19.43 -6.30
CA ASP D 201 3.34 19.47 -6.83
C ASP D 201 4.37 18.94 -5.81
N ASN D 202 4.47 19.60 -4.65
CA ASN D 202 5.60 19.31 -3.75
C ASN D 202 5.55 17.88 -3.25
N LYS D 203 4.36 17.37 -2.96
CA LYS D 203 4.18 16.01 -2.41
C LYS D 203 4.04 14.98 -3.55
N TYR D 204 2.94 15.06 -4.32
CA TYR D 204 2.70 14.03 -5.33
C TYR D 204 3.68 14.12 -6.49
N GLY D 205 4.18 15.32 -6.79
CA GLY D 205 5.19 15.41 -7.83
C GLY D 205 6.41 14.58 -7.49
N CYS D 206 6.92 14.73 -6.27
CA CYS D 206 8.08 13.96 -5.85
C CYS D 206 7.76 12.46 -5.73
N ARG D 207 6.53 12.10 -5.38
CA ARG D 207 6.14 10.70 -5.39
C ARG D 207 6.34 10.06 -6.76
N HIS D 208 5.88 10.74 -7.81
CA HIS D 208 6.05 10.26 -9.19
C HIS D 208 7.51 10.26 -9.60
N SER D 209 8.24 11.35 -9.30
CA SER D 209 9.49 11.56 -10.01
C SER D 209 10.74 11.18 -9.21
N LEU D 210 10.65 10.93 -7.91
CA LEU D 210 11.87 10.54 -7.20
C LEU D 210 12.31 9.13 -7.61
N ASN D 211 11.44 8.13 -7.47
CA ASN D 211 11.85 6.78 -7.90
CA ASN D 211 11.82 6.77 -7.90
C ASN D 211 12.11 6.72 -9.39
N ASP D 212 11.41 7.56 -10.19
CA ASP D 212 11.69 7.67 -11.62
C ASP D 212 13.17 8.00 -11.85
N ALA D 213 13.66 9.03 -11.14
CA ALA D 213 15.03 9.50 -11.34
C ALA D 213 16.06 8.50 -10.86
N ILE D 214 15.81 7.81 -9.74
CA ILE D 214 16.76 6.83 -9.26
C ILE D 214 16.84 5.66 -10.23
N LYS D 215 15.70 5.25 -10.81
CA LYS D 215 15.73 4.15 -11.78
C LYS D 215 16.51 4.55 -13.04
N ARG D 216 16.23 5.73 -13.59
CA ARG D 216 16.93 6.12 -14.82
C ARG D 216 18.42 6.24 -14.58
N GLY D 217 18.81 6.72 -13.39
CA GLY D 217 20.23 6.94 -13.13
C GLY D 217 21.02 5.66 -12.86
N THR D 218 20.45 4.74 -12.08
CA THR D 218 21.15 3.55 -11.62
C THR D 218 20.53 2.23 -12.05
N ASP D 219 19.24 2.22 -12.38
CA ASP D 219 18.46 1.02 -12.64
C ASP D 219 18.51 0.04 -11.47
N HIS D 220 18.70 0.58 -10.26
CA HIS D 220 18.74 -0.27 -9.08
C HIS D 220 17.35 -0.76 -8.72
N LEU D 221 17.27 -2.04 -8.36
CA LEU D 221 16.11 -2.53 -7.63
C LEU D 221 15.97 -1.74 -6.33
N LEU D 222 14.75 -1.32 -6.01
CA LEU D 222 14.56 -0.61 -4.74
C LEU D 222 13.91 -1.49 -3.68
N SER D 223 13.02 -2.39 -4.09
CA SER D 223 12.34 -3.30 -3.17
C SER D 223 13.35 -4.01 -2.29
N GLY D 224 13.04 -4.08 -1.00
CA GLY D 224 13.82 -4.84 -0.06
C GLY D 224 15.01 -4.10 0.51
N LYS D 225 15.38 -2.93 -0.03
CA LYS D 225 16.57 -2.20 0.42
C LYS D 225 16.19 -1.11 1.42
N GLN D 226 17.21 -0.55 2.11
CA GLN D 226 17.00 0.42 3.18
C GLN D 226 17.21 1.85 2.70
N ALA D 227 16.28 2.72 3.02
CA ALA D 227 16.31 4.11 2.59
C ALA D 227 16.23 4.98 3.83
N LEU D 228 16.96 6.10 3.80
CA LEU D 228 16.81 7.14 4.81
C LEU D 228 16.39 8.43 4.10
N VAL D 229 15.22 8.96 4.48
CA VAL D 229 14.76 10.23 3.96
C VAL D 229 14.95 11.27 5.04
N ILE D 230 15.71 12.31 4.74
CA ILE D 230 15.96 13.41 5.66
C ILE D 230 14.89 14.44 5.38
N GLY D 231 13.96 14.59 6.31
CA GLY D 231 12.88 15.56 6.14
C GLY D 231 11.56 14.89 5.82
N TYR D 232 10.48 15.51 6.27
CA TYR D 232 9.14 14.94 6.12
C TYR D 232 8.12 16.07 6.04
N GLY D 233 8.48 17.16 5.33
CA GLY D 233 7.54 18.17 4.87
C GLY D 233 6.83 17.66 3.63
N ASP D 234 6.39 18.56 2.76
CA ASP D 234 5.65 18.08 1.59
C ASP D 234 6.56 17.24 0.68
N VAL D 235 7.79 17.70 0.46
CA VAL D 235 8.67 16.95 -0.43
C VAL D 235 9.13 15.65 0.22
N GLY D 236 9.39 15.69 1.54
CA GLY D 236 9.79 14.45 2.22
C GLY D 236 8.67 13.44 2.32
N LYS D 237 7.43 13.90 2.52
CA LYS D 237 6.28 13.00 2.51
C LYS D 237 6.14 12.29 1.17
N GLY D 238 6.20 13.08 0.09
CA GLY D 238 6.05 12.49 -1.24
C GLY D 238 7.24 11.59 -1.59
N SER D 239 8.44 12.00 -1.16
CA SER D 239 9.64 11.19 -1.45
C SER D 239 9.61 9.86 -0.70
N SER D 240 9.26 9.90 0.60
CA SER D 240 9.11 8.67 1.36
C SER D 240 8.09 7.73 0.72
N GLN D 241 6.98 8.30 0.24
CA GLN D 241 6.00 7.46 -0.45
C GLN D 241 6.56 6.87 -1.75
N SER D 242 7.31 7.69 -2.51
CA SER D 242 7.91 7.21 -3.74
C SER D 242 8.73 5.95 -3.48
N LEU D 243 9.43 5.91 -2.34
CA LEU D 243 10.30 4.78 -2.06
C LEU D 243 9.53 3.61 -1.45
N ARG D 244 8.64 3.92 -0.50
CA ARG D 244 7.88 2.87 0.19
C ARG D 244 6.97 2.12 -0.78
N GLN D 245 6.38 2.81 -1.76
CA GLN D 245 5.48 2.12 -2.67
C GLN D 245 6.25 1.16 -3.58
N GLU D 246 7.57 1.38 -3.75
CA GLU D 246 8.46 0.45 -4.44
C GLU D 246 8.92 -0.70 -3.55
N GLY D 247 8.59 -0.66 -2.26
CA GLY D 247 8.97 -1.72 -1.35
C GLY D 247 10.26 -1.48 -0.60
N MET D 248 10.79 -0.26 -0.64
CA MET D 248 11.89 0.07 0.26
C MET D 248 11.41 0.05 1.71
N ILE D 249 12.32 -0.33 2.60
CA ILE D 249 12.17 -0.12 4.04
C ILE D 249 12.68 1.29 4.31
N VAL D 250 11.76 2.22 4.58
CA VAL D 250 12.07 3.64 4.66
C VAL D 250 12.14 4.06 6.12
N LYS D 251 13.23 4.72 6.48
CA LYS D 251 13.33 5.44 7.75
C LYS D 251 13.34 6.94 7.45
N VAL D 252 12.80 7.71 8.38
CA VAL D 252 12.60 9.15 8.19
C VAL D 252 13.31 9.89 9.32
N ALA D 253 14.04 10.94 8.98
CA ALA D 253 14.61 11.87 9.95
C ALA D 253 13.87 13.21 9.89
N GLU D 254 13.76 13.86 11.05
CA GLU D 254 13.07 15.15 11.10
C GLU D 254 13.56 15.93 12.31
N VAL D 255 13.52 17.26 12.20
CA VAL D 255 13.73 18.13 13.35
C VAL D 255 12.39 18.69 13.87
N ASP D 256 11.31 18.56 13.10
CA ASP D 256 10.00 19.07 13.47
C ASP D 256 9.20 17.92 14.05
N PRO D 257 8.92 17.93 15.35
CA PRO D 257 8.20 16.79 15.95
C PRO D 257 6.80 16.57 15.41
N ILE D 258 6.11 17.60 14.91
CA ILE D 258 4.81 17.36 14.28
C ILE D 258 4.97 16.54 13.01
N CYS D 259 5.91 16.95 12.14
CA CYS D 259 6.15 16.19 10.93
C CYS D 259 6.64 14.78 11.26
N ALA D 260 7.46 14.63 12.32
CA ALA D 260 7.88 13.28 12.73
C ALA D 260 6.69 12.46 13.22
N MET D 261 5.74 13.10 13.93
N MET D 261 5.75 13.09 13.94
CA MET D 261 4.53 12.40 14.34
CA MET D 261 4.54 12.38 14.34
C MET D 261 3.78 11.83 13.14
C MET D 261 3.81 11.82 13.12
N GLN D 262 3.69 12.62 12.06
CA GLN D 262 3.02 12.14 10.84
C GLN D 262 3.75 10.94 10.24
N ALA D 263 5.08 11.01 10.20
CA ALA D 263 5.87 9.87 9.69
C ALA D 263 5.58 8.59 10.46
N CYS D 264 5.54 8.67 11.79
CA CYS D 264 5.23 7.47 12.59
C CYS D 264 3.85 6.92 12.22
N MET D 265 2.82 7.78 12.27
CA MET D 265 1.46 7.35 11.95
C MET D 265 1.35 6.84 10.52
N ASP D 266 2.17 7.34 9.63
CA ASP D 266 2.21 6.87 8.26
C ASP D 266 2.98 5.56 8.11
N GLY D 267 3.51 5.01 9.19
CA GLY D 267 4.16 3.69 9.12
C GLY D 267 5.64 3.71 8.88
N PHE D 268 6.31 4.80 9.23
CA PHE D 268 7.75 4.92 9.11
C PHE D 268 8.42 4.92 10.47
N GLU D 269 9.59 4.30 10.56
CA GLU D 269 10.44 4.42 11.74
C GLU D 269 11.21 5.74 11.65
N VAL D 270 11.16 6.56 12.72
CA VAL D 270 11.81 7.86 12.73
C VAL D 270 13.13 7.74 13.49
N VAL D 271 14.23 8.11 12.82
CA VAL D 271 15.58 7.93 13.35
C VAL D 271 16.37 9.20 13.09
N SER D 272 17.49 9.32 13.79
CA SER D 272 18.43 10.41 13.55
C SER D 272 19.78 9.88 13.06
N PRO D 273 20.42 10.58 12.12
CA PRO D 273 21.83 10.23 11.81
C PRO D 273 22.74 10.34 13.00
N TYR D 274 22.38 11.14 14.01
CA TYR D 274 23.20 11.42 15.18
C TYR D 274 22.67 10.68 16.39
N LYS D 275 23.59 10.20 17.24
CA LYS D 275 23.20 9.58 18.48
C LYS D 275 22.38 10.54 19.32
N ASN D 276 21.20 10.09 19.75
CA ASN D 276 20.25 10.93 20.49
C ASN D 276 19.82 12.16 19.72
N GLY D 277 20.04 12.20 18.41
CA GLY D 277 19.67 13.36 17.62
C GLY D 277 20.56 14.57 17.77
N ILE D 278 21.71 14.45 18.43
CA ILE D 278 22.58 15.58 18.74
C ILE D 278 23.82 15.50 17.85
N ASN D 279 23.98 16.48 16.97
CA ASN D 279 25.20 16.59 16.17
C ASN D 279 26.22 17.46 16.91
N ASP D 280 27.33 16.87 17.35
CA ASP D 280 28.41 17.63 17.95
C ASP D 280 29.56 17.88 16.97
N GLY D 281 29.35 17.62 15.68
CA GLY D 281 30.36 17.87 14.67
C GLY D 281 31.48 16.84 14.59
N THR D 282 31.53 15.86 15.48
CA THR D 282 32.57 14.84 15.47
C THR D 282 31.99 13.53 14.97
N GLU D 283 32.89 12.64 14.53
CA GLU D 283 32.46 11.32 14.08
C GLU D 283 31.81 10.52 15.19
N ALA D 284 32.17 10.81 16.45
CA ALA D 284 31.64 10.08 17.60
C ALA D 284 30.12 10.24 17.74
N SER D 285 29.54 11.33 17.22
CA SER D 285 28.11 11.52 17.35
C SER D 285 27.31 10.85 16.25
N ILE D 286 27.97 10.35 15.20
CA ILE D 286 27.27 9.65 14.12
C ILE D 286 26.80 8.28 14.60
N ASP D 287 25.57 7.92 14.27
CA ASP D 287 25.08 6.56 14.48
C ASP D 287 25.60 5.70 13.34
N ALA D 288 26.83 5.20 13.51
CA ALA D 288 27.51 4.44 12.46
C ALA D 288 26.78 3.13 12.15
N ALA D 289 26.21 2.48 13.16
CA ALA D 289 25.49 1.23 12.90
C ALA D 289 24.28 1.47 12.01
N LEU D 290 23.57 2.57 12.25
CA LEU D 290 22.42 2.87 11.40
C LEU D 290 22.84 3.21 9.99
N LEU D 291 23.83 4.09 9.84
CA LEU D 291 24.19 4.54 8.50
C LEU D 291 24.89 3.44 7.70
N GLY D 292 25.62 2.55 8.37
CA GLY D 292 26.22 1.38 7.72
C GLY D 292 25.22 0.41 7.11
N LYS D 293 23.93 0.61 7.36
CA LYS D 293 22.87 -0.27 6.84
C LYS D 293 22.03 0.41 5.75
N ILE D 294 22.33 1.66 5.38
CA ILE D 294 21.47 2.45 4.51
C ILE D 294 21.95 2.33 3.07
N ASP D 295 21.04 1.94 2.16
CA ASP D 295 21.36 1.76 0.75
C ASP D 295 21.12 3.03 -0.05
N LEU D 296 20.34 3.96 0.47
CA LEU D 296 19.87 5.12 -0.28
C LEU D 296 19.56 6.22 0.73
N ILE D 297 20.10 7.41 0.52
CA ILE D 297 19.75 8.57 1.34
C ILE D 297 19.28 9.68 0.41
N VAL D 298 18.16 10.32 0.78
CA VAL D 298 17.53 11.39 0.00
C VAL D 298 17.29 12.54 0.94
N THR D 299 17.81 13.73 0.58
CA THR D 299 17.60 14.96 1.35
C THR D 299 16.45 15.75 0.74
N THR D 300 15.56 16.29 1.61
CA THR D 300 14.32 16.93 1.17
C THR D 300 14.02 18.20 1.95
N THR D 301 15.03 18.83 2.55
CA THR D 301 14.78 19.77 3.65
C THR D 301 14.68 21.24 3.26
N GLY D 302 15.41 21.67 2.24
CA GLY D 302 15.61 23.11 2.07
C GLY D 302 16.62 23.71 3.02
N ASN D 303 17.28 22.88 3.82
CA ASN D 303 18.26 23.30 4.82
C ASN D 303 19.68 23.01 4.31
N VAL D 304 20.69 23.30 5.14
CA VAL D 304 22.10 23.22 4.73
C VAL D 304 22.75 22.04 5.43
N ASN D 305 23.51 21.24 4.67
CA ASN D 305 24.42 20.24 5.26
C ASN D 305 23.67 19.25 6.13
N VAL D 306 22.53 18.75 5.64
CA VAL D 306 21.79 17.74 6.38
C VAL D 306 22.23 16.32 6.00
N CYS D 307 23.11 16.18 5.02
CA CYS D 307 23.85 14.93 4.76
C CYS D 307 25.32 15.38 4.76
N ASP D 308 25.94 15.32 5.93
CA ASP D 308 27.21 15.99 6.10
C ASP D 308 28.36 15.01 5.83
N ALA D 309 29.58 15.51 5.99
CA ALA D 309 30.78 14.72 5.68
C ALA D 309 30.87 13.47 6.55
N ASN D 310 30.60 13.61 7.83
CA ASN D 310 30.70 12.45 8.71
C ASN D 310 29.65 11.41 8.36
N MET D 311 28.45 11.87 7.99
CA MET D 311 27.45 10.93 7.50
C MET D 311 27.93 10.22 6.23
N LEU D 312 28.57 10.96 5.31
CA LEU D 312 29.01 10.33 4.06
C LEU D 312 30.11 9.31 4.31
N LYS D 313 30.97 9.59 5.30
CA LYS D 313 32.02 8.65 5.65
C LYS D 313 31.47 7.33 6.18
N ALA D 314 30.35 7.39 6.90
CA ALA D 314 29.77 6.25 7.57
C ALA D 314 28.79 5.46 6.72
N LEU D 315 28.33 6.01 5.59
CA LEU D 315 27.33 5.29 4.82
C LEU D 315 27.87 3.95 4.33
N LYS D 316 26.97 2.97 4.25
CA LYS D 316 27.24 1.67 3.65
C LYS D 316 27.91 1.83 2.29
N LYS D 317 28.91 0.98 2.02
CA LYS D 317 29.51 0.94 0.68
C LYS D 317 28.44 0.81 -0.40
N ARG D 318 28.60 1.56 -1.48
CA ARG D 318 27.76 1.55 -2.68
C ARG D 318 26.37 2.14 -2.43
N ALA D 319 26.13 2.80 -1.29
CA ALA D 319 24.89 3.54 -1.11
C ALA D 319 24.73 4.61 -2.18
N VAL D 320 23.48 4.86 -2.56
CA VAL D 320 23.14 5.97 -3.44
C VAL D 320 22.81 7.20 -2.58
N VAL D 321 23.33 8.36 -3.01
CA VAL D 321 23.15 9.64 -2.33
C VAL D 321 22.47 10.61 -3.30
N CYS D 322 21.37 11.23 -2.88
CA CYS D 322 20.78 12.22 -3.78
C CYS D 322 20.02 13.26 -2.98
N ASN D 323 19.74 14.35 -3.66
CA ASN D 323 19.01 15.46 -3.07
C ASN D 323 17.88 15.86 -4.00
N ILE D 324 16.72 16.08 -3.41
CA ILE D 324 15.54 16.55 -4.12
C ILE D 324 15.03 17.88 -3.54
N GLY D 325 15.78 18.50 -2.59
CA GLY D 325 15.53 19.88 -2.24
C GLY D 325 16.04 20.83 -3.32
N HIS D 326 15.75 22.11 -3.15
CA HIS D 326 16.04 23.04 -4.24
C HIS D 326 17.54 23.21 -4.51
N PHE D 327 18.38 23.24 -3.48
CA PHE D 327 19.80 23.53 -3.69
C PHE D 327 20.67 22.34 -3.29
N ASP D 328 21.87 22.26 -3.88
CA ASP D 328 22.74 21.11 -3.66
C ASP D 328 23.47 21.12 -2.33
N ASN D 329 23.51 22.26 -1.63
CA ASN D 329 24.22 22.31 -0.35
C ASN D 329 23.52 21.52 0.76
N GLU D 330 22.39 20.86 0.49
CA GLU D 330 21.88 19.89 1.46
C GLU D 330 22.90 18.80 1.73
N ILE D 331 23.74 18.47 0.76
CA ILE D 331 24.76 17.43 0.86
C ILE D 331 26.11 18.10 0.85
N ASP D 332 27.01 17.67 1.74
CA ASP D 332 28.36 18.23 1.70
C ASP D 332 29.11 17.68 0.50
N THR D 333 28.77 18.14 -0.71
CA THR D 333 29.52 17.71 -1.89
C THR D 333 30.90 18.35 -1.96
N ALA D 334 31.05 19.56 -1.42
CA ALA D 334 32.37 20.18 -1.40
C ALA D 334 33.37 19.27 -0.69
N PHE D 335 32.98 18.66 0.42
CA PHE D 335 33.86 17.71 1.09
C PHE D 335 34.24 16.57 0.15
N MET D 336 33.29 16.07 -0.63
CA MET D 336 33.59 14.92 -1.48
C MET D 336 34.50 15.32 -2.64
N ARG D 337 34.36 16.56 -3.15
CA ARG D 337 35.24 17.01 -4.22
C ARG D 337 36.66 17.17 -3.74
N LYS D 338 36.83 17.54 -2.47
CA LYS D 338 38.16 17.80 -1.95
C LYS D 338 38.90 16.52 -1.61
N ASN D 339 38.19 15.50 -1.13
CA ASN D 339 38.86 14.36 -0.54
C ASN D 339 38.77 13.08 -1.34
N TRP D 340 37.77 12.92 -2.20
CA TRP D 340 37.52 11.65 -2.86
C TRP D 340 37.54 11.81 -4.38
N ALA D 341 37.77 10.69 -5.06
CA ALA D 341 37.94 10.65 -6.51
C ALA D 341 36.61 10.34 -7.19
N TRP D 342 36.27 11.13 -8.20
CA TRP D 342 34.96 11.05 -8.85
C TRP D 342 35.08 10.31 -10.17
N GLU D 343 34.30 9.25 -10.34
CA GLU D 343 34.27 8.51 -11.59
C GLU D 343 32.90 8.69 -12.21
N GLU D 344 32.85 9.36 -13.37
CA GLU D 344 31.59 9.53 -14.07
C GLU D 344 31.13 8.20 -14.65
N VAL D 345 29.94 7.73 -14.26
CA VAL D 345 29.35 6.55 -14.89
C VAL D 345 28.74 6.93 -16.22
N LYS D 346 27.92 7.98 -16.20
CA LYS D 346 27.30 8.61 -17.36
C LYS D 346 26.83 9.97 -16.89
N PRO D 347 26.34 10.84 -17.77
CA PRO D 347 25.95 12.19 -17.31
C PRO D 347 25.03 12.12 -16.09
N GLN D 348 25.38 12.92 -15.06
CA GLN D 348 24.64 13.06 -13.82
C GLN D 348 24.61 11.79 -12.96
N VAL D 349 25.55 10.87 -13.17
CA VAL D 349 25.73 9.72 -12.29
C VAL D 349 27.23 9.56 -12.03
N HIS D 350 27.65 9.75 -10.78
CA HIS D 350 29.07 9.65 -10.43
C HIS D 350 29.28 8.65 -9.31
N LYS D 351 30.34 7.86 -9.45
CA LYS D 351 30.84 7.06 -8.34
C LYS D 351 31.87 7.86 -7.58
N ILE D 352 31.71 7.97 -6.27
CA ILE D 352 32.62 8.74 -5.42
C ILE D 352 33.44 7.74 -4.62
N HIS D 353 34.73 7.59 -4.96
CA HIS D 353 35.59 6.55 -4.39
C HIS D 353 36.22 7.05 -3.09
N ARG D 354 35.84 6.44 -1.98
CA ARG D 354 36.27 6.90 -0.67
C ARG D 354 37.67 6.48 -0.32
N THR D 355 38.41 5.92 -1.28
CA THR D 355 39.77 5.46 -1.05
C THR D 355 40.79 6.57 -1.13
N GLY D 356 40.45 7.70 -1.72
CA GLY D 356 41.39 8.81 -1.77
C GLY D 356 41.10 9.72 -2.94
N LYS D 357 41.93 10.76 -3.03
CA LYS D 357 41.75 11.85 -3.98
C LYS D 357 42.39 11.57 -5.34
N ASP D 358 43.61 11.07 -5.35
CA ASP D 358 44.39 11.01 -6.58
C ASP D 358 44.17 9.65 -7.21
N GLY D 359 43.13 9.58 -8.05
CA GLY D 359 42.85 8.39 -8.81
C GLY D 359 42.12 7.34 -8.00
N PHE D 360 41.72 6.28 -8.69
CA PHE D 360 40.91 5.25 -8.08
C PHE D 360 41.16 3.95 -8.82
N ASP D 361 40.76 2.86 -8.17
CA ASP D 361 40.73 1.54 -8.79
C ASP D 361 39.38 1.36 -9.47
N ALA D 362 39.41 1.04 -10.76
CA ALA D 362 38.15 0.82 -11.48
C ALA D 362 37.31 -0.28 -10.84
N HIS D 363 37.92 -1.17 -10.06
CA HIS D 363 37.18 -2.26 -9.40
C HIS D 363 37.06 -2.04 -7.89
N ASN D 364 37.43 -0.86 -7.39
CA ASN D 364 37.21 -0.53 -5.99
C ASN D 364 35.74 -0.76 -5.59
N ASP D 365 35.54 -1.28 -4.40
CA ASP D 365 34.20 -1.53 -3.92
C ASP D 365 33.71 -0.47 -2.93
N ASP D 366 34.59 0.41 -2.47
CA ASP D 366 34.23 1.38 -1.46
C ASP D 366 33.96 2.73 -2.14
N TYR D 367 32.75 2.85 -2.67
CA TYR D 367 32.32 4.08 -3.32
C TYR D 367 30.86 4.33 -2.98
N LEU D 368 30.46 5.59 -3.15
CA LEU D 368 29.08 6.01 -3.15
C LEU D 368 28.66 6.36 -4.57
N ILE D 369 27.37 6.27 -4.87
CA ILE D 369 26.84 6.77 -6.13
C ILE D 369 26.08 8.07 -5.85
N LEU D 370 26.55 9.16 -6.45
CA LEU D 370 25.89 10.45 -6.32
C LEU D 370 25.15 10.76 -7.61
N LEU D 371 23.90 11.21 -7.48
CA LEU D 371 23.08 11.54 -8.63
C LEU D 371 23.01 13.04 -8.82
N ALA D 372 23.14 13.49 -10.06
CA ALA D 372 22.98 14.89 -10.45
C ALA D 372 23.93 15.81 -9.68
N GLU D 373 25.08 15.27 -9.25
CA GLU D 373 26.06 16.03 -8.46
C GLU D 373 25.41 16.75 -7.29
N GLY D 374 24.38 16.13 -6.70
CA GLY D 374 23.69 16.70 -5.58
C GLY D 374 22.61 17.72 -5.92
N ARG D 375 22.44 18.06 -7.20
CA ARG D 375 21.36 18.94 -7.62
C ARG D 375 20.03 18.19 -7.64
N LEU D 376 18.91 18.94 -7.74
CA LEU D 376 17.57 18.35 -7.71
C LEU D 376 17.47 17.11 -8.58
N VAL D 377 17.26 15.95 -7.96
CA VAL D 377 17.52 14.71 -8.67
C VAL D 377 16.36 14.37 -9.61
N ASN D 378 15.13 14.73 -9.25
CA ASN D 378 14.04 14.38 -10.14
C ASN D 378 14.17 15.08 -11.48
N LEU D 379 14.58 16.36 -11.46
CA LEU D 379 14.80 17.09 -12.70
C LEU D 379 16.15 16.75 -13.32
N GLY D 380 17.15 16.40 -12.52
CA GLY D 380 18.47 16.15 -13.05
C GLY D 380 18.60 14.80 -13.74
N ASN D 381 17.99 13.77 -13.17
CA ASN D 381 18.15 12.44 -13.70
C ASN D 381 16.89 11.91 -14.36
N ALA D 382 15.78 12.65 -14.29
CA ALA D 382 14.58 12.30 -15.07
C ALA D 382 13.98 13.59 -15.64
N THR D 383 12.66 13.80 -15.56
CA THR D 383 12.06 14.98 -16.18
C THR D 383 11.23 15.78 -15.18
N GLY D 384 11.51 15.61 -13.88
CA GLY D 384 10.72 16.27 -12.86
C GLY D 384 9.27 15.80 -12.85
N HIS D 385 8.38 16.68 -12.40
CA HIS D 385 6.98 16.33 -12.20
C HIS D 385 6.30 16.14 -13.55
N PRO D 386 5.29 15.27 -13.62
CA PRO D 386 4.54 15.10 -14.86
C PRO D 386 3.63 16.28 -15.13
N SER D 387 3.26 16.42 -16.40
CA SER D 387 2.42 17.53 -16.85
C SER D 387 1.14 17.67 -16.01
N ARG D 388 0.45 16.55 -15.74
CA ARG D 388 -0.85 16.70 -15.09
C ARG D 388 -0.72 17.23 -13.67
N ILE D 389 0.43 17.04 -13.03
CA ILE D 389 0.67 17.65 -11.73
C ILE D 389 1.06 19.13 -11.89
N MET D 390 1.98 19.44 -12.81
CA MET D 390 2.44 20.81 -13.00
C MET D 390 1.32 21.71 -13.48
N ASP D 391 0.30 21.10 -14.08
CA ASP D 391 -0.93 21.82 -14.45
C ASP D 391 -1.43 22.68 -13.31
N GLY D 392 -1.51 22.11 -12.10
CA GLY D 392 -2.01 22.90 -10.97
C GLY D 392 -1.08 24.05 -10.61
N SER D 393 0.22 23.78 -10.55
CA SER D 393 1.20 24.82 -10.19
C SER D 393 1.20 25.95 -11.19
N PHE D 394 1.16 25.61 -12.48
CA PHE D 394 1.31 26.64 -13.49
C PHE D 394 0.00 27.38 -13.78
N ALA D 395 -1.16 26.78 -13.49
CA ALA D 395 -2.39 27.57 -13.49
C ALA D 395 -2.35 28.65 -12.41
N ASN D 396 -1.85 28.28 -11.21
CA ASN D 396 -1.67 29.28 -10.17
C ASN D 396 -0.69 30.36 -10.61
N GLN D 397 0.44 29.97 -11.22
CA GLN D 397 1.38 30.95 -11.77
C GLN D 397 0.69 31.97 -12.67
N VAL D 398 -0.17 31.49 -13.59
CA VAL D 398 -0.80 32.42 -14.52
C VAL D 398 -1.73 33.37 -13.78
N LEU D 399 -2.49 32.84 -12.81
CA LEU D 399 -3.42 33.69 -12.08
C LEU D 399 -2.69 34.73 -11.24
N ALA D 400 -1.51 34.38 -10.73
CA ALA D 400 -0.73 35.29 -9.92
C ALA D 400 -0.08 36.38 -10.78
N GLN D 401 0.42 36.03 -11.96
CA GLN D 401 0.92 37.04 -12.89
C GLN D 401 -0.16 38.05 -13.25
N ILE D 402 -1.34 37.55 -13.63
CA ILE D 402 -2.45 38.44 -13.94
C ILE D 402 -2.75 39.35 -12.76
N HIS D 403 -2.78 38.79 -11.55
CA HIS D 403 -3.20 39.63 -10.41
C HIS D 403 -2.20 40.75 -10.16
N LEU D 404 -0.90 40.43 -10.15
CA LEU D 404 0.09 41.47 -9.82
C LEU D 404 0.29 42.44 -10.97
N PHE D 405 0.22 41.97 -12.21
CA PHE D 405 0.32 42.91 -13.32
C PHE D 405 -0.87 43.87 -13.35
N GLU D 406 -2.07 43.36 -13.05
CA GLU D 406 -3.21 44.27 -13.02
C GLU D 406 -3.12 45.27 -11.88
N GLN D 407 -2.45 44.90 -10.77
CA GLN D 407 -2.36 45.83 -9.64
C GLN D 407 -1.44 47.01 -9.95
N LYS D 408 -0.47 46.81 -10.85
CA LYS D 408 0.40 47.90 -11.33
C LYS D 408 1.15 48.60 -10.17
N TYR D 409 1.73 47.80 -9.27
CA TYR D 409 2.42 48.36 -8.09
C TYR D 409 3.42 49.44 -8.47
N ALA D 410 4.16 49.23 -9.56
CA ALA D 410 5.22 50.18 -9.91
C ALA D 410 4.65 51.56 -10.21
N ASP D 411 3.38 51.65 -10.64
CA ASP D 411 2.80 52.94 -10.97
C ASP D 411 2.16 53.64 -9.78
N LEU D 412 2.08 53.00 -8.62
CA LEU D 412 1.28 53.52 -7.52
C LEU D 412 2.08 54.56 -6.74
N PRO D 413 1.41 55.57 -6.18
CA PRO D 413 2.12 56.51 -5.31
C PRO D 413 2.69 55.79 -4.10
N ALA D 414 3.64 56.44 -3.46
CA ALA D 414 4.45 55.80 -2.42
C ALA D 414 3.58 55.25 -1.29
N ALA D 415 2.61 56.04 -0.80
CA ALA D 415 1.83 55.57 0.35
C ALA D 415 0.97 54.36 -0.02
N GLU D 416 0.54 54.25 -1.27
CA GLU D 416 -0.21 53.08 -1.69
C GLU D 416 0.70 51.88 -1.90
N LYS D 417 1.92 52.10 -2.43
CA LYS D 417 2.90 51.02 -2.50
C LYS D 417 3.12 50.40 -1.13
N ALA D 418 3.27 51.24 -0.10
CA ALA D 418 3.54 50.73 1.23
C ALA D 418 2.40 49.85 1.73
N LYS D 419 1.16 50.15 1.33
CA LYS D 419 0.05 49.28 1.70
C LYS D 419 0.15 47.93 1.05
N ARG D 420 0.82 47.84 -0.10
CA ARG D 420 0.79 46.63 -0.90
C ARG D 420 2.11 45.89 -0.97
N LEU D 421 3.13 46.32 -0.23
CA LEU D 421 4.42 45.65 -0.26
C LEU D 421 4.34 44.44 0.68
N SER D 422 3.98 43.29 0.12
CA SER D 422 3.77 42.14 0.98
C SER D 422 3.99 40.88 0.17
N VAL D 423 3.95 39.75 0.86
CA VAL D 423 3.99 38.43 0.22
C VAL D 423 2.65 37.77 0.54
N GLU D 424 1.83 37.54 -0.49
CA GLU D 424 0.47 37.05 -0.33
C GLU D 424 0.29 35.74 -1.08
N VAL D 425 -0.77 35.02 -0.73
CA VAL D 425 -1.23 33.87 -1.48
C VAL D 425 -2.50 34.22 -2.24
N LEU D 426 -2.78 33.40 -3.25
CA LEU D 426 -4.01 33.54 -4.02
C LEU D 426 -5.22 33.19 -3.16
N PRO D 427 -6.36 33.84 -3.41
CA PRO D 427 -7.58 33.54 -2.66
C PRO D 427 -8.02 32.10 -2.85
N LYS D 428 -8.62 31.53 -1.80
CA LYS D 428 -9.05 30.13 -1.83
C LYS D 428 -10.02 29.85 -2.97
N LYS D 429 -10.90 30.81 -3.30
CA LYS D 429 -11.82 30.59 -4.42
C LYS D 429 -11.07 30.15 -5.70
N LEU D 430 -9.94 30.80 -5.99
CA LEU D 430 -9.19 30.47 -7.20
C LEU D 430 -8.49 29.13 -7.06
N ASP D 431 -7.95 28.84 -5.86
CA ASP D 431 -7.38 27.53 -5.55
C ASP D 431 -8.40 26.44 -5.86
N GLU D 432 -9.66 26.66 -5.46
CA GLU D 432 -10.72 25.69 -5.73
C GLU D 432 -11.03 25.57 -7.21
N GLU D 433 -11.00 26.69 -7.94
CA GLU D 433 -11.34 26.63 -9.35
C GLU D 433 -10.24 25.90 -10.12
N VAL D 434 -8.97 26.10 -9.73
CA VAL D 434 -7.89 25.28 -10.29
C VAL D 434 -8.14 23.80 -10.01
N ALA D 435 -8.44 23.48 -8.74
CA ALA D 435 -8.61 22.07 -8.37
C ALA D 435 -9.76 21.45 -9.12
N LEU D 436 -10.83 22.22 -9.34
CA LEU D 436 -11.98 21.66 -10.03
C LEU D 436 -11.61 21.22 -11.45
N GLU D 437 -10.83 22.04 -12.16
CA GLU D 437 -10.40 21.67 -13.51
C GLU D 437 -9.48 20.44 -13.46
N MET D 438 -8.63 20.34 -12.45
CA MET D 438 -7.80 19.13 -12.31
C MET D 438 -8.68 17.90 -12.11
N VAL D 439 -9.66 17.99 -11.21
CA VAL D 439 -10.52 16.83 -10.95
C VAL D 439 -11.24 16.41 -12.23
N LYS D 440 -11.71 17.38 -13.01
CA LYS D 440 -12.38 17.03 -14.26
C LYS D 440 -11.41 16.38 -15.24
N GLY D 441 -10.11 16.70 -15.14
CA GLY D 441 -9.14 16.06 -16.02
C GLY D 441 -9.03 14.56 -15.77
N PHE D 442 -9.28 14.13 -14.53
CA PHE D 442 -9.34 12.71 -14.20
C PHE D 442 -10.69 12.08 -14.51
N GLY D 443 -11.66 12.84 -15.01
CA GLY D 443 -13.03 12.38 -15.12
C GLY D 443 -13.79 12.33 -13.81
N GLY D 444 -13.27 12.95 -12.75
CA GLY D 444 -13.98 12.98 -11.49
C GLY D 444 -15.20 13.87 -11.55
N VAL D 445 -16.23 13.52 -10.78
CA VAL D 445 -17.46 14.31 -10.70
C VAL D 445 -17.61 14.87 -9.30
N VAL D 446 -17.57 16.19 -9.18
CA VAL D 446 -17.78 16.88 -7.90
C VAL D 446 -19.28 17.06 -7.69
N THR D 447 -19.74 16.76 -6.48
CA THR D 447 -21.14 16.90 -6.11
C THR D 447 -21.46 18.36 -5.79
N GLN D 448 -22.67 18.80 -6.14
CA GLN D 448 -23.15 20.13 -5.81
C GLN D 448 -23.98 20.10 -4.54
N LEU D 449 -23.64 20.97 -3.59
CA LEU D 449 -24.47 21.14 -2.39
C LEU D 449 -25.87 21.59 -2.77
N THR D 450 -26.88 21.05 -2.08
CA THR D 450 -28.21 21.62 -2.15
C THR D 450 -28.21 22.93 -1.37
N PRO D 451 -29.22 23.79 -1.57
CA PRO D 451 -29.27 25.00 -0.74
C PRO D 451 -29.39 24.70 0.74
N LYS D 452 -30.16 23.68 1.13
CA LYS D 452 -30.25 23.37 2.56
C LYS D 452 -28.92 22.88 3.11
N GLN D 453 -28.17 22.10 2.33
CA GLN D 453 -26.87 21.64 2.84
C GLN D 453 -25.86 22.79 2.92
N ALA D 454 -25.84 23.68 1.92
CA ALA D 454 -24.92 24.81 1.97
C ALA D 454 -25.22 25.69 3.18
N GLU D 455 -26.50 25.97 3.43
CA GLU D 455 -26.89 26.71 4.62
C GLU D 455 -26.47 25.99 5.90
N TYR D 456 -26.56 24.65 5.91
CA TYR D 456 -26.32 23.85 7.11
C TYR D 456 -24.88 23.97 7.59
N ILE D 457 -23.92 23.98 6.66
CA ILE D 457 -22.50 24.11 7.00
C ILE D 457 -22.00 25.54 6.79
N GLY D 458 -22.85 26.45 6.34
CA GLY D 458 -22.48 27.84 6.29
C GLY D 458 -21.58 28.24 5.15
N VAL D 459 -21.81 27.70 3.94
CA VAL D 459 -21.01 28.06 2.78
C VAL D 459 -21.94 28.43 1.63
N SER D 460 -21.39 29.12 0.64
CA SER D 460 -22.10 29.26 -0.62
C SER D 460 -22.06 27.95 -1.41
N VAL D 461 -23.10 27.71 -2.22
CA VAL D 461 -23.10 26.53 -3.10
C VAL D 461 -21.89 26.58 -4.02
N GLU D 462 -21.40 27.79 -4.32
CA GLU D 462 -20.26 27.97 -5.20
C GLU D 462 -18.91 27.89 -4.48
N GLY D 463 -18.90 27.76 -3.16
CA GLY D 463 -17.66 27.86 -2.41
C GLY D 463 -17.31 29.32 -2.17
N PRO D 464 -16.21 29.60 -1.45
CA PRO D 464 -15.24 28.63 -0.89
C PRO D 464 -15.87 27.73 0.18
N PHE D 465 -15.36 26.51 0.26
CA PHE D 465 -15.96 25.47 1.08
C PHE D 465 -15.27 25.31 2.42
N LYS D 466 -14.11 25.93 2.61
CA LYS D 466 -13.37 25.83 3.84
C LYS D 466 -12.93 27.20 4.32
N PRO D 467 -12.77 27.36 5.62
CA PRO D 467 -12.17 28.59 6.13
C PRO D 467 -10.69 28.64 5.78
N ASP D 468 -10.13 29.86 5.80
CA ASP D 468 -8.72 30.04 5.44
C ASP D 468 -7.79 29.28 6.38
N THR D 469 -8.22 28.97 7.61
CA THR D 469 -7.43 28.18 8.54
C THR D 469 -7.29 26.70 8.14
N TYR D 470 -8.08 26.22 7.21
CA TYR D 470 -8.15 24.77 6.99
C TYR D 470 -6.86 24.24 6.37
N ARG D 471 -6.42 23.07 6.82
CA ARG D 471 -5.12 22.56 6.41
C ARG D 471 -5.17 21.44 5.40
N TYR D 472 -6.35 20.89 5.10
CA TYR D 472 -6.46 19.75 4.14
C TYR D 472 -5.57 18.58 4.54
PA NAD E . -13.84 18.22 7.47
O1A NAD E . -12.35 18.18 7.46
O2A NAD E . -14.40 19.59 7.28
O5B NAD E . -14.46 17.22 6.35
C5B NAD E . -15.84 17.01 6.00
C4B NAD E . -15.84 17.00 4.49
O4B NAD E . -17.16 16.69 3.99
C3B NAD E . -15.42 18.32 3.81
O3B NAD E . -14.24 18.14 3.03
C2B NAD E . -16.64 18.69 2.93
O2B NAD E . -16.28 19.20 1.66
C1B NAD E . -17.31 17.33 2.75
N9A NAD E . -18.72 17.39 2.41
C8A NAD E . -19.68 18.21 2.95
N7A NAD E . -20.88 18.04 2.43
C5A NAD E . -20.69 17.04 1.48
C6A NAD E . -21.58 16.37 0.63
N6A NAD E . -22.88 16.65 0.54
N1A NAD E . -21.08 15.36 -0.13
C2A NAD E . -19.78 15.09 -0.07
N3A NAD E . -18.84 15.68 0.69
C4A NAD E . -19.36 16.63 1.45
O3 NAD E . -14.40 17.60 8.83
PN NAD E . -13.76 16.37 9.61
O1N NAD E . -12.73 16.81 10.59
O2N NAD E . -13.37 15.37 8.58
O5D NAD E . -15.01 15.77 10.40
C5D NAD E . -16.18 15.31 9.73
C4D NAD E . -17.16 14.87 10.79
O4D NAD E . -16.59 13.79 11.56
C3D NAD E . -17.53 15.94 11.82
O3D NAD E . -18.86 15.66 12.22
C2D NAD E . -16.60 15.62 12.98
O2D NAD E . -17.05 16.14 14.24
C1D NAD E . -16.64 14.09 12.92
N1N NAD E . -15.52 13.38 13.61
C2N NAD E . -15.72 12.09 13.93
C3N NAD E . -14.71 11.35 14.51
C7N NAD E . -14.90 9.91 14.94
O7N NAD E . -14.12 9.42 15.75
N7N NAD E . -16.01 9.28 14.55
C4N NAD E . -13.47 11.96 14.71
C5N NAD E . -13.28 13.28 14.36
C6N NAD E . -14.33 13.99 13.82
N9 ADE F . -13.41 10.04 19.87
C8 ADE F . -12.98 9.06 18.99
N7 ADE F . -12.48 7.99 19.58
C5 ADE F . -12.59 8.29 20.94
C6 ADE F . -12.24 7.57 22.10
N6 ADE F . -11.66 6.34 22.07
N1 ADE F . -12.48 8.16 23.30
C2 ADE F . -13.05 9.38 23.32
N3 ADE F . -13.41 10.15 22.30
C4 ADE F . -13.17 9.55 21.13
C4 R9Y G . 3.61 19.37 27.22
C5 R9Y G . 4.16 18.68 28.31
C6 R9Y G . 4.60 19.38 29.44
N1 R9Y G . 4.99 23.69 27.80
C7 R9Y G . 4.48 20.79 29.48
C8 R9Y G . 3.95 21.50 28.39
C9 R9Y G . 3.52 20.79 27.25
C10 R9Y G . 3.86 23.03 28.46
C3 R9Y G . 3.13 18.57 25.98
C2 R9Y G . 2.71 17.15 26.31
C1 R9Y G . 3.66 16.44 27.23
N R9Y G . 4.25 17.20 28.29
C R9Y G . 4.95 16.51 29.37
K K H . -10.36 2.51 21.99
P PO4 I . -31.70 -20.87 6.45
O1 PO4 I . -31.65 -22.21 5.72
O2 PO4 I . -31.62 -19.73 5.44
O3 PO4 I . -30.56 -20.78 7.45
O4 PO4 I . -33.02 -20.73 7.18
P PO4 J . -31.65 -2.81 -5.82
O1 PO4 J . -32.37 -3.86 -6.61
O2 PO4 J . -31.28 -3.44 -4.52
O3 PO4 J . -30.44 -2.28 -6.56
O4 PO4 J . -32.55 -1.61 -5.52
P PO4 K . -3.83 3.86 38.10
O1 PO4 K . -4.12 2.88 39.22
O2 PO4 K . -3.85 5.29 38.61
O3 PO4 K . -4.93 3.68 37.04
O4 PO4 K . -2.45 3.60 37.54
P PO4 L . -13.01 13.11 18.46
O1 PO4 L . -12.69 11.93 17.55
O2 PO4 L . -13.15 14.36 17.64
O3 PO4 L . -11.79 13.16 19.39
O4 PO4 L . -14.24 12.69 19.23
PA NAD M . 3.48 -23.06 5.43
O1A NAD M . 3.03 -22.58 4.10
O2A NAD M . 4.33 -24.34 5.31
O5B NAD M . 4.36 -21.97 6.19
C5B NAD M . 4.99 -22.10 7.48
C4B NAD M . 6.34 -21.48 7.29
O4B NAD M . 7.04 -21.42 8.54
C3B NAD M . 7.27 -22.20 6.30
O3B NAD M . 7.54 -21.32 5.21
C2B NAD M . 8.54 -22.46 7.12
O2B NAD M . 9.72 -22.19 6.35
C1B NAD M . 8.41 -21.45 8.25
N9A NAD M . 9.11 -21.81 9.47
C8A NAD M . 9.19 -23.06 10.04
N7A NAD M . 9.92 -23.11 11.11
C5A NAD M . 10.37 -21.80 11.27
C6A NAD M . 11.21 -21.20 12.24
N6A NAD M . 11.80 -21.88 13.23
N1A NAD M . 11.44 -19.87 12.12
C2A NAD M . 10.89 -19.21 11.10
N3A NAD M . 10.10 -19.68 10.11
C4A NAD M . 9.87 -20.99 10.27
O3 NAD M . 2.19 -23.32 6.31
PN NAD M . 0.91 -22.38 6.40
O1N NAD M . 1.35 -20.97 6.39
O2N NAD M . -0.12 -22.82 5.42
O5D NAD M . 0.38 -22.79 7.85
C5D NAD M . 1.11 -22.42 9.04
C4D NAD M . 0.32 -22.83 10.27
O4D NAD M . -0.89 -22.06 10.36
C3D NAD M . -0.12 -24.30 10.28
O3D NAD M . -0.16 -24.76 11.63
C2D NAD M . -1.53 -24.22 9.69
O2D NAD M . -2.30 -25.37 10.05
C1D NAD M . -2.00 -22.93 10.40
N1N NAD M . -3.18 -22.24 9.76
C2N NAD M . -3.83 -21.35 10.55
C3N NAD M . -4.88 -20.61 10.04
C7N NAD M . -5.65 -19.67 10.92
O7N NAD M . -6.76 -19.28 10.56
N7N NAD M . -5.17 -19.42 12.13
C4N NAD M . -5.22 -20.76 8.69
C5N NAD M . -4.54 -21.68 7.91
C6N NAD M . -3.53 -22.43 8.47
N9 ADE N . -10.49 -21.37 10.08
C8 ADE N . -10.20 -20.03 10.06
N7 ADE N . -11.25 -19.24 10.18
C5 ADE N . -12.30 -20.13 10.29
C6 ADE N . -13.69 -19.93 10.40
N6 ADE N . -14.24 -18.72 10.48
N1 ADE N . -14.47 -21.03 10.49
C2 ADE N . -13.88 -22.25 10.42
N3 ADE N . -12.60 -22.55 10.30
C4 ADE N . -11.85 -21.45 10.21
K K O . -15.90 -14.99 10.86
P PO4 P . 13.25 -5.84 28.62
O1 PO4 P . 13.66 -7.28 28.87
O2 PO4 P . 11.77 -5.77 28.41
O3 PO4 P . 13.98 -5.41 27.36
O4 PO4 P . 13.61 -4.98 29.78
P PO4 Q . -8.22 -23.26 8.38
O1 PO4 Q . -8.68 -23.67 9.75
O2 PO4 Q . -7.86 -21.79 8.34
O3 PO4 Q . -9.41 -23.35 7.40
O4 PO4 Q . -7.05 -24.08 7.86
PA NAD R . 1.21 -16.99 -16.93
O1A NAD R . 1.59 -17.11 -15.51
O2A NAD R . 0.73 -18.29 -17.58
O5B NAD R . 0.11 -15.84 -17.15
C5B NAD R . -0.60 -15.49 -18.37
C4B NAD R . -2.04 -15.30 -17.93
O4B NAD R . -2.84 -14.74 -19.00
C3B NAD R . -2.75 -16.58 -17.47
O3B NAD R . -3.16 -16.51 -16.11
C2B NAD R . -3.95 -16.70 -18.42
O2B NAD R . -5.13 -17.21 -17.79
C1B NAD R . -4.14 -15.26 -18.85
N9A NAD R . -4.85 -15.10 -20.11
C8A NAD R . -4.70 -15.85 -21.25
N7A NAD R . -5.46 -15.48 -22.25
C5A NAD R . -6.18 -14.41 -21.74
C6A NAD R . -7.16 -13.58 -22.28
N6A NAD R . -7.62 -13.69 -23.53
N1A NAD R . -7.68 -12.60 -21.49
C2A NAD R . -7.25 -12.50 -20.23
N3A NAD R . -6.32 -13.23 -19.60
C4A NAD R . -5.82 -14.18 -20.41
O3 NAD R . 2.44 -16.41 -17.75
PN NAD R . 3.51 -15.35 -17.26
O1N NAD R . 2.79 -14.28 -16.52
O2N NAD R . 4.68 -16.01 -16.62
O5D NAD R . 4.03 -14.76 -18.65
C5D NAD R . 3.13 -14.04 -19.53
C4D NAD R . 3.91 -13.59 -20.74
O4D NAD R . 4.93 -12.64 -20.35
C3D NAD R . 4.67 -14.71 -21.48
O3D NAD R . 4.71 -14.35 -22.87
C2D NAD R . 6.06 -14.61 -20.85
O2D NAD R . 7.10 -15.25 -21.61
C1D NAD R . 6.19 -13.09 -20.77
N1N NAD R . 7.23 -12.56 -19.81
C2N NAD R . 7.63 -11.29 -19.97
C3N NAD R . 8.54 -10.72 -19.09
C7N NAD R . 9.06 -9.32 -19.28
O7N NAD R . 10.09 -8.99 -18.71
N7N NAD R . 8.47 -8.55 -20.18
C4N NAD R . 8.98 -11.49 -18.01
C5N NAD R . 8.54 -12.79 -17.87
C6N NAD R . 7.67 -13.32 -18.79
N9 ADE S . 14.12 -10.12 -19.11
C8 ADE S . 13.51 -9.08 -18.41
N7 ADE S . 14.34 -8.12 -18.06
C5 ADE S . 15.58 -8.54 -18.56
C6 ADE S . 16.89 -7.97 -18.50
N6 ADE S . 17.18 -6.79 -17.90
N1 ADE S . 17.89 -8.67 -19.10
C2 ADE S . 17.60 -9.83 -19.70
N3 ADE S . 16.43 -10.47 -19.78
C4 ADE S . 15.45 -9.77 -19.20
S DMS T . 3.18 -28.15 -8.25
O DMS T . 3.14 -29.51 -7.66
C1 DMS T . 4.44 -27.12 -7.42
C2 DMS T . 1.66 -27.20 -7.91
C4 R9Y U . 24.67 -21.96 -5.84
C5 R9Y U . 25.97 -21.51 -5.48
C6 R9Y U . 27.03 -22.44 -5.41
N1 R9Y U . 25.09 -26.46 -5.10
C7 R9Y U . 26.81 -23.78 -5.70
C8 R9Y U . 25.52 -24.24 -6.06
C9 R9Y U . 24.44 -23.34 -6.12
C10 R9Y U . 25.35 -25.74 -6.34
C3 R9Y U . 23.51 -20.91 -5.92
C2 R9Y U . 24.05 -19.51 -6.19
C1 R9Y U . 25.24 -19.11 -5.34
N R9Y U . 26.25 -20.11 -5.17
C R9Y U . 27.55 -19.75 -4.64
K K V . 17.89 -3.23 -16.19
P PO4 W . 34.86 -6.80 -14.53
O1 PO4 W . 35.28 -8.25 -14.79
O2 PO4 W . 33.58 -6.55 -15.31
O3 PO4 W . 35.86 -5.79 -15.03
O4 PO4 W . 34.69 -6.57 -13.04
P PO4 X . 12.54 -13.04 -18.77
O1 PO4 X . 11.57 -14.18 -18.86
O2 PO4 X . 11.84 -11.87 -18.08
O3 PO4 X . 12.94 -12.60 -20.15
O4 PO4 X . 13.76 -13.34 -17.90
P PO4 Y . -22.16 20.64 -30.74
O1 PO4 Y . -21.53 19.90 -29.57
O2 PO4 Y . -23.50 20.03 -31.09
O3 PO4 Y . -21.22 20.61 -31.93
O4 PO4 Y . -22.36 22.06 -30.32
P PO4 Z . 10.62 -32.27 2.20
O1 PO4 Z . 11.15 -32.94 3.45
O2 PO4 Z . 9.11 -32.35 2.22
O3 PO4 Z . 11.16 -33.01 1.00
O4 PO4 Z . 11.10 -30.85 2.14
P PO4 AA . -13.75 7.18 -28.31
O1 PO4 AA . -13.81 5.93 -29.17
O2 PO4 AA . -14.10 6.78 -26.91
O3 PO4 AA . -12.37 7.78 -28.42
O4 PO4 AA . -14.71 8.23 -28.83
PA NAD BA . 8.82 21.95 3.97
O1A NAD BA . 9.12 23.07 4.90
O2A NAD BA . 7.37 21.51 3.90
O5B NAD BA . 9.70 20.62 4.42
C5B NAD BA . 11.10 20.67 4.75
C4B NAD BA . 11.22 19.86 6.01
O4B NAD BA . 12.61 19.64 6.33
C3B NAD BA . 10.59 20.49 7.26
O3B NAD BA . 9.55 19.67 7.77
C2B NAD BA . 11.75 20.63 8.25
O2B NAD BA . 11.34 20.34 9.57
C1B NAD BA . 12.70 19.54 7.73
N9A NAD BA . 14.09 19.68 8.12
C8A NAD BA . 14.82 20.84 8.15
N7A NAD BA . 16.05 20.68 8.57
C5A NAD BA . 16.14 19.33 8.83
C6A NAD BA . 17.19 18.51 9.30
N6A NAD BA . 18.41 18.98 9.61
N1A NAD BA . 16.96 17.19 9.44
C2A NAD BA . 15.76 16.72 9.11
N3A NAD BA . 14.68 17.37 8.66
C4A NAD BA . 14.94 18.69 8.55
O3 NAD BA . 9.37 22.27 2.51
PN NAD BA . 9.05 21.49 1.15
O1N NAD BA . 7.93 22.19 0.46
O2N NAD BA . 8.92 20.06 1.52
O5D NAD BA . 10.36 21.71 0.28
C5D NAD BA . 11.65 21.19 0.67
C4D NAD BA . 12.66 21.60 -0.37
O4D NAD BA . 12.32 20.99 -1.63
C3D NAD BA . 12.74 23.11 -0.65
O3D NAD BA . 14.05 23.46 -1.11
C2D NAD BA . 11.76 23.25 -1.83
O2D NAD BA . 11.96 24.44 -2.60
C1D NAD BA . 12.18 22.00 -2.60
N1N NAD BA . 11.20 21.54 -3.60
C2N NAD BA . 11.66 20.68 -4.53
C3N NAD BA . 10.80 20.17 -5.48
C7N NAD BA . 11.30 19.25 -6.58
O7N NAD BA . 10.60 19.04 -7.55
N7N NAD BA . 12.56 18.79 -6.50
C4N NAD BA . 9.46 20.53 -5.43
C5N NAD BA . 9.01 21.43 -4.46
C6N NAD BA . 9.91 21.93 -3.54
N9 ADE CA . 9.38 21.44 -10.76
C8 ADE CA . 9.29 20.07 -10.61
N7 ADE CA . 9.05 19.43 -11.74
C5 ADE CA . 9.00 20.44 -12.70
C6 ADE CA . 8.77 20.44 -14.09
N6 ADE CA . 8.56 19.32 -14.81
N1 ADE CA . 8.76 21.63 -14.73
C2 ADE CA . 8.98 22.75 -14.02
N3 ADE CA . 9.22 22.89 -12.72
C4 ADE CA . 9.19 21.70 -12.10
S DMS DA . 1.16 46.20 5.26
O DMS DA . 1.89 45.56 4.10
C1 DMS DA . 2.29 47.31 6.15
C2 DMS DA . 0.83 44.94 6.53
K K EA . 8.04 15.82 -16.77
P PO4 FA . 31.56 1.64 5.56
O1 PO4 FA . 30.45 1.02 6.39
O2 PO4 FA . 32.78 0.76 5.63
O3 PO4 FA . 31.85 3.00 6.17
O4 PO4 FA . 31.20 1.79 4.13
P PO4 GA . 0.41 23.88 -30.16
O1 PO4 GA . -0.80 22.99 -30.01
O2 PO4 GA . 0.95 23.69 -31.56
O3 PO4 GA . 1.54 23.50 -29.20
O4 PO4 GA . 0.03 25.32 -29.91
P PO4 HA . 8.49 23.21 -8.13
O1 PO4 HA . 8.55 21.72 -7.91
O2 PO4 HA . 8.46 23.89 -6.79
O3 PO4 HA . 7.20 23.46 -8.91
O4 PO4 HA . 9.71 23.63 -8.93
P PO4 IA . -16.22 29.77 4.51
O1 PO4 IA . -16.16 28.44 3.83
O2 PO4 IA . -17.67 30.20 4.64
O3 PO4 IA . -15.57 29.71 5.87
O4 PO4 IA . -15.51 30.79 3.64
#